data_3DXB
#
_entry.id   3DXB
#
_cell.length_a   75.120
_cell.length_b   89.430
_cell.length_c   299.390
_cell.angle_alpha   90.00
_cell.angle_beta   90.00
_cell.angle_gamma   90.00
#
_symmetry.space_group_name_H-M   'P 21 21 21'
#
loop_
_entity.id
_entity.type
_entity.pdbx_description
1 polymer 'thioredoxin N-terminally fused to Puf60(UHM)'
2 non-polymer 'CHLORIDE ION'
3 non-polymer 1,2-ETHANEDIOL
4 water water
#
_entity_poly.entity_id   1
_entity_poly.type   'polypeptide(L)'
_entity_poly.pdbx_seq_one_letter_code
;MKHHHHHHPMSDKIIHLTDDSFDTDVLKADGAILVDFWAEWCGPCKMIAPILDEIADEYQGKLTVAKLNIDQNPGTAPKY
GIRGIPTLLLFKNGEVAATKVGALSKGQLKEFLDANLAGSAMESTVMVLRNMVDPKDIDDDLEGEVTEECGKFGAVNRVI
IYQEKQGEEEDAEIIVKIFVEFSIASETHKAIQALNGRWFAGRKVVAEVYDQERFDNSDLSA
;
_entity_poly.pdbx_strand_id   A,B,C,D,E,F,G,H
#
loop_
_chem_comp.id
_chem_comp.type
_chem_comp.name
_chem_comp.formula
CL non-polymer 'CHLORIDE ION' 'Cl -1'
EDO non-polymer 1,2-ETHANEDIOL 'C2 H6 O2'
#
# COMPACT_ATOMS: atom_id res chain seq x y z
N PRO A 9 19.30 -26.44 -15.42
CA PRO A 9 18.80 -27.04 -16.65
C PRO A 9 17.95 -28.33 -16.50
N MET A 10 16.73 -28.21 -15.98
CA MET A 10 16.50 -27.46 -14.76
C MET A 10 16.80 -28.31 -13.53
N SER A 11 17.96 -28.05 -12.93
CA SER A 11 18.35 -28.73 -11.71
C SER A 11 18.32 -27.76 -10.54
N ASP A 12 19.00 -28.11 -9.46
CA ASP A 12 18.95 -27.36 -8.21
C ASP A 12 19.92 -26.17 -8.22
N LYS A 13 19.37 -24.96 -8.12
CA LYS A 13 20.16 -23.73 -8.14
C LYS A 13 20.52 -23.19 -6.75
N ILE A 14 20.11 -23.94 -5.73
CA ILE A 14 20.39 -23.55 -4.35
C ILE A 14 21.74 -24.11 -3.90
N ILE A 15 22.51 -23.29 -3.20
CA ILE A 15 23.76 -23.74 -2.59
C ILE A 15 23.49 -24.30 -1.21
N HIS A 16 23.84 -25.56 -1.03
CA HIS A 16 23.58 -26.26 0.22
C HIS A 16 24.82 -26.19 1.10
N LEU A 17 24.70 -25.38 2.16
CA LEU A 17 25.83 -25.01 3.00
C LEU A 17 26.13 -26.01 4.11
N THR A 18 27.37 -25.97 4.57
CA THR A 18 27.78 -26.63 5.81
C THR A 18 28.50 -25.57 6.64
N ASP A 19 28.85 -25.91 7.89
CA ASP A 19 29.68 -25.01 8.72
C ASP A 19 31.05 -24.79 8.08
N ASP A 20 31.64 -25.87 7.56
CA ASP A 20 32.96 -25.83 6.92
C ASP A 20 32.96 -25.09 5.58
N SER A 21 31.82 -25.09 4.88
CA SER A 21 31.75 -24.49 3.54
C SER A 21 31.29 -23.04 3.53
N PHE A 22 30.81 -22.57 4.69
CA PHE A 22 30.15 -21.27 4.80
C PHE A 22 31.00 -20.06 4.37
N ASP A 23 32.27 -20.03 4.77
CA ASP A 23 33.15 -18.91 4.47
C ASP A 23 33.31 -18.71 2.96
N THR A 24 33.72 -19.78 2.27
CA THR A 24 33.90 -19.76 0.82
C THR A 24 32.60 -19.50 0.07
N ASP A 25 31.53 -20.18 0.49
CA ASP A 25 30.27 -20.16 -0.23
C ASP A 25 29.48 -18.85 -0.08
N VAL A 26 29.63 -18.20 1.06
CA VAL A 26 28.83 -17.01 1.36
C VAL A 26 29.69 -15.74 1.45
N LEU A 27 30.72 -15.78 2.29
CA LEU A 27 31.50 -14.58 2.61
C LEU A 27 32.50 -14.19 1.53
N LYS A 28 33.02 -15.18 0.81
CA LYS A 28 33.93 -14.92 -0.31
C LYS A 28 33.26 -15.18 -1.65
N ALA A 29 31.95 -14.96 -1.69
CA ALA A 29 31.15 -15.26 -2.88
C ALA A 29 30.98 -14.06 -3.80
N ASP A 30 30.78 -14.34 -5.08
CA ASP A 30 30.46 -13.33 -6.09
C ASP A 30 28.97 -13.01 -6.06
N GLY A 31 28.65 -11.72 -5.98
CA GLY A 31 27.26 -11.26 -6.02
C GLY A 31 26.46 -11.57 -4.75
N ALA A 32 25.23 -11.05 -4.71
CA ALA A 32 24.36 -11.18 -3.54
C ALA A 32 23.95 -12.63 -3.26
N ILE A 33 24.05 -13.02 -1.99
CA ILE A 33 23.68 -14.36 -1.56
C ILE A 33 22.63 -14.29 -0.45
N LEU A 34 21.52 -14.98 -0.65
CA LEU A 34 20.46 -15.05 0.35
C LEU A 34 20.57 -16.36 1.12
N VAL A 35 20.90 -16.26 2.40
CA VAL A 35 21.11 -17.42 3.26
C VAL A 35 19.86 -17.71 4.08
N ASP A 36 19.39 -18.96 4.00
CA ASP A 36 18.23 -19.43 4.73
C ASP A 36 18.69 -20.36 5.85
N PHE A 37 18.47 -19.93 7.08
CA PHE A 37 18.75 -20.75 8.26
C PHE A 37 17.48 -21.53 8.61
N TRP A 38 17.59 -22.85 8.58
CA TRP A 38 16.41 -23.73 8.65
C TRP A 38 16.64 -25.05 9.40
N ALA A 39 15.56 -25.82 9.56
CA ALA A 39 15.60 -27.18 10.11
C ALA A 39 14.42 -27.99 9.58
N GLU A 40 14.54 -29.31 9.57
CA GLU A 40 13.49 -30.18 9.02
C GLU A 40 12.19 -30.15 9.85
N TRP A 41 12.33 -29.97 11.16
CA TRP A 41 11.18 -29.87 12.07
C TRP A 41 10.48 -28.52 11.99
N CYS A 42 11.11 -27.59 11.30
CA CYS A 42 10.62 -26.23 11.19
C CYS A 42 9.54 -26.12 10.11
N GLY A 43 8.30 -25.93 10.56
CA GLY A 43 7.14 -25.80 9.68
C GLY A 43 7.20 -24.61 8.71
N PRO A 44 7.40 -23.39 9.24
CA PRO A 44 7.52 -22.21 8.38
C PRO A 44 8.74 -22.24 7.43
N CYS A 45 9.73 -23.06 7.72
CA CYS A 45 10.88 -23.24 6.83
C CYS A 45 10.45 -23.98 5.55
N LYS A 46 9.56 -24.96 5.72
CA LYS A 46 9.03 -25.73 4.58
C LYS A 46 8.03 -24.89 3.79
N MET A 47 7.32 -23.99 4.47
CA MET A 47 6.51 -22.97 3.82
C MET A 47 7.29 -22.29 2.70
N ILE A 48 8.44 -21.70 3.05
CA ILE A 48 9.22 -20.88 2.12
C ILE A 48 10.15 -21.69 1.21
N ALA A 49 10.28 -22.99 1.48
CA ALA A 49 11.14 -23.84 0.67
C ALA A 49 10.87 -23.76 -0.85
N PRO A 50 9.60 -23.95 -1.29
CA PRO A 50 9.31 -23.85 -2.73
C PRO A 50 9.41 -22.42 -3.27
N ILE A 51 9.13 -21.43 -2.42
CA ILE A 51 9.29 -20.01 -2.76
C ILE A 51 10.76 -19.70 -3.08
N LEU A 52 11.64 -20.22 -2.24
CA LEU A 52 13.10 -20.08 -2.44
C LEU A 52 13.59 -20.68 -3.75
N ASP A 53 12.97 -21.79 -4.18
CA ASP A 53 13.27 -22.42 -5.46
C ASP A 53 12.92 -21.52 -6.65
N GLU A 54 11.74 -20.91 -6.60
CA GLU A 54 11.29 -19.98 -7.62
C GLU A 54 12.20 -18.76 -7.69
N ILE A 55 12.45 -18.16 -6.52
CA ILE A 55 13.34 -17.01 -6.39
C ILE A 55 14.75 -17.33 -6.93
N ALA A 56 15.22 -18.55 -6.64
CA ALA A 56 16.52 -19.02 -7.13
C ALA A 56 16.59 -19.08 -8.66
N ASP A 57 15.47 -19.43 -9.28
CA ASP A 57 15.38 -19.50 -10.73
C ASP A 57 15.14 -18.13 -11.36
N GLU A 58 14.33 -17.31 -10.69
CA GLU A 58 13.90 -16.02 -11.25
C GLU A 58 14.87 -14.87 -10.98
N TYR A 59 15.77 -15.07 -10.01
CA TYR A 59 16.82 -14.10 -9.73
C TYR A 59 18.19 -14.63 -10.14
N GLN A 60 18.19 -15.60 -11.06
CA GLN A 60 19.40 -16.08 -11.70
C GLN A 60 20.18 -14.91 -12.29
N GLY A 61 21.45 -14.79 -11.88
CA GLY A 61 22.32 -13.74 -12.38
C GLY A 61 22.50 -12.57 -11.42
N LYS A 62 21.53 -12.35 -10.54
CA LYS A 62 21.60 -11.25 -9.58
C LYS A 62 21.56 -11.69 -8.12
N LEU A 63 21.25 -12.97 -7.90
CA LEU A 63 21.13 -13.52 -6.56
C LEU A 63 21.37 -15.03 -6.57
N THR A 64 22.13 -15.51 -5.59
CA THR A 64 22.22 -16.94 -5.33
C THR A 64 21.53 -17.25 -4.00
N VAL A 65 20.70 -18.29 -3.99
CA VAL A 65 20.05 -18.74 -2.77
C VAL A 65 20.85 -19.87 -2.14
N ALA A 66 21.09 -19.77 -0.84
CA ALA A 66 21.83 -20.77 -0.09
C ALA A 66 21.09 -21.18 1.17
N LYS A 67 21.23 -22.44 1.56
CA LYS A 67 20.56 -22.95 2.76
C LYS A 67 21.53 -23.61 3.73
N LEU A 68 21.37 -23.30 5.01
CA LEU A 68 22.13 -23.96 6.06
C LEU A 68 21.19 -24.56 7.11
N ASN A 69 21.24 -25.88 7.21
CA ASN A 69 20.48 -26.63 8.21
C ASN A 69 21.16 -26.51 9.57
N ILE A 70 20.51 -25.81 10.50
CA ILE A 70 21.11 -25.51 11.82
C ILE A 70 21.22 -26.71 12.77
N ASP A 71 20.48 -27.78 12.50
CA ASP A 71 20.62 -29.03 13.24
C ASP A 71 21.91 -29.75 12.87
N GLN A 72 22.16 -29.84 11.57
CA GLN A 72 23.33 -30.56 11.05
C GLN A 72 24.58 -29.69 11.09
N ASN A 73 24.38 -28.37 11.07
CA ASN A 73 25.46 -27.40 11.11
C ASN A 73 25.20 -26.32 12.17
N PRO A 74 25.46 -26.65 13.46
CA PRO A 74 25.04 -25.80 14.57
C PRO A 74 26.00 -24.66 14.92
N GLY A 75 27.17 -24.63 14.28
CA GLY A 75 28.18 -23.62 14.57
C GLY A 75 27.93 -22.23 14.03
N THR A 76 27.37 -22.14 12.82
CA THR A 76 27.25 -20.86 12.12
C THR A 76 26.20 -19.90 12.70
N ALA A 77 24.98 -20.40 12.89
CA ALA A 77 23.85 -19.56 13.31
C ALA A 77 24.08 -18.64 14.53
N PRO A 78 24.64 -19.18 15.64
CA PRO A 78 24.86 -18.34 16.84
C PRO A 78 25.80 -17.15 16.62
N LYS A 79 26.69 -17.26 15.63
CA LYS A 79 27.65 -16.20 15.30
C LYS A 79 26.96 -14.99 14.68
N TYR A 80 25.78 -15.20 14.11
CA TYR A 80 25.05 -14.13 13.43
C TYR A 80 23.79 -13.72 14.19
N GLY A 81 23.67 -14.19 15.43
CA GLY A 81 22.53 -13.84 16.28
C GLY A 81 21.21 -14.37 15.78
N ILE A 82 21.25 -15.56 15.17
CA ILE A 82 20.04 -16.23 14.71
C ILE A 82 19.27 -16.69 15.93
N ARG A 83 17.98 -16.38 15.95
CA ARG A 83 17.12 -16.75 17.07
C ARG A 83 16.08 -17.74 16.56
N GLY A 84 15.00 -17.21 16.00
CA GLY A 84 13.96 -18.04 15.41
C GLY A 84 14.32 -18.46 14.01
N ILE A 85 13.69 -19.54 13.54
CA ILE A 85 13.85 -19.99 12.15
C ILE A 85 12.49 -20.13 11.46
N PRO A 86 12.44 -19.86 10.13
CA PRO A 86 13.58 -19.46 9.31
C PRO A 86 13.98 -17.99 9.46
N THR A 87 15.26 -17.72 9.21
CA THR A 87 15.78 -16.37 9.11
C THR A 87 16.54 -16.28 7.79
N LEU A 88 16.31 -15.19 7.07
CA LEU A 88 17.04 -14.93 5.85
C LEU A 88 18.05 -13.83 6.11
N LEU A 89 19.32 -14.13 5.87
CA LEU A 89 20.36 -13.11 5.86
C LEU A 89 20.79 -12.85 4.42
N LEU A 90 20.78 -11.58 4.03
CA LEU A 90 21.23 -11.19 2.71
C LEU A 90 22.66 -10.68 2.78
N PHE A 91 23.57 -11.37 2.09
CA PHE A 91 24.97 -11.00 2.05
C PHE A 91 25.34 -10.37 0.72
N LYS A 92 26.18 -9.34 0.79
CA LYS A 92 26.72 -8.69 -0.39
C LYS A 92 28.20 -8.36 -0.13
N ASN A 93 29.09 -9.07 -0.81
CA ASN A 93 30.53 -8.89 -0.67
C ASN A 93 31.06 -9.11 0.75
N GLY A 94 30.63 -10.22 1.36
CA GLY A 94 31.05 -10.58 2.71
C GLY A 94 30.38 -9.77 3.81
N GLU A 95 29.43 -8.92 3.41
CA GLU A 95 28.70 -8.07 4.35
C GLU A 95 27.23 -8.48 4.45
N VAL A 96 26.71 -8.54 5.67
CA VAL A 96 25.27 -8.67 5.90
C VAL A 96 24.60 -7.35 5.49
N ALA A 97 23.82 -7.41 4.41
CA ALA A 97 23.19 -6.21 3.84
C ALA A 97 21.76 -6.03 4.33
N ALA A 98 21.08 -7.13 4.65
CA ALA A 98 19.69 -7.11 5.09
C ALA A 98 19.32 -8.39 5.81
N THR A 99 18.26 -8.35 6.62
CA THR A 99 17.75 -9.54 7.28
C THR A 99 16.22 -9.63 7.19
N LYS A 100 15.72 -10.86 7.12
CA LYS A 100 14.29 -11.11 7.21
C LYS A 100 14.00 -12.33 8.08
N VAL A 101 13.23 -12.11 9.13
CA VAL A 101 12.93 -13.13 10.13
C VAL A 101 11.53 -13.72 9.87
N GLY A 102 11.44 -15.05 9.80
CA GLY A 102 10.15 -15.74 9.65
C GLY A 102 9.70 -15.95 8.22
N ALA A 103 8.58 -16.65 8.07
CA ALA A 103 8.02 -16.96 6.74
C ALA A 103 7.37 -15.73 6.12
N LEU A 104 7.25 -15.75 4.79
CA LEU A 104 6.64 -14.67 4.04
C LEU A 104 6.28 -15.13 2.63
N SER A 105 5.32 -14.45 2.03
CA SER A 105 4.83 -14.80 0.69
C SER A 105 5.90 -14.55 -0.37
N LYS A 106 5.66 -15.05 -1.58
CA LYS A 106 6.54 -14.82 -2.72
C LYS A 106 6.64 -13.33 -3.03
N GLY A 107 5.51 -12.63 -2.91
CA GLY A 107 5.44 -11.19 -3.13
C GLY A 107 6.22 -10.38 -2.11
N GLN A 108 6.11 -10.78 -0.85
CA GLN A 108 6.82 -10.14 0.26
C GLN A 108 8.33 -10.33 0.16
N LEU A 109 8.75 -11.50 -0.33
CA LEU A 109 10.17 -11.79 -0.52
C LEU A 109 10.76 -10.99 -1.68
N LYS A 110 10.01 -10.90 -2.78
CA LYS A 110 10.39 -10.07 -3.92
C LYS A 110 10.52 -8.62 -3.52
N GLU A 111 9.53 -8.11 -2.76
CA GLU A 111 9.56 -6.74 -2.23
C GLU A 111 10.79 -6.49 -1.36
N PHE A 112 11.14 -7.47 -0.53
CA PHE A 112 12.33 -7.41 0.31
C PHE A 112 13.61 -7.45 -0.52
N LEU A 113 13.61 -8.31 -1.53
CA LEU A 113 14.74 -8.46 -2.44
C LEU A 113 14.94 -7.23 -3.33
N ASP A 114 13.85 -6.75 -3.92
CA ASP A 114 13.90 -5.57 -4.80
C ASP A 114 14.44 -4.34 -4.08
N ALA A 115 14.09 -4.21 -2.80
CA ALA A 115 14.49 -3.07 -1.99
C ALA A 115 15.93 -3.14 -1.50
N ASN A 116 16.51 -4.34 -1.52
CA ASN A 116 17.84 -4.59 -0.95
C ASN A 116 18.92 -5.02 -1.95
N LEU A 117 18.51 -5.15 -3.21
CA LEU A 117 19.45 -5.37 -4.31
C LEU A 117 19.61 -4.07 -5.08
N ALA A 118 20.79 -3.83 -5.64
CA ALA A 118 21.09 -2.60 -6.36
C ALA A 118 20.16 -2.38 -7.56
N GLY A 119 19.42 -1.27 -7.53
CA GLY A 119 18.51 -0.90 -8.61
C GLY A 119 19.08 0.22 -9.45
N SER A 120 18.60 0.33 -10.70
CA SER A 120 19.08 1.33 -11.66
C SER A 120 20.60 1.28 -11.87
N ALA A 121 21.12 0.08 -12.09
CA ALA A 121 22.55 -0.14 -12.31
C ALA A 121 23.06 0.77 -13.42
N MET A 122 24.26 1.31 -13.22
CA MET A 122 24.77 2.35 -14.09
C MET A 122 26.27 2.53 -13.94
N GLU A 123 26.95 2.75 -15.05
CA GLU A 123 28.36 3.09 -15.04
C GLU A 123 28.52 4.55 -14.60
N SER A 124 29.25 4.75 -13.51
CA SER A 124 29.36 6.04 -12.85
C SER A 124 30.39 6.95 -13.51
N THR A 125 30.14 8.26 -13.41
CA THR A 125 31.12 9.28 -13.80
C THR A 125 32.15 9.49 -12.71
N VAL A 126 31.89 8.92 -11.53
CA VAL A 126 32.70 9.11 -10.34
C VAL A 126 33.70 7.97 -10.16
N MET A 127 34.97 8.34 -10.05
CA MET A 127 36.05 7.43 -9.70
C MET A 127 36.46 7.69 -8.25
N VAL A 128 36.76 6.62 -7.52
CA VAL A 128 37.33 6.76 -6.18
C VAL A 128 38.73 6.15 -6.14
N LEU A 129 39.69 6.98 -5.74
CA LEU A 129 41.07 6.54 -5.58
C LEU A 129 41.32 6.23 -4.11
N ARG A 130 41.73 5.00 -3.85
CA ARG A 130 41.97 4.52 -2.48
C ARG A 130 43.44 4.17 -2.31
N ASN A 131 43.93 4.24 -1.06
CA ASN A 131 45.30 3.88 -0.70
C ASN A 131 46.35 4.66 -1.51
N MET A 132 46.17 5.97 -1.60
CA MET A 132 47.03 6.81 -2.43
C MET A 132 47.75 7.87 -1.62
N VAL A 133 47.03 8.46 -0.67
CA VAL A 133 47.52 9.60 0.10
C VAL A 133 47.22 9.37 1.58
N ASP A 134 48.23 9.56 2.42
CA ASP A 134 48.01 9.60 3.88
C ASP A 134 47.49 10.97 4.29
N PRO A 135 46.59 11.01 5.30
CA PRO A 135 45.97 12.27 5.71
C PRO A 135 46.97 13.39 5.95
N LYS A 136 48.14 13.04 6.47
CA LYS A 136 49.22 13.99 6.71
C LYS A 136 49.82 14.56 5.43
N ASP A 137 49.77 13.77 4.34
CA ASP A 137 50.32 14.16 3.05
C ASP A 137 49.47 15.22 2.34
N ILE A 138 48.20 15.31 2.71
CA ILE A 138 47.28 16.28 2.13
C ILE A 138 47.78 17.71 2.34
N ASP A 139 47.82 18.48 1.25
CA ASP A 139 48.06 19.93 1.35
C ASP A 139 47.16 20.68 0.37
N ASP A 140 47.37 22.00 0.28
CA ASP A 140 46.58 22.86 -0.59
C ASP A 140 46.74 22.56 -2.07
N ASP A 141 47.82 21.86 -2.43
CA ASP A 141 48.14 21.57 -3.82
C ASP A 141 47.53 20.27 -4.36
N LEU A 142 47.11 19.39 -3.46
CA LEU A 142 46.70 18.02 -3.81
C LEU A 142 45.48 17.92 -4.73
N GLU A 143 44.42 18.65 -4.40
CA GLU A 143 43.21 18.68 -5.22
C GLU A 143 43.56 19.11 -6.65
N GLY A 144 44.30 20.22 -6.78
CA GLY A 144 44.73 20.75 -8.07
C GLY A 144 45.60 19.80 -8.86
N GLU A 145 46.49 19.10 -8.17
CA GLU A 145 47.37 18.12 -8.80
C GLU A 145 46.60 16.93 -9.36
N VAL A 146 45.60 16.47 -8.59
CA VAL A 146 44.74 15.35 -9.01
C VAL A 146 43.89 15.70 -10.23
N THR A 147 43.23 16.86 -10.19
CA THR A 147 42.42 17.30 -11.34
C THR A 147 43.25 17.48 -12.60
N GLU A 148 44.48 17.97 -12.42
CA GLU A 148 45.41 18.19 -13.53
C GLU A 148 45.84 16.86 -14.15
N GLU A 149 46.19 15.91 -13.30
CA GLU A 149 46.65 14.59 -13.75
C GLU A 149 45.53 13.71 -14.31
N CYS A 150 44.33 13.84 -13.75
CA CYS A 150 43.18 13.08 -14.22
C CYS A 150 42.56 13.70 -15.47
N GLY A 151 42.94 14.94 -15.76
CA GLY A 151 42.46 15.67 -16.94
C GLY A 151 42.96 15.11 -18.26
N LYS A 152 43.90 14.18 -18.19
CA LYS A 152 44.41 13.50 -19.37
C LYS A 152 43.56 12.29 -19.79
N PHE A 153 42.54 11.98 -19.00
CA PHE A 153 41.59 10.94 -19.32
C PHE A 153 40.25 11.52 -19.80
N GLY A 154 40.05 12.81 -19.53
CA GLY A 154 38.83 13.52 -19.92
C GLY A 154 38.59 14.74 -19.07
N ALA A 155 37.41 15.35 -19.23
CA ALA A 155 37.05 16.55 -18.48
C ALA A 155 36.69 16.22 -17.02
N VAL A 156 37.41 16.84 -16.10
CA VAL A 156 37.21 16.65 -14.66
C VAL A 156 36.27 17.72 -14.09
N ASN A 157 35.15 17.26 -13.53
CA ASN A 157 34.13 18.16 -12.94
C ASN A 157 34.52 18.69 -11.58
N ARG A 158 34.78 17.76 -10.66
CA ARG A 158 35.08 18.06 -9.27
C ARG A 158 36.03 17.00 -8.73
N VAL A 159 36.91 17.40 -7.84
CA VAL A 159 37.77 16.48 -7.11
C VAL A 159 37.53 16.68 -5.62
N ILE A 160 37.28 15.59 -4.91
CA ILE A 160 37.07 15.65 -3.46
C ILE A 160 38.12 14.85 -2.70
N ILE A 161 38.83 15.53 -1.80
CA ILE A 161 39.75 14.89 -0.88
C ILE A 161 38.98 14.61 0.42
N TYR A 162 38.68 13.33 0.64
CA TYR A 162 37.80 12.92 1.72
C TYR A 162 38.55 12.11 2.76
N GLN A 163 38.44 12.54 4.02
CA GLN A 163 39.07 11.84 5.12
C GLN A 163 38.01 11.08 5.92
N GLU A 164 38.26 9.80 6.16
CA GLU A 164 37.27 8.94 6.81
C GLU A 164 37.85 8.21 8.03
N LYS A 165 37.22 8.44 9.18
CA LYS A 165 37.62 7.76 10.41
C LYS A 165 37.11 6.31 10.38
N GLN A 166 38.04 5.38 10.53
CA GLN A 166 37.76 3.94 10.36
C GLN A 166 37.35 3.24 11.66
N GLY A 167 36.64 3.96 12.52
CA GLY A 167 36.21 3.43 13.80
C GLY A 167 35.66 4.52 14.69
N GLU A 168 35.05 4.11 15.80
CA GLU A 168 34.48 5.04 16.75
C GLU A 168 35.45 5.33 17.89
N GLU A 169 36.40 4.42 18.12
CA GLU A 169 37.44 4.63 19.13
C GLU A 169 38.23 5.91 18.86
N GLU A 170 38.61 6.61 19.93
CA GLU A 170 39.19 7.95 19.84
C GLU A 170 40.34 8.11 18.83
N ASP A 171 41.26 7.16 18.82
CA ASP A 171 42.39 7.24 17.89
C ASP A 171 42.32 6.23 16.75
N ALA A 172 41.10 6.01 16.25
CA ALA A 172 40.88 5.19 15.07
C ALA A 172 41.59 5.82 13.87
N GLU A 173 42.13 4.98 13.00
CA GLU A 173 42.84 5.43 11.82
C GLU A 173 41.92 6.21 10.88
N ILE A 174 42.43 7.33 10.38
CA ILE A 174 41.76 8.10 9.33
C ILE A 174 42.44 7.78 8.01
N ILE A 175 41.64 7.40 7.01
CA ILE A 175 42.15 7.17 5.65
C ILE A 175 41.63 8.23 4.68
N VAL A 176 42.23 8.29 3.51
CA VAL A 176 41.85 9.25 2.49
C VAL A 176 41.25 8.53 1.27
N LYS A 177 40.07 8.98 0.86
CA LYS A 177 39.48 8.59 -0.41
C LYS A 177 39.49 9.81 -1.31
N ILE A 178 40.04 9.66 -2.51
CA ILE A 178 40.03 10.74 -3.48
C ILE A 178 38.99 10.49 -4.56
N PHE A 179 37.98 11.35 -4.59
CA PHE A 179 36.90 11.25 -5.57
C PHE A 179 37.18 12.14 -6.77
N VAL A 180 37.06 11.56 -7.96
CA VAL A 180 37.19 12.32 -9.19
C VAL A 180 35.93 12.09 -10.04
N GLU A 181 35.13 13.13 -10.18
CA GLU A 181 33.94 13.09 -11.02
C GLU A 181 34.31 13.59 -12.41
N PHE A 182 34.11 12.74 -13.41
CA PHE A 182 34.32 13.13 -14.79
C PHE A 182 33.02 13.64 -15.40
N SER A 183 33.07 14.23 -16.59
CA SER A 183 31.88 14.78 -17.22
C SER A 183 30.95 13.69 -17.73
N ILE A 184 31.54 12.55 -18.12
CA ILE A 184 30.79 11.44 -18.68
C ILE A 184 31.51 10.12 -18.36
N ALA A 185 30.75 9.04 -18.25
CA ALA A 185 31.22 7.75 -17.76
C ALA A 185 32.34 7.12 -18.57
N SER A 186 32.37 7.40 -19.87
CA SER A 186 33.44 6.94 -20.77
C SER A 186 34.83 7.41 -20.33
N GLU A 187 34.89 8.63 -19.80
CA GLU A 187 36.14 9.21 -19.30
C GLU A 187 36.58 8.54 -18.00
N THR A 188 35.61 8.31 -17.10
CA THR A 188 35.85 7.63 -15.83
C THR A 188 36.38 6.23 -16.04
N HIS A 189 35.87 5.56 -17.06
CA HIS A 189 36.26 4.19 -17.39
C HIS A 189 37.72 4.11 -17.84
N LYS A 190 38.14 5.06 -18.67
CA LYS A 190 39.53 5.15 -19.14
C LYS A 190 40.48 5.37 -17.97
N ALA A 191 40.14 6.35 -17.12
CA ALA A 191 40.92 6.68 -15.92
C ALA A 191 41.11 5.48 -15.01
N ILE A 192 40.01 4.79 -14.69
CA ILE A 192 40.05 3.61 -13.82
C ILE A 192 40.94 2.50 -14.39
N GLN A 193 40.76 2.19 -15.68
CA GLN A 193 41.58 1.18 -16.35
C GLN A 193 43.07 1.53 -16.36
N ALA A 194 43.37 2.82 -16.52
CA ALA A 194 44.76 3.28 -16.59
C ALA A 194 45.42 3.37 -15.21
N LEU A 195 44.63 3.65 -14.18
CA LEU A 195 45.17 3.94 -12.85
C LEU A 195 45.14 2.77 -11.86
N ASN A 196 44.16 1.88 -11.99
CA ASN A 196 43.99 0.78 -11.03
C ASN A 196 45.21 -0.14 -10.96
N GLY A 197 45.71 -0.36 -9.74
CA GLY A 197 46.85 -1.22 -9.51
C GLY A 197 48.20 -0.56 -9.76
N ARG A 198 48.17 0.70 -10.16
CA ARG A 198 49.39 1.46 -10.45
C ARG A 198 49.87 2.20 -9.21
N TRP A 199 51.17 2.49 -9.17
CA TRP A 199 51.81 3.05 -7.99
C TRP A 199 51.97 4.57 -8.09
N PHE A 200 51.40 5.30 -7.13
CA PHE A 200 51.49 6.76 -7.11
C PHE A 200 51.75 7.26 -5.70
N ALA A 201 52.99 7.66 -5.43
CA ALA A 201 54.15 6.83 -5.75
C ALA A 201 54.82 6.32 -4.48
N GLY A 202 54.97 5.00 -4.38
CA GLY A 202 55.21 4.35 -3.10
C GLY A 202 53.99 3.60 -2.59
N ARG A 203 52.82 4.07 -2.99
CA ARG A 203 51.57 3.41 -2.60
C ARG A 203 50.92 2.81 -3.84
N LYS A 204 50.46 1.56 -3.72
CA LYS A 204 49.67 0.95 -4.78
C LYS A 204 48.21 1.39 -4.67
N VAL A 205 47.73 2.05 -5.71
CA VAL A 205 46.43 2.73 -5.69
C VAL A 205 45.32 1.87 -6.30
N VAL A 206 44.21 1.79 -5.57
CA VAL A 206 42.98 1.19 -6.08
C VAL A 206 42.15 2.29 -6.75
N ALA A 207 41.94 2.16 -8.07
CA ALA A 207 41.03 3.04 -8.80
C ALA A 207 39.78 2.27 -9.16
N GLU A 208 38.62 2.87 -8.89
CA GLU A 208 37.37 2.14 -8.83
C GLU A 208 36.18 3.04 -9.09
N VAL A 209 35.10 2.48 -9.62
CA VAL A 209 33.84 3.21 -9.75
C VAL A 209 33.24 3.47 -8.37
N TYR A 210 32.63 4.64 -8.21
CA TYR A 210 31.89 4.95 -6.99
C TYR A 210 30.47 5.35 -7.35
N ASP A 211 29.49 4.80 -6.62
CA ASP A 211 28.07 5.02 -6.92
C ASP A 211 27.76 6.49 -7.14
N GLN A 212 27.19 6.78 -8.31
CA GLN A 212 26.93 8.15 -8.72
C GLN A 212 25.81 8.80 -7.91
N GLU A 213 24.77 8.03 -7.61
CA GLU A 213 23.67 8.54 -6.81
C GLU A 213 24.12 8.89 -5.38
N ARG A 214 24.95 8.03 -4.78
CA ARG A 214 25.56 8.31 -3.47
C ARG A 214 26.36 9.60 -3.50
N PHE A 215 27.22 9.74 -4.51
CA PHE A 215 28.06 10.92 -4.67
C PHE A 215 27.23 12.19 -4.87
N ASP A 216 26.21 12.10 -5.73
CA ASP A 216 25.32 13.23 -6.02
C ASP A 216 24.56 13.67 -4.77
N ASN A 217 24.46 12.77 -3.80
CA ASN A 217 23.73 13.01 -2.57
C ASN A 217 24.63 13.18 -1.35
N SER A 218 25.91 13.44 -1.60
CA SER A 218 26.89 13.76 -0.56
C SER A 218 27.12 12.61 0.43
N ASP A 219 26.96 11.38 -0.07
CA ASP A 219 27.29 10.17 0.69
C ASP A 219 28.60 9.62 0.15
N LEU A 220 29.67 9.82 0.91
CA LEU A 220 31.02 9.45 0.48
C LEU A 220 31.57 8.28 1.29
N SER A 221 30.66 7.55 1.93
CA SER A 221 31.01 6.52 2.91
C SER A 221 31.31 5.14 2.33
N ALA A 222 30.88 4.90 1.09
CA ALA A 222 30.95 3.55 0.51
C ALA A 222 32.37 3.16 0.06
N ASP B 12 10.06 -5.26 -36.03
CA ASP B 12 10.97 -4.12 -36.34
C ASP B 12 12.34 -4.30 -35.69
N LYS B 13 13.24 -3.35 -35.92
N LYS B 13 13.22 -3.33 -35.91
CA LYS B 13 14.60 -3.43 -35.39
CA LYS B 13 14.61 -3.43 -35.47
C LYS B 13 15.19 -2.10 -34.94
C LYS B 13 15.20 -2.10 -34.98
N ILE B 14 16.37 -2.18 -34.35
CA ILE B 14 17.04 -1.03 -33.76
C ILE B 14 18.02 -0.38 -34.74
N ILE B 15 17.95 0.94 -34.83
CA ILE B 15 18.91 1.74 -35.59
C ILE B 15 20.18 1.88 -34.74
N HIS B 16 21.33 1.64 -35.36
CA HIS B 16 22.58 2.05 -34.71
C HIS B 16 22.99 3.41 -35.26
N LEU B 17 23.04 4.39 -34.36
CA LEU B 17 23.28 5.78 -34.72
C LEU B 17 24.77 6.10 -34.79
N THR B 18 25.08 7.20 -35.49
CA THR B 18 26.38 7.86 -35.39
C THR B 18 26.14 9.31 -34.99
N ASP B 19 27.22 10.03 -34.68
CA ASP B 19 27.15 11.47 -34.41
C ASP B 19 26.67 12.24 -35.64
N ASP B 20 27.00 11.72 -36.82
CA ASP B 20 26.63 12.34 -38.09
C ASP B 20 25.19 12.05 -38.49
N SER B 21 24.69 10.86 -38.14
CA SER B 21 23.34 10.46 -38.51
C SER B 21 22.27 10.90 -37.49
N PHE B 22 22.72 11.31 -36.30
CA PHE B 22 21.83 11.62 -35.18
C PHE B 22 20.70 12.59 -35.54
N ASP B 23 21.07 13.76 -36.06
CA ASP B 23 20.10 14.80 -36.39
C ASP B 23 19.00 14.28 -37.30
N THR B 24 19.37 13.48 -38.30
CA THR B 24 18.43 12.95 -39.28
C THR B 24 17.67 11.72 -38.74
N ASP B 25 18.39 10.84 -38.06
CA ASP B 25 17.79 9.61 -37.53
C ASP B 25 16.97 9.83 -36.27
N VAL B 26 17.20 10.94 -35.57
CA VAL B 26 16.53 11.20 -34.31
C VAL B 26 15.68 12.48 -34.33
N LEU B 27 16.33 13.62 -34.54
CA LEU B 27 15.65 14.92 -34.45
C LEU B 27 14.71 15.21 -35.60
N LYS B 28 14.98 14.63 -36.76
CA LYS B 28 14.17 14.82 -37.95
C LYS B 28 13.37 13.57 -38.31
N ALA B 29 13.51 12.54 -37.49
CA ALA B 29 12.74 11.32 -37.65
C ALA B 29 11.25 11.59 -37.47
N ASP B 30 10.43 10.84 -38.19
CA ASP B 30 8.99 10.81 -37.96
C ASP B 30 8.67 9.74 -36.93
N GLY B 31 7.81 10.08 -35.98
CA GLY B 31 7.48 9.18 -34.88
C GLY B 31 8.49 9.24 -33.76
N ALA B 32 8.16 8.59 -32.65
CA ALA B 32 8.99 8.61 -31.44
C ALA B 32 10.24 7.75 -31.58
N ILE B 33 11.34 8.28 -31.06
CA ILE B 33 12.62 7.55 -31.04
C ILE B 33 13.10 7.41 -29.60
N LEU B 34 13.43 6.18 -29.20
CA LEU B 34 14.04 5.92 -27.91
C LEU B 34 15.54 5.67 -28.09
N VAL B 35 16.34 6.61 -27.60
CA VAL B 35 17.78 6.58 -27.82
C VAL B 35 18.50 6.02 -26.60
N ASP B 36 19.22 4.93 -26.82
CA ASP B 36 20.06 4.31 -25.80
C ASP B 36 21.52 4.77 -25.97
N PHE B 37 22.02 5.49 -24.97
CA PHE B 37 23.43 5.89 -24.94
C PHE B 37 24.22 4.82 -24.20
N TRP B 38 25.06 4.10 -24.92
CA TRP B 38 25.70 2.90 -24.39
C TRP B 38 27.17 2.78 -24.74
N ALA B 39 27.83 1.79 -24.14
CA ALA B 39 29.19 1.41 -24.47
C ALA B 39 29.36 -0.09 -24.22
N GLU B 40 30.34 -0.70 -24.90
CA GLU B 40 30.53 -2.15 -24.85
C GLU B 40 30.95 -2.67 -23.46
N TRP B 41 31.80 -1.91 -22.78
CA TRP B 41 32.29 -2.26 -21.45
C TRP B 41 31.24 -2.06 -20.35
N CYS B 42 30.06 -1.58 -20.73
CA CYS B 42 29.02 -1.19 -19.78
C CYS B 42 28.08 -2.35 -19.41
N GLY B 43 28.20 -2.81 -18.17
CA GLY B 43 27.43 -3.95 -17.65
C GLY B 43 25.92 -3.79 -17.68
N PRO B 44 25.39 -2.74 -17.02
CA PRO B 44 23.96 -2.42 -17.11
C PRO B 44 23.45 -2.17 -18.54
N CYS B 45 24.34 -1.73 -19.44
CA CYS B 45 23.99 -1.55 -20.86
C CYS B 45 23.72 -2.88 -21.55
N LYS B 46 24.58 -3.86 -21.30
CA LYS B 46 24.39 -5.23 -21.79
C LYS B 46 23.12 -5.86 -21.22
N MET B 47 22.76 -5.44 -20.01
CA MET B 47 21.60 -5.96 -19.29
C MET B 47 20.27 -5.55 -19.93
N ILE B 48 20.15 -4.29 -20.33
CA ILE B 48 18.92 -3.78 -20.93
C ILE B 48 18.80 -4.05 -22.43
N ALA B 49 19.90 -4.46 -23.05
CA ALA B 49 19.95 -4.72 -24.49
C ALA B 49 18.88 -5.70 -25.01
N PRO B 50 18.76 -6.91 -24.40
CA PRO B 50 17.70 -7.83 -24.85
C PRO B 50 16.29 -7.32 -24.54
N ILE B 51 16.15 -6.55 -23.46
CA ILE B 51 14.91 -5.86 -23.13
C ILE B 51 14.56 -4.87 -24.24
N LEU B 52 15.56 -4.13 -24.70
CA LEU B 52 15.39 -3.16 -25.79
C LEU B 52 14.96 -3.82 -27.09
N ASP B 53 15.46 -5.03 -27.35
CA ASP B 53 15.06 -5.82 -28.51
C ASP B 53 13.57 -6.12 -28.47
N GLU B 54 13.10 -6.62 -27.33
CA GLU B 54 11.69 -6.97 -27.13
C GLU B 54 10.78 -5.76 -27.28
N ILE B 55 11.24 -4.62 -26.75
CA ILE B 55 10.53 -3.33 -26.85
C ILE B 55 10.45 -2.86 -28.31
N ALA B 56 11.56 -2.98 -29.03
CA ALA B 56 11.62 -2.61 -30.45
C ALA B 56 10.64 -3.43 -31.30
N ASP B 57 10.49 -4.71 -30.95
CA ASP B 57 9.55 -5.60 -31.63
C ASP B 57 8.10 -5.28 -31.28
N GLU B 58 7.81 -5.18 -29.98
CA GLU B 58 6.44 -4.96 -29.51
C GLU B 58 5.85 -3.62 -29.91
N TYR B 59 6.70 -2.61 -30.10
CA TYR B 59 6.26 -1.23 -30.31
C TYR B 59 6.46 -0.70 -31.73
N GLN B 60 6.71 -1.61 -32.68
CA GLN B 60 6.90 -1.24 -34.07
C GLN B 60 5.79 -0.34 -34.62
N GLY B 61 6.16 0.57 -35.52
CA GLY B 61 5.21 1.49 -36.13
C GLY B 61 4.76 2.60 -35.21
N LYS B 62 5.05 2.44 -33.92
CA LYS B 62 4.78 3.45 -32.90
C LYS B 62 6.07 4.00 -32.30
N LEU B 63 7.09 3.17 -32.25
CA LEU B 63 8.35 3.51 -31.59
C LEU B 63 9.54 2.90 -32.32
N THR B 64 10.59 3.72 -32.50
CA THR B 64 11.86 3.25 -33.02
C THR B 64 12.90 3.31 -31.91
N VAL B 65 13.55 2.17 -31.68
CA VAL B 65 14.66 2.11 -30.73
C VAL B 65 15.95 2.37 -31.50
N ALA B 66 16.79 3.24 -30.94
CA ALA B 66 18.06 3.60 -31.57
C ALA B 66 19.18 3.60 -30.53
N LYS B 67 20.36 3.13 -30.94
CA LYS B 67 21.51 3.05 -30.03
C LYS B 67 22.65 3.93 -30.51
N LEU B 68 23.23 4.68 -29.57
CA LEU B 68 24.45 5.45 -29.85
C LEU B 68 25.58 5.03 -28.91
N ASN B 69 26.61 4.44 -29.50
CA ASN B 69 27.81 4.08 -28.77
C ASN B 69 28.64 5.35 -28.47
N ILE B 70 28.79 5.66 -27.19
CA ILE B 70 29.46 6.91 -26.76
C ILE B 70 30.99 6.88 -26.88
N ASP B 71 31.56 5.73 -27.17
CA ASP B 71 32.99 5.62 -27.47
C ASP B 71 33.27 5.85 -28.95
N GLN B 72 32.46 5.24 -29.81
CA GLN B 72 32.55 5.41 -31.26
C GLN B 72 32.06 6.80 -31.67
N ASN B 73 31.15 7.36 -30.86
CA ASN B 73 30.51 8.63 -31.15
C ASN B 73 30.46 9.53 -29.92
N PRO B 74 31.60 10.15 -29.57
CA PRO B 74 31.71 10.94 -28.33
C PRO B 74 31.05 12.32 -28.39
N GLY B 75 30.61 12.73 -29.58
CA GLY B 75 30.11 14.09 -29.79
C GLY B 75 28.72 14.43 -29.26
N THR B 76 27.78 13.52 -29.43
CA THR B 76 26.36 13.79 -29.16
C THR B 76 25.98 13.85 -27.67
N ALA B 77 26.41 12.84 -26.91
CA ALA B 77 25.94 12.69 -25.52
C ALA B 77 26.17 13.91 -24.60
N PRO B 78 27.36 14.52 -24.63
CA PRO B 78 27.57 15.72 -23.82
C PRO B 78 26.62 16.88 -24.13
N LYS B 79 26.08 16.91 -25.36
CA LYS B 79 25.12 17.93 -25.77
C LYS B 79 23.76 17.75 -25.10
N TYR B 80 23.51 16.55 -24.56
CA TYR B 80 22.26 16.26 -23.85
C TYR B 80 22.45 16.08 -22.34
N GLY B 81 23.67 16.32 -21.86
CA GLY B 81 23.98 16.23 -20.44
C GLY B 81 24.01 14.81 -19.91
N ILE B 82 24.40 13.88 -20.78
CA ILE B 82 24.57 12.49 -20.38
C ILE B 82 25.76 12.36 -19.45
N ARG B 83 25.57 11.60 -18.38
CA ARG B 83 26.62 11.34 -17.42
C ARG B 83 26.90 9.85 -17.36
N GLY B 84 26.08 9.13 -16.60
CA GLY B 84 26.17 7.68 -16.52
C GLY B 84 25.50 7.00 -17.70
N ILE B 85 25.89 5.75 -17.93
CA ILE B 85 25.28 4.92 -18.96
C ILE B 85 24.82 3.58 -18.37
N PRO B 86 23.70 3.03 -18.88
CA PRO B 86 22.91 3.56 -19.99
C PRO B 86 22.04 4.75 -19.59
N THR B 87 21.64 5.54 -20.58
CA THR B 87 20.67 6.61 -20.40
C THR B 87 19.74 6.64 -21.60
N LEU B 88 18.46 6.41 -21.35
CA LEU B 88 17.46 6.47 -22.39
C LEU B 88 16.91 7.88 -22.49
N LEU B 89 16.89 8.42 -23.70
CA LEU B 89 16.10 9.61 -23.99
C LEU B 89 15.01 9.28 -25.00
N LEU B 90 13.82 9.82 -24.76
CA LEU B 90 12.71 9.62 -25.69
C LEU B 90 12.46 10.91 -26.46
N PHE B 91 12.59 10.83 -27.78
CA PHE B 91 12.41 11.97 -28.67
C PHE B 91 11.10 11.88 -29.44
N LYS B 92 10.44 13.03 -29.63
CA LYS B 92 9.27 13.11 -30.48
C LYS B 92 9.17 14.49 -31.13
N ASN B 93 9.28 14.51 -32.46
CA ASN B 93 9.22 15.74 -33.25
C ASN B 93 10.27 16.78 -32.85
N GLY B 94 11.49 16.30 -32.60
CA GLY B 94 12.61 17.17 -32.24
C GLY B 94 12.65 17.59 -30.78
N GLU B 95 11.66 17.14 -30.00
CA GLU B 95 11.59 17.45 -28.58
C GLU B 95 11.97 16.23 -27.74
N VAL B 96 12.68 16.47 -26.63
CA VAL B 96 12.98 15.42 -25.66
C VAL B 96 11.77 15.29 -24.75
N ALA B 97 11.00 14.22 -24.94
CA ALA B 97 9.77 14.00 -24.18
C ALA B 97 10.05 13.52 -22.75
N ALA B 98 11.03 12.62 -22.61
CA ALA B 98 11.34 12.02 -21.32
C ALA B 98 12.74 11.41 -21.25
N THR B 99 13.27 11.31 -20.04
CA THR B 99 14.61 10.80 -19.79
C THR B 99 14.56 9.68 -18.74
N LYS B 100 15.40 8.67 -18.92
CA LYS B 100 15.53 7.57 -17.96
C LYS B 100 17.00 7.17 -17.82
N VAL B 101 17.54 7.36 -16.62
CA VAL B 101 18.94 7.05 -16.33
C VAL B 101 19.07 5.67 -15.67
N GLY B 102 19.98 4.86 -16.19
CA GLY B 102 20.29 3.56 -15.61
C GLY B 102 19.43 2.41 -16.12
N ALA B 103 19.81 1.19 -15.71
CA ALA B 103 19.08 -0.01 -16.08
C ALA B 103 17.71 -0.09 -15.41
N LEU B 104 16.79 -0.82 -16.04
CA LEU B 104 15.49 -1.08 -15.46
C LEU B 104 14.88 -2.36 -16.04
N SER B 105 13.81 -2.84 -15.42
CA SER B 105 13.12 -4.05 -15.89
C SER B 105 12.30 -3.75 -17.13
N LYS B 106 11.83 -4.81 -17.79
CA LYS B 106 10.96 -4.68 -18.95
C LYS B 106 9.68 -3.94 -18.58
N GLY B 107 9.12 -4.31 -17.42
CA GLY B 107 7.90 -3.69 -16.90
C GLY B 107 8.06 -2.24 -16.49
N GLN B 108 9.24 -1.89 -15.98
CA GLN B 108 9.54 -0.49 -15.64
C GLN B 108 9.73 0.36 -16.89
N LEU B 109 10.28 -0.24 -17.93
CA LEU B 109 10.44 0.45 -19.21
C LEU B 109 9.10 0.62 -19.91
N LYS B 110 8.24 -0.39 -19.83
CA LYS B 110 6.88 -0.33 -20.36
C LYS B 110 6.05 0.74 -19.66
N GLU B 111 6.25 0.87 -18.34
CA GLU B 111 5.67 1.97 -17.56
C GLU B 111 6.15 3.32 -18.09
N PHE B 112 7.45 3.40 -18.38
CA PHE B 112 8.07 4.60 -18.91
C PHE B 112 7.45 4.98 -20.26
N LEU B 113 7.34 4.00 -21.15
CA LEU B 113 6.71 4.20 -22.46
C LEU B 113 5.22 4.54 -22.36
N ASP B 114 4.47 3.76 -21.57
CA ASP B 114 3.03 4.00 -21.42
C ASP B 114 2.71 5.39 -20.88
N ALA B 115 3.57 5.89 -19.99
CA ALA B 115 3.40 7.22 -19.41
C ALA B 115 3.78 8.34 -20.38
N ASN B 116 4.66 8.05 -21.32
CA ASN B 116 5.22 9.08 -22.21
C ASN B 116 4.88 8.94 -23.70
N LEU B 117 4.38 7.77 -24.09
CA LEU B 117 3.95 7.53 -25.47
C LEU B 117 2.43 7.50 -25.56
N ALA B 118 1.86 8.55 -26.16
CA ALA B 118 0.43 8.62 -26.40
C ALA B 118 0.03 7.52 -27.38
N GLY B 119 -0.99 6.75 -26.99
CA GLY B 119 -1.50 5.67 -27.83
C GLY B 119 -0.89 4.30 -27.60
N SER B 120 0.16 4.23 -26.78
CA SER B 120 0.91 2.98 -26.59
C SER B 120 0.11 1.87 -25.89
N ALA B 121 -0.77 2.25 -24.97
CA ALA B 121 -1.60 1.30 -24.25
C ALA B 121 -2.97 1.14 -24.91
N MET B 122 -3.42 2.20 -25.58
CA MET B 122 -4.73 2.23 -26.21
C MET B 122 -4.79 3.39 -27.19
N GLU B 123 -5.29 3.12 -28.40
CA GLU B 123 -5.54 4.18 -29.37
C GLU B 123 -6.72 5.01 -28.90
N SER B 124 -6.49 6.32 -28.76
CA SER B 124 -7.43 7.24 -28.14
C SER B 124 -8.47 7.78 -29.12
N THR B 125 -9.62 8.15 -28.58
CA THR B 125 -10.64 8.89 -29.32
C THR B 125 -10.23 10.36 -29.45
N VAL B 126 -9.17 10.74 -28.73
CA VAL B 126 -8.77 12.13 -28.66
C VAL B 126 -7.62 12.45 -29.61
N MET B 127 -7.82 13.48 -30.41
CA MET B 127 -6.81 14.08 -31.26
C MET B 127 -6.38 15.42 -30.66
N VAL B 128 -5.08 15.70 -30.68
CA VAL B 128 -4.60 17.04 -30.35
C VAL B 128 -3.98 17.70 -31.60
N LEU B 129 -4.46 18.90 -31.90
CA LEU B 129 -3.91 19.72 -32.98
C LEU B 129 -2.98 20.76 -32.40
N ARG B 130 -1.71 20.69 -32.80
CA ARG B 130 -0.71 21.64 -32.37
C ARG B 130 -0.26 22.52 -33.54
N ASN B 131 -0.01 23.79 -33.25
CA ASN B 131 0.46 24.76 -34.25
C ASN B 131 -0.63 25.18 -35.26
N MET B 132 -1.89 25.03 -34.86
CA MET B 132 -3.00 25.41 -35.73
C MET B 132 -3.31 26.90 -35.65
N VAL B 133 -3.20 27.47 -34.46
CA VAL B 133 -3.54 28.88 -34.26
C VAL B 133 -2.69 29.55 -33.18
N ASP B 134 -2.54 30.87 -33.31
CA ASP B 134 -1.86 31.69 -32.33
C ASP B 134 -2.91 32.19 -31.33
N PRO B 135 -2.57 32.31 -30.03
CA PRO B 135 -3.55 32.74 -29.02
C PRO B 135 -4.27 34.04 -29.37
N LYS B 136 -3.58 34.95 -30.06
CA LYS B 136 -4.16 36.23 -30.49
C LYS B 136 -5.22 36.06 -31.58
N ASP B 137 -5.23 34.89 -32.22
CA ASP B 137 -6.16 34.61 -33.31
C ASP B 137 -7.41 33.86 -32.86
N ILE B 138 -7.42 33.40 -31.61
CA ILE B 138 -8.58 32.67 -31.05
C ILE B 138 -9.79 33.59 -30.94
N ASP B 139 -10.92 33.14 -31.48
CA ASP B 139 -12.19 33.85 -31.33
C ASP B 139 -13.33 32.89 -31.04
N ASP B 140 -14.56 33.43 -31.03
CA ASP B 140 -15.75 32.64 -30.71
C ASP B 140 -16.14 31.63 -31.79
N ASP B 141 -15.75 31.91 -33.04
CA ASP B 141 -16.11 31.07 -34.17
C ASP B 141 -15.21 29.84 -34.31
N LEU B 142 -14.04 29.87 -33.68
CA LEU B 142 -13.00 28.85 -33.85
C LEU B 142 -13.42 27.43 -33.45
N GLU B 143 -14.05 27.28 -32.28
CA GLU B 143 -14.50 25.97 -31.81
C GLU B 143 -15.49 25.32 -32.79
N GLY B 144 -16.42 26.11 -33.31
CA GLY B 144 -17.38 25.64 -34.30
C GLY B 144 -16.74 25.30 -35.64
N GLU B 145 -15.73 26.07 -36.03
CA GLU B 145 -15.01 25.84 -37.27
C GLU B 145 -14.21 24.55 -37.23
N VAL B 146 -13.56 24.28 -36.11
CA VAL B 146 -12.83 23.03 -35.89
C VAL B 146 -13.79 21.84 -35.92
N THR B 147 -14.93 22.01 -35.24
CA THR B 147 -15.98 20.98 -35.16
C THR B 147 -16.49 20.60 -36.55
N GLU B 148 -16.88 21.62 -37.32
CA GLU B 148 -17.44 21.42 -38.65
C GLU B 148 -16.42 20.80 -39.60
N GLU B 149 -15.16 21.23 -39.46
CA GLU B 149 -14.05 20.71 -40.27
C GLU B 149 -13.79 19.24 -39.96
N CYS B 150 -13.72 18.90 -38.67
CA CYS B 150 -13.40 17.54 -38.22
C CYS B 150 -14.58 16.57 -38.34
N GLY B 151 -15.79 17.11 -38.52
CA GLY B 151 -16.98 16.31 -38.74
C GLY B 151 -16.88 15.42 -39.97
N LYS B 152 -16.02 15.82 -40.91
CA LYS B 152 -15.74 15.06 -42.11
C LYS B 152 -15.22 13.65 -41.81
N PHE B 153 -14.51 13.51 -40.70
CA PHE B 153 -13.81 12.26 -40.37
C PHE B 153 -14.61 11.34 -39.45
N GLY B 154 -15.61 11.90 -38.78
CA GLY B 154 -16.47 11.15 -37.88
C GLY B 154 -17.25 12.05 -36.93
N ALA B 155 -17.91 11.44 -35.96
CA ALA B 155 -18.70 12.18 -34.98
C ALA B 155 -17.79 12.90 -33.97
N VAL B 156 -17.96 14.22 -33.87
CA VAL B 156 -17.17 15.02 -32.92
C VAL B 156 -17.94 15.20 -31.61
N ASN B 157 -17.37 14.67 -30.52
CA ASN B 157 -17.96 14.77 -29.18
C ASN B 157 -17.75 16.16 -28.58
N ARG B 158 -16.48 16.57 -28.51
CA ARG B 158 -16.06 17.82 -27.88
C ARG B 158 -14.84 18.38 -28.57
N VAL B 159 -14.79 19.71 -28.66
CA VAL B 159 -13.58 20.42 -29.09
C VAL B 159 -13.18 21.39 -27.98
N ILE B 160 -11.95 21.28 -27.53
CA ILE B 160 -11.42 22.20 -26.52
C ILE B 160 -10.31 23.08 -27.10
N ILE B 161 -10.55 24.39 -27.08
CA ILE B 161 -9.53 25.37 -27.47
C ILE B 161 -8.72 25.70 -26.22
N TYR B 162 -7.60 25.02 -26.06
CA TYR B 162 -6.83 25.03 -24.82
C TYR B 162 -5.61 25.94 -24.91
N GLN B 163 -5.41 26.76 -23.88
CA GLN B 163 -4.29 27.69 -23.82
C GLN B 163 -3.34 27.35 -22.68
N GLU B 164 -2.07 27.21 -23.01
CA GLU B 164 -1.08 26.72 -22.05
C GLU B 164 0.16 27.59 -22.01
N LYS B 165 0.57 27.96 -20.80
CA LYS B 165 1.86 28.61 -20.57
C LYS B 165 3.01 27.68 -20.96
N GLN B 166 3.65 28.01 -22.08
CA GLN B 166 4.50 27.04 -22.79
C GLN B 166 5.82 26.76 -22.10
N GLY B 167 5.74 26.19 -20.90
CA GLY B 167 6.92 26.00 -20.07
C GLY B 167 6.79 26.76 -18.76
N GLU B 168 6.64 28.08 -18.85
CA GLU B 168 6.47 28.97 -17.69
C GLU B 168 7.63 28.83 -16.66
N GLU B 169 8.19 29.96 -16.23
CA GLU B 169 7.41 31.17 -16.05
C GLU B 169 8.16 32.38 -16.61
N GLU B 170 7.56 33.56 -16.45
CA GLU B 170 7.78 34.66 -17.39
C GLU B 170 6.56 35.56 -17.47
N ASP B 171 6.11 35.84 -18.69
CA ASP B 171 4.69 35.92 -18.99
C ASP B 171 4.36 35.27 -20.33
N ALA B 172 4.82 34.04 -20.51
CA ALA B 172 4.57 33.30 -21.75
C ALA B 172 5.72 32.36 -22.15
N GLU B 173 5.74 31.91 -23.40
CA GLU B 173 4.66 32.21 -24.35
C GLU B 173 3.42 31.36 -24.06
N ILE B 174 2.30 31.74 -24.66
CA ILE B 174 1.09 30.93 -24.58
C ILE B 174 0.98 30.11 -25.84
N ILE B 175 0.83 28.80 -25.71
CA ILE B 175 0.60 27.93 -26.86
C ILE B 175 -0.84 27.45 -26.89
N VAL B 176 -1.37 27.26 -28.10
CA VAL B 176 -2.72 26.75 -28.29
C VAL B 176 -2.70 25.26 -28.63
N LYS B 177 -3.43 24.49 -27.85
CA LYS B 177 -3.71 23.09 -28.19
C LYS B 177 -5.20 22.96 -28.47
N ILE B 178 -5.53 22.48 -29.66
CA ILE B 178 -6.92 22.21 -30.00
C ILE B 178 -7.19 20.70 -29.88
N PHE B 179 -7.95 20.35 -28.84
CA PHE B 179 -8.33 18.97 -28.58
C PHE B 179 -9.62 18.63 -29.32
N VAL B 180 -9.61 17.50 -30.01
CA VAL B 180 -10.79 17.01 -30.71
C VAL B 180 -11.06 15.57 -30.31
N GLU B 181 -12.15 15.36 -29.57
CA GLU B 181 -12.57 14.04 -29.16
C GLU B 181 -13.65 13.54 -30.11
N PHE B 182 -13.40 12.38 -30.73
CA PHE B 182 -14.39 11.71 -31.57
C PHE B 182 -15.12 10.65 -30.77
N SER B 183 -16.17 10.07 -31.35
CA SER B 183 -16.95 9.04 -30.68
C SER B 183 -16.19 7.74 -30.52
N ILE B 184 -15.37 7.41 -31.53
CA ILE B 184 -14.60 6.16 -31.52
C ILE B 184 -13.23 6.34 -32.19
N ALA B 185 -12.26 5.51 -31.79
CA ALA B 185 -10.84 5.68 -32.16
C ALA B 185 -10.54 5.64 -33.67
N SER B 186 -11.36 4.90 -34.42
CA SER B 186 -11.22 4.79 -35.89
C SER B 186 -11.40 6.14 -36.60
N GLU B 187 -12.29 6.97 -36.07
CA GLU B 187 -12.53 8.32 -36.58
C GLU B 187 -11.35 9.23 -36.28
N THR B 188 -10.80 9.09 -35.07
CA THR B 188 -9.62 9.83 -34.64
C THR B 188 -8.44 9.51 -35.54
N HIS B 189 -8.30 8.23 -35.89
CA HIS B 189 -7.23 7.80 -36.78
C HIS B 189 -7.36 8.42 -38.17
N LYS B 190 -8.59 8.43 -38.71
CA LYS B 190 -8.86 9.05 -39.99
C LYS B 190 -8.46 10.52 -39.99
N ALA B 191 -8.87 11.24 -38.95
CA ALA B 191 -8.57 12.67 -38.81
C ALA B 191 -7.07 12.95 -38.74
N ILE B 192 -6.37 12.24 -37.87
CA ILE B 192 -4.92 12.38 -37.69
C ILE B 192 -4.13 12.14 -38.99
N GLN B 193 -4.53 11.11 -39.74
CA GLN B 193 -3.88 10.79 -41.01
C GLN B 193 -4.13 11.88 -42.05
N ALA B 194 -5.35 12.43 -42.06
CA ALA B 194 -5.73 13.46 -43.03
C ALA B 194 -5.23 14.86 -42.65
N LEU B 195 -5.05 15.13 -41.36
CA LEU B 195 -4.73 16.48 -40.89
C LEU B 195 -3.27 16.72 -40.51
N ASN B 196 -2.57 15.68 -40.09
CA ASN B 196 -1.16 15.80 -39.72
C ASN B 196 -0.33 16.33 -40.88
N GLY B 197 0.44 17.38 -40.60
CA GLY B 197 1.30 18.01 -41.62
C GLY B 197 0.57 18.89 -42.62
N ARG B 198 -0.75 19.08 -42.44
CA ARG B 198 -1.53 19.95 -43.33
C ARG B 198 -1.34 21.42 -43.00
N TRP B 199 -1.41 22.25 -44.03
CA TRP B 199 -1.25 23.68 -43.89
C TRP B 199 -2.59 24.37 -43.66
N PHE B 200 -2.65 25.15 -42.59
CA PHE B 200 -3.82 25.97 -42.27
C PHE B 200 -3.40 27.42 -42.06
N ALA B 201 -3.80 28.28 -42.97
CA ALA B 201 -3.51 29.72 -42.93
C ALA B 201 -2.05 30.05 -42.58
N GLY B 202 -1.12 29.42 -43.29
CA GLY B 202 0.31 29.71 -43.14
C GLY B 202 1.01 28.91 -42.04
N ARG B 203 0.28 28.00 -41.41
CA ARG B 203 0.81 27.16 -40.35
C ARG B 203 0.72 25.68 -40.71
N LYS B 204 1.82 24.95 -40.54
CA LYS B 204 1.84 23.51 -40.73
C LYS B 204 1.52 22.79 -39.41
N VAL B 205 0.31 22.23 -39.34
CA VAL B 205 -0.22 21.68 -38.09
C VAL B 205 0.30 20.28 -37.78
N VAL B 206 0.55 20.03 -36.50
CA VAL B 206 0.83 18.68 -36.02
C VAL B 206 -0.46 18.10 -35.44
N ALA B 207 -0.95 17.03 -36.05
CA ALA B 207 -2.13 16.31 -35.57
C ALA B 207 -1.70 14.95 -35.04
N GLU B 208 -2.12 14.67 -33.80
CA GLU B 208 -1.53 13.61 -33.00
C GLU B 208 -2.58 13.02 -32.08
N VAL B 209 -2.41 11.74 -31.74
CA VAL B 209 -3.22 11.14 -30.67
C VAL B 209 -2.83 11.72 -29.32
N TYR B 210 -3.83 11.87 -28.44
CA TYR B 210 -3.62 12.32 -27.08
C TYR B 210 -4.20 11.29 -26.13
N ASP B 211 -3.44 10.93 -25.10
CA ASP B 211 -3.85 9.90 -24.14
C ASP B 211 -5.27 10.15 -23.65
N GLN B 212 -6.12 9.13 -23.77
CA GLN B 212 -7.54 9.26 -23.45
C GLN B 212 -7.79 9.39 -21.95
N GLU B 213 -7.02 8.66 -21.16
CA GLU B 213 -7.18 8.70 -19.70
C GLU B 213 -6.80 10.07 -19.14
N ARG B 214 -5.74 10.68 -19.69
CA ARG B 214 -5.40 12.06 -19.38
C ARG B 214 -6.58 13.00 -19.67
N PHE B 215 -7.11 12.92 -20.88
CA PHE B 215 -8.22 13.77 -21.33
C PHE B 215 -9.48 13.60 -20.49
N ASP B 216 -9.82 12.35 -20.19
CA ASP B 216 -11.02 12.03 -19.39
C ASP B 216 -10.92 12.59 -17.97
N ASN B 217 -9.70 12.66 -17.46
CA ASN B 217 -9.44 13.22 -16.13
C ASN B 217 -9.13 14.72 -16.16
N SER B 218 -9.35 15.35 -17.30
CA SER B 218 -9.14 16.79 -17.49
C SER B 218 -7.66 17.21 -17.38
N ASP B 219 -6.78 16.29 -17.78
CA ASP B 219 -5.35 16.57 -17.85
C ASP B 219 -4.99 16.84 -19.31
N LEU B 220 -4.91 18.12 -19.66
CA LEU B 220 -4.66 18.57 -21.02
C LEU B 220 -3.23 19.09 -21.19
N SER B 221 -2.35 18.70 -20.26
CA SER B 221 -1.02 19.26 -20.14
C SER B 221 0.05 18.66 -21.04
N ALA B 222 -0.23 17.49 -21.62
CA ALA B 222 0.76 16.77 -22.42
C ALA B 222 0.70 17.11 -23.91
N ASP C 12 -7.19 -21.73 -36.73
CA ASP C 12 -8.23 -20.66 -36.71
C ASP C 12 -9.28 -20.88 -35.62
N LYS C 13 -8.85 -20.81 -34.37
CA LYS C 13 -9.76 -20.88 -33.23
C LYS C 13 -10.45 -19.53 -33.00
N ILE C 14 -9.88 -18.49 -33.59
CA ILE C 14 -10.40 -17.14 -33.46
C ILE C 14 -11.39 -16.80 -34.57
N ILE C 15 -12.62 -16.49 -34.19
CA ILE C 15 -13.64 -16.00 -35.11
C ILE C 15 -13.26 -14.60 -35.55
N HIS C 16 -13.49 -14.29 -36.83
CA HIS C 16 -13.45 -12.91 -37.29
C HIS C 16 -14.87 -12.46 -37.56
N LEU C 17 -15.37 -11.61 -36.67
CA LEU C 17 -16.77 -11.21 -36.65
C LEU C 17 -17.06 -10.14 -37.70
N THR C 18 -18.31 -10.10 -38.13
CA THR C 18 -18.81 -9.00 -38.93
C THR C 18 -19.96 -8.34 -38.16
N ASP C 19 -20.38 -7.15 -38.61
CA ASP C 19 -21.56 -6.49 -38.04
C ASP C 19 -22.78 -7.40 -38.13
N ASP C 20 -22.93 -8.08 -39.27
CA ASP C 20 -24.08 -8.94 -39.54
C ASP C 20 -24.06 -10.25 -38.75
N SER C 21 -22.86 -10.76 -38.44
CA SER C 21 -22.72 -12.06 -37.78
C SER C 21 -22.66 -11.98 -36.25
N PHE C 22 -22.50 -10.76 -35.73
CA PHE C 22 -22.29 -10.54 -34.30
C PHE C 22 -23.38 -11.17 -33.42
N ASP C 23 -24.64 -10.99 -33.82
CA ASP C 23 -25.77 -11.55 -33.08
C ASP C 23 -25.67 -13.07 -32.94
N THR C 24 -25.46 -13.77 -34.05
CA THR C 24 -25.35 -15.23 -34.05
C THR C 24 -24.02 -15.75 -33.48
N ASP C 25 -22.92 -15.06 -33.80
CA ASP C 25 -21.58 -15.51 -33.39
C ASP C 25 -21.25 -15.20 -31.94
N VAL C 26 -21.89 -14.17 -31.38
CA VAL C 26 -21.58 -13.74 -30.02
C VAL C 26 -22.77 -13.87 -29.08
N LEU C 27 -23.88 -13.20 -29.40
CA LEU C 27 -25.02 -13.07 -28.48
C LEU C 27 -25.78 -14.38 -28.30
N LYS C 28 -25.81 -15.19 -29.35
CA LYS C 28 -26.53 -16.45 -29.34
C LYS C 28 -25.56 -17.63 -29.30
N ALA C 29 -24.31 -17.34 -28.95
CA ALA C 29 -23.26 -18.36 -28.87
C ALA C 29 -23.33 -19.14 -27.55
N ASP C 30 -22.88 -20.38 -27.61
CA ASP C 30 -22.76 -21.22 -26.41
C ASP C 30 -21.38 -21.00 -25.80
N GLY C 31 -21.35 -20.67 -24.52
CA GLY C 31 -20.10 -20.47 -23.80
C GLY C 31 -19.64 -19.04 -23.76
N ALA C 32 -18.55 -18.79 -23.04
CA ALA C 32 -17.99 -17.45 -22.92
C ALA C 32 -17.28 -17.03 -24.20
N ILE C 33 -17.60 -15.82 -24.66
CA ILE C 33 -16.97 -15.24 -25.86
C ILE C 33 -16.20 -13.99 -25.46
N LEU C 34 -14.89 -14.01 -25.66
CA LEU C 34 -14.06 -12.82 -25.47
C LEU C 34 -13.94 -12.08 -26.80
N VAL C 35 -14.53 -10.89 -26.86
CA VAL C 35 -14.55 -10.10 -28.09
C VAL C 35 -13.50 -9.01 -28.08
N ASP C 36 -12.62 -9.03 -29.08
CA ASP C 36 -11.57 -8.03 -29.26
C ASP C 36 -11.97 -7.03 -30.33
N PHE C 37 -12.22 -5.79 -29.93
CA PHE C 37 -12.50 -4.71 -30.87
C PHE C 37 -11.16 -4.07 -31.26
N TRP C 38 -10.84 -4.13 -32.55
CA TRP C 38 -9.49 -3.78 -33.00
C TRP C 38 -9.46 -3.15 -34.39
N ALA C 39 -8.24 -2.83 -34.84
CA ALA C 39 -7.97 -2.29 -36.18
C ALA C 39 -6.50 -2.51 -36.54
N GLU C 40 -6.21 -2.53 -37.84
CA GLU C 40 -4.87 -2.86 -38.35
C GLU C 40 -3.79 -1.85 -37.95
N TRP C 41 -4.15 -0.57 -37.92
CA TRP C 41 -3.24 0.52 -37.58
C TRP C 41 -3.06 0.67 -36.07
N CYS C 42 -3.85 -0.07 -35.29
CA CYS C 42 -3.84 0.00 -33.84
C CYS C 42 -2.62 -0.72 -33.25
N GLY C 43 -1.71 0.06 -32.68
CA GLY C 43 -0.48 -0.47 -32.06
C GLY C 43 -0.72 -1.46 -30.92
N PRO C 44 -1.44 -1.03 -29.86
CA PRO C 44 -1.73 -1.94 -28.75
C PRO C 44 -2.53 -3.20 -29.13
N CYS C 45 -3.37 -3.11 -30.16
CA CYS C 45 -4.10 -4.28 -30.66
C CYS C 45 -3.15 -5.34 -31.20
N LYS C 46 -2.18 -4.90 -32.00
CA LYS C 46 -1.16 -5.78 -32.56
C LYS C 46 -0.34 -6.40 -31.45
N MET C 47 -0.11 -5.63 -30.39
CA MET C 47 0.67 -6.06 -29.25
C MET C 47 0.02 -7.23 -28.49
N ILE C 48 -1.30 -7.17 -28.32
CA ILE C 48 -2.01 -8.23 -27.59
C ILE C 48 -2.46 -9.41 -28.47
N ALA C 49 -2.30 -9.28 -29.78
CA ALA C 49 -2.67 -10.33 -30.74
C ALA C 49 -2.00 -11.69 -30.46
N PRO C 50 -0.67 -11.72 -30.26
CA PRO C 50 -0.02 -12.99 -29.93
C PRO C 50 -0.46 -13.56 -28.57
N ILE C 51 -0.77 -12.66 -27.63
CA ILE C 51 -1.30 -13.05 -26.32
C ILE C 51 -2.71 -13.65 -26.48
N LEU C 52 -3.50 -13.07 -27.37
CA LEU C 52 -4.84 -13.59 -27.71
C LEU C 52 -4.80 -14.99 -28.32
N ASP C 53 -3.77 -15.27 -29.13
CA ASP C 53 -3.58 -16.58 -29.75
C ASP C 53 -3.31 -17.67 -28.72
N GLU C 54 -2.49 -17.33 -27.71
CA GLU C 54 -2.17 -18.23 -26.62
C GLU C 54 -3.40 -18.55 -25.78
N ILE C 55 -4.18 -17.50 -25.45
CA ILE C 55 -5.43 -17.62 -24.71
C ILE C 55 -6.45 -18.50 -25.43
N ALA C 56 -6.62 -18.27 -26.73
CA ALA C 56 -7.50 -19.08 -27.57
C ALA C 56 -7.16 -20.57 -27.49
N ASP C 57 -5.86 -20.86 -27.45
CA ASP C 57 -5.37 -22.23 -27.30
C ASP C 57 -5.50 -22.74 -25.86
N GLU C 58 -5.03 -21.93 -24.90
CA GLU C 58 -5.00 -22.33 -23.49
C GLU C 58 -6.39 -22.44 -22.86
N TYR C 59 -7.32 -21.59 -23.30
CA TYR C 59 -8.68 -21.58 -22.77
C TYR C 59 -9.68 -22.32 -23.67
N GLN C 60 -9.17 -23.24 -24.48
CA GLN C 60 -10.00 -24.02 -25.40
C GLN C 60 -10.97 -24.90 -24.62
N GLY C 61 -12.24 -24.81 -25.00
CA GLY C 61 -13.31 -25.58 -24.33
C GLY C 61 -14.01 -24.79 -23.25
N LYS C 62 -13.42 -23.64 -22.90
CA LYS C 62 -13.95 -22.78 -21.84
C LYS C 62 -14.26 -21.39 -22.38
N LEU C 63 -13.67 -21.06 -23.53
CA LEU C 63 -13.75 -19.72 -24.08
C LEU C 63 -13.51 -19.70 -25.60
N THR C 64 -14.25 -18.85 -26.29
CA THR C 64 -13.99 -18.56 -27.70
C THR C 64 -13.48 -17.12 -27.84
N VAL C 65 -12.31 -16.97 -28.47
CA VAL C 65 -11.74 -15.66 -28.74
C VAL C 65 -12.20 -15.19 -30.12
N ALA C 66 -12.76 -13.98 -30.17
CA ALA C 66 -13.32 -13.44 -31.40
C ALA C 66 -12.88 -11.99 -31.63
N LYS C 67 -12.58 -11.66 -32.88
CA LYS C 67 -12.15 -10.32 -33.25
C LYS C 67 -13.12 -9.63 -34.19
N LEU C 68 -13.41 -8.36 -33.89
CA LEU C 68 -14.18 -7.50 -34.80
C LEU C 68 -13.33 -6.30 -35.21
N ASN C 69 -12.94 -6.25 -36.48
CA ASN C 69 -12.27 -5.07 -37.01
C ASN C 69 -13.26 -3.91 -37.19
N ILE C 70 -13.06 -2.83 -36.45
CA ILE C 70 -14.04 -1.74 -36.39
C ILE C 70 -14.05 -0.80 -37.62
N ASP C 71 -12.99 -0.84 -38.42
CA ASP C 71 -12.94 -0.10 -39.69
C ASP C 71 -13.82 -0.77 -40.73
N GLN C 72 -13.65 -2.09 -40.85
CA GLN C 72 -14.40 -2.92 -41.79
C GLN C 72 -15.82 -3.18 -41.29
N ASN C 73 -16.00 -3.06 -39.99
CA ASN C 73 -17.30 -3.27 -39.35
C ASN C 73 -17.60 -2.14 -38.39
N PRO C 74 -18.09 -1.02 -38.90
CA PRO C 74 -18.26 0.20 -38.10
C PRO C 74 -19.52 0.17 -37.24
N GLY C 75 -20.33 -0.86 -37.39
CA GLY C 75 -21.69 -0.85 -36.89
C GLY C 75 -21.80 -1.13 -35.40
N THR C 76 -21.05 -2.12 -34.93
CA THR C 76 -21.35 -2.77 -33.66
C THR C 76 -20.80 -2.01 -32.46
N ALA C 77 -19.52 -1.61 -32.54
CA ALA C 77 -18.83 -1.00 -31.40
C ALA C 77 -19.57 0.20 -30.75
N PRO C 78 -20.15 1.11 -31.56
CA PRO C 78 -20.88 2.24 -30.95
C PRO C 78 -22.06 1.81 -30.08
N LYS C 79 -22.67 0.67 -30.40
CA LYS C 79 -23.79 0.12 -29.63
C LYS C 79 -23.37 -0.39 -28.24
N TYR C 80 -22.07 -0.60 -28.06
CA TYR C 80 -21.52 -1.04 -26.78
C TYR C 80 -20.70 0.06 -26.10
N GLY C 81 -20.77 1.26 -26.66
CA GLY C 81 -20.04 2.41 -26.13
C GLY C 81 -18.54 2.29 -26.17
N ILE C 82 -18.01 1.64 -27.21
CA ILE C 82 -16.57 1.50 -27.37
C ILE C 82 -15.97 2.83 -27.81
N ARG C 83 -14.84 3.16 -27.21
CA ARG C 83 -14.14 4.40 -27.50
C ARG C 83 -12.76 4.08 -28.07
N GLY C 84 -11.78 3.90 -27.19
CA GLY C 84 -10.43 3.54 -27.61
C GLY C 84 -10.31 2.07 -27.91
N ILE C 85 -9.23 1.68 -28.59
CA ILE C 85 -8.97 0.28 -28.92
C ILE C 85 -7.53 -0.14 -28.56
N PRO C 86 -7.33 -1.41 -28.19
CA PRO C 86 -8.37 -2.44 -28.17
C PRO C 86 -9.26 -2.32 -26.94
N THR C 87 -10.46 -2.90 -27.01
CA THR C 87 -11.21 -3.19 -25.78
C THR C 87 -11.83 -4.56 -25.86
N LEU C 88 -11.71 -5.29 -24.76
CA LEU C 88 -12.25 -6.62 -24.66
C LEU C 88 -13.59 -6.58 -23.93
N LEU C 89 -14.62 -7.13 -24.58
CA LEU C 89 -15.87 -7.48 -23.91
C LEU C 89 -15.93 -8.98 -23.76
N LEU C 90 -16.27 -9.44 -22.57
CA LEU C 90 -16.54 -10.86 -22.34
C LEU C 90 -18.04 -11.07 -22.27
N PHE C 91 -18.53 -11.96 -23.14
CA PHE C 91 -19.96 -12.30 -23.17
C PHE C 91 -20.17 -13.71 -22.65
N LYS C 92 -21.24 -13.89 -21.87
CA LYS C 92 -21.77 -15.20 -21.55
C LYS C 92 -23.27 -15.13 -21.77
N ASN C 93 -23.78 -16.00 -22.65
CA ASN C 93 -25.21 -16.09 -22.92
C ASN C 93 -25.91 -14.74 -23.16
N GLY C 94 -25.33 -13.93 -24.03
CA GLY C 94 -25.92 -12.65 -24.43
C GLY C 94 -25.80 -11.55 -23.39
N GLU C 95 -25.11 -11.84 -22.29
CA GLU C 95 -24.84 -10.85 -21.26
C GLU C 95 -23.38 -10.44 -21.31
N VAL C 96 -23.15 -9.14 -21.16
CA VAL C 96 -21.78 -8.62 -21.00
C VAL C 96 -21.35 -8.89 -19.56
N ALA C 97 -20.50 -9.91 -19.39
CA ALA C 97 -20.02 -10.30 -18.08
C ALA C 97 -18.97 -9.33 -17.54
N ALA C 98 -18.10 -8.84 -18.42
CA ALA C 98 -17.03 -7.92 -18.04
C ALA C 98 -16.44 -7.17 -19.24
N THR C 99 -15.71 -6.11 -18.95
CA THR C 99 -15.05 -5.31 -19.98
C THR C 99 -13.63 -4.94 -19.58
N LYS C 100 -12.76 -4.80 -20.57
CA LYS C 100 -11.37 -4.38 -20.36
C LYS C 100 -10.94 -3.43 -21.47
N VAL C 101 -10.52 -2.24 -21.07
CA VAL C 101 -10.13 -1.17 -22.00
C VAL C 101 -8.60 -1.10 -22.08
N GLY C 102 -8.06 -1.26 -23.29
CA GLY C 102 -6.62 -1.11 -23.51
C GLY C 102 -5.79 -2.39 -23.43
N ALA C 103 -4.52 -2.26 -23.81
CA ALA C 103 -3.58 -3.38 -23.81
C ALA C 103 -3.27 -3.90 -22.40
N LEU C 104 -2.83 -5.15 -22.33
CA LEU C 104 -2.51 -5.79 -21.06
C LEU C 104 -1.68 -7.07 -21.24
N SER C 105 -0.96 -7.45 -20.19
CA SER C 105 -0.10 -8.62 -20.21
C SER C 105 -0.90 -9.91 -20.27
N LYS C 106 -0.21 -11.03 -20.54
CA LYS C 106 -0.82 -12.36 -20.52
C LYS C 106 -1.37 -12.68 -19.12
N GLY C 107 -0.59 -12.34 -18.10
CA GLY C 107 -0.98 -12.55 -16.71
C GLY C 107 -2.22 -11.76 -16.34
N GLN C 108 -2.27 -10.50 -16.80
CA GLN C 108 -3.41 -9.62 -16.55
C GLN C 108 -4.68 -10.11 -17.23
N LEU C 109 -4.54 -10.56 -18.48
CA LEU C 109 -5.67 -11.09 -19.25
C LEU C 109 -6.23 -12.37 -18.63
N LYS C 110 -5.33 -13.25 -18.20
CA LYS C 110 -5.70 -14.50 -17.53
C LYS C 110 -6.43 -14.25 -16.21
N GLU C 111 -5.96 -13.25 -15.46
CA GLU C 111 -6.58 -12.84 -14.20
C GLU C 111 -7.96 -12.26 -14.45
N PHE C 112 -8.09 -11.52 -15.55
CA PHE C 112 -9.37 -10.95 -15.99
C PHE C 112 -10.39 -12.04 -16.36
N LEU C 113 -9.92 -13.05 -17.08
CA LEU C 113 -10.76 -14.17 -17.51
C LEU C 113 -11.16 -15.09 -16.37
N ASP C 114 -10.16 -15.54 -15.60
CA ASP C 114 -10.39 -16.47 -14.48
C ASP C 114 -11.35 -15.90 -13.43
N ALA C 115 -11.21 -14.61 -13.13
CA ALA C 115 -12.07 -13.94 -12.17
C ALA C 115 -13.51 -13.80 -12.69
N ASN C 116 -13.65 -13.64 -13.99
CA ASN C 116 -14.96 -13.41 -14.61
C ASN C 116 -15.62 -14.64 -15.21
N LEU C 117 -14.87 -15.73 -15.35
CA LEU C 117 -15.45 -17.02 -15.74
C LEU C 117 -16.20 -17.68 -14.58
N ALA C 118 -15.86 -17.27 -13.36
N ALA C 118 -15.84 -17.27 -13.35
CA ALA C 118 -16.57 -17.73 -12.17
CA ALA C 118 -16.78 -17.24 -12.25
C ALA C 118 -17.98 -17.19 -12.20
C ALA C 118 -17.38 -18.62 -11.98
N GLY C 119 -18.94 -18.06 -11.87
N GLY C 119 -18.67 -18.63 -11.70
CA GLY C 119 -18.85 -18.84 -10.66
CA GLY C 119 -19.30 -17.48 -11.07
C GLY C 119 -18.89 -17.96 -9.43
C GLY C 119 -19.05 -17.48 -9.58
N SER C 120 -20.07 -17.87 -8.83
CA SER C 120 -20.18 -17.50 -7.41
C SER C 120 -19.26 -18.37 -6.58
N ALA C 121 -18.64 -17.76 -5.56
CA ALA C 121 -17.68 -18.43 -4.71
C ALA C 121 -18.33 -19.43 -3.76
N MET C 122 -19.61 -19.23 -3.48
CA MET C 122 -20.28 -19.99 -2.43
C MET C 122 -21.78 -20.10 -2.65
N GLU C 123 -22.34 -21.28 -2.37
CA GLU C 123 -23.78 -21.49 -2.37
C GLU C 123 -24.37 -21.04 -1.03
N SER C 124 -25.24 -20.03 -1.07
CA SER C 124 -25.76 -19.38 0.13
C SER C 124 -26.82 -20.20 0.88
N THR C 125 -26.96 -19.93 2.18
CA THR C 125 -28.03 -20.48 3.00
C THR C 125 -29.27 -19.58 2.93
N VAL C 126 -29.09 -18.40 2.35
CA VAL C 126 -30.15 -17.40 2.28
C VAL C 126 -30.86 -17.45 0.93
N MET C 127 -32.16 -17.65 1.00
CA MET C 127 -33.04 -17.57 -0.16
C MET C 127 -33.84 -16.29 -0.08
N VAL C 128 -33.86 -15.54 -1.17
CA VAL C 128 -34.75 -14.39 -1.29
C VAL C 128 -35.93 -14.72 -2.21
N LEU C 129 -37.14 -14.42 -1.71
CA LEU C 129 -38.35 -14.59 -2.49
C LEU C 129 -38.82 -13.24 -3.00
N ARG C 130 -38.84 -13.08 -4.32
CA ARG C 130 -39.19 -11.81 -4.95
C ARG C 130 -40.56 -11.91 -5.62
N ASN C 131 -41.27 -10.79 -5.66
CA ASN C 131 -42.59 -10.67 -6.30
C ASN C 131 -43.71 -11.47 -5.61
N MET C 132 -43.47 -11.93 -4.39
CA MET C 132 -44.45 -12.79 -3.71
C MET C 132 -45.69 -12.04 -3.18
N VAL C 133 -45.46 -10.87 -2.58
CA VAL C 133 -46.53 -10.15 -1.89
C VAL C 133 -46.47 -8.63 -2.12
N ASP C 134 -47.65 -8.00 -2.20
CA ASP C 134 -47.76 -6.55 -2.16
C ASP C 134 -47.59 -6.06 -0.72
N PRO C 135 -47.04 -4.83 -0.54
CA PRO C 135 -46.89 -4.27 0.81
C PRO C 135 -48.21 -4.13 1.55
N LYS C 136 -49.29 -3.90 0.81
CA LYS C 136 -50.63 -3.77 1.38
C LYS C 136 -51.15 -5.09 1.96
N ASP C 137 -50.62 -6.21 1.46
CA ASP C 137 -51.08 -7.54 1.87
C ASP C 137 -50.37 -8.10 3.10
N ILE C 138 -49.22 -7.51 3.46
CA ILE C 138 -48.45 -7.96 4.62
C ILE C 138 -49.23 -7.81 5.91
N ASP C 139 -49.32 -8.88 6.69
CA ASP C 139 -49.86 -8.82 8.04
C ASP C 139 -48.92 -9.48 9.05
N ASP C 140 -49.37 -9.55 10.31
CA ASP C 140 -48.57 -10.10 11.41
C ASP C 140 -48.29 -11.60 11.24
N ASP C 141 -49.14 -12.29 10.50
CA ASP C 141 -49.06 -13.74 10.36
C ASP C 141 -48.15 -14.21 9.22
N LEU C 142 -47.73 -13.28 8.35
CA LEU C 142 -46.94 -13.62 7.16
C LEU C 142 -45.60 -14.29 7.48
N GLU C 143 -44.86 -13.73 8.43
CA GLU C 143 -43.59 -14.33 8.84
C GLU C 143 -43.78 -15.79 9.24
N GLY C 144 -44.74 -16.04 10.13
CA GLY C 144 -45.07 -17.38 10.59
C GLY C 144 -45.47 -18.32 9.46
N GLU C 145 -46.28 -17.81 8.53
CA GLU C 145 -46.72 -18.59 7.37
C GLU C 145 -45.54 -18.99 6.49
N VAL C 146 -44.63 -18.04 6.25
CA VAL C 146 -43.43 -18.27 5.46
C VAL C 146 -42.52 -19.31 6.13
N THR C 147 -42.32 -19.19 7.44
CA THR C 147 -41.48 -20.14 8.18
C THR C 147 -42.08 -21.55 8.17
N GLU C 148 -43.41 -21.63 8.26
N GLU C 148 -43.41 -21.62 8.27
CA GLU C 148 -44.12 -22.90 8.19
CA GLU C 148 -44.14 -22.88 8.18
C GLU C 148 -43.96 -23.58 6.83
C GLU C 148 -43.94 -23.56 6.83
N GLU C 149 -44.25 -22.84 5.76
CA GLU C 149 -44.11 -23.36 4.39
C GLU C 149 -42.70 -23.82 4.07
N CYS C 150 -41.71 -22.94 4.30
CA CYS C 150 -40.32 -23.25 3.98
C CYS C 150 -39.71 -24.34 4.86
N GLY C 151 -40.33 -24.60 6.00
CA GLY C 151 -39.93 -25.70 6.88
C GLY C 151 -40.06 -27.07 6.24
N LYS C 152 -40.79 -27.12 5.12
CA LYS C 152 -40.96 -28.33 4.31
C LYS C 152 -39.66 -28.72 3.58
N PHE C 153 -38.75 -27.77 3.46
CA PHE C 153 -37.52 -27.95 2.69
C PHE C 153 -36.29 -28.11 3.59
N GLY C 154 -36.46 -27.82 4.87
CA GLY C 154 -35.37 -27.91 5.84
C GLY C 154 -35.53 -26.93 6.98
N ALA C 155 -34.56 -26.89 7.87
CA ALA C 155 -34.61 -26.03 9.05
C ALA C 155 -34.38 -24.57 8.67
N VAL C 156 -35.40 -23.74 8.86
CA VAL C 156 -35.26 -22.31 8.63
C VAL C 156 -34.83 -21.57 9.89
N ASN C 157 -33.75 -20.80 9.78
CA ASN C 157 -33.17 -20.09 10.90
C ASN C 157 -33.93 -18.81 11.21
N ARG C 158 -34.21 -18.04 10.16
CA ARG C 158 -34.86 -16.76 10.30
C ARG C 158 -35.59 -16.40 9.02
N VAL C 159 -36.65 -15.62 9.16
CA VAL C 159 -37.39 -15.09 8.04
C VAL C 159 -37.50 -13.57 8.21
N ILE C 160 -37.23 -12.85 7.13
CA ILE C 160 -37.34 -11.40 7.12
C ILE C 160 -38.32 -10.93 6.06
N ILE C 161 -39.36 -10.24 6.51
CA ILE C 161 -40.27 -9.54 5.61
C ILE C 161 -39.71 -8.12 5.45
N TYR C 162 -39.03 -7.90 4.34
CA TYR C 162 -38.33 -6.64 4.07
C TYR C 162 -39.08 -5.80 3.05
N GLN C 163 -39.24 -4.51 3.37
CA GLN C 163 -39.91 -3.57 2.47
C GLN C 163 -38.93 -2.55 1.92
N GLU C 164 -38.80 -2.53 0.60
CA GLU C 164 -37.81 -1.69 -0.07
C GLU C 164 -38.45 -0.62 -0.94
N LYS C 165 -38.16 0.64 -0.63
CA LYS C 165 -38.60 1.78 -1.44
C LYS C 165 -37.72 1.87 -2.68
N GLN C 166 -38.36 1.93 -3.84
CA GLN C 166 -37.65 1.79 -5.12
C GLN C 166 -37.13 3.10 -5.72
N GLY C 167 -37.05 4.15 -4.92
CA GLY C 167 -36.52 5.42 -5.40
C GLY C 167 -36.53 6.57 -4.41
N GLU C 168 -35.87 7.67 -4.81
CA GLU C 168 -35.73 8.87 -3.99
C GLU C 168 -37.03 9.67 -3.85
N GLU C 169 -38.01 9.37 -4.69
CA GLU C 169 -39.20 10.23 -4.86
C GLU C 169 -40.20 10.12 -3.70
N GLU C 170 -41.43 10.57 -3.96
N GLU C 170 -41.43 10.56 -3.96
CA GLU C 170 -42.52 10.50 -2.99
CA GLU C 170 -42.51 10.48 -2.97
C GLU C 170 -43.49 9.36 -3.31
C GLU C 170 -43.53 9.39 -3.31
N ASP C 171 -43.75 9.16 -4.60
CA ASP C 171 -44.63 8.10 -5.08
C ASP C 171 -43.85 6.85 -5.48
N ALA C 172 -42.59 6.79 -5.07
CA ALA C 172 -41.73 5.63 -5.35
C ALA C 172 -42.42 4.35 -4.92
N GLU C 173 -42.41 3.37 -5.82
CA GLU C 173 -42.98 2.06 -5.54
C GLU C 173 -42.24 1.42 -4.36
N ILE C 174 -42.98 0.70 -3.53
CA ILE C 174 -42.38 -0.07 -2.45
C ILE C 174 -42.60 -1.55 -2.75
N ILE C 175 -41.52 -2.32 -2.76
CA ILE C 175 -41.60 -3.76 -3.01
C ILE C 175 -41.28 -4.55 -1.74
N VAL C 176 -41.65 -5.82 -1.74
CA VAL C 176 -41.39 -6.70 -0.61
C VAL C 176 -40.46 -7.83 -1.01
N LYS C 177 -39.39 -8.01 -0.23
CA LYS C 177 -38.47 -9.14 -0.38
C LYS C 177 -38.61 -10.02 0.85
N ILE C 178 -38.87 -11.30 0.64
CA ILE C 178 -38.93 -12.24 1.75
C ILE C 178 -37.63 -13.03 1.82
N PHE C 179 -36.85 -12.76 2.86
CA PHE C 179 -35.61 -13.47 3.10
C PHE C 179 -35.88 -14.68 3.98
N VAL C 180 -35.37 -15.83 3.55
CA VAL C 180 -35.48 -17.06 4.32
C VAL C 180 -34.09 -17.63 4.44
N GLU C 181 -33.58 -17.63 5.67
CA GLU C 181 -32.27 -18.17 5.97
C GLU C 181 -32.42 -19.58 6.51
N PHE C 182 -31.78 -20.54 5.83
CA PHE C 182 -31.81 -21.94 6.23
C PHE C 182 -30.55 -22.29 7.01
N SER C 183 -30.56 -23.42 7.70
CA SER C 183 -29.43 -23.81 8.53
C SER C 183 -28.20 -24.18 7.71
N ILE C 184 -28.43 -24.75 6.52
CA ILE C 184 -27.36 -25.19 5.65
C ILE C 184 -27.77 -25.10 4.18
N ALA C 185 -26.81 -24.80 3.30
CA ALA C 185 -27.03 -24.51 1.88
C ALA C 185 -27.84 -25.55 1.11
N SER C 186 -27.67 -26.83 1.47
CA SER C 186 -28.40 -27.94 0.86
C SER C 186 -29.92 -27.78 0.98
N GLU C 187 -30.36 -27.19 2.08
CA GLU C 187 -31.80 -26.95 2.32
C GLU C 187 -32.30 -25.80 1.46
N THR C 188 -31.51 -24.72 1.42
CA THR C 188 -31.79 -23.55 0.59
C THR C 188 -31.96 -23.92 -0.88
N HIS C 189 -31.12 -24.84 -1.35
CA HIS C 189 -31.17 -25.30 -2.73
C HIS C 189 -32.49 -26.00 -3.06
N LYS C 190 -32.99 -26.82 -2.15
CA LYS C 190 -34.26 -27.52 -2.32
C LYS C 190 -35.42 -26.54 -2.37
N ALA C 191 -35.41 -25.56 -1.47
CA ALA C 191 -36.44 -24.53 -1.43
C ALA C 191 -36.47 -23.75 -2.73
N ILE C 192 -35.28 -23.35 -3.20
CA ILE C 192 -35.15 -22.56 -4.44
C ILE C 192 -35.68 -23.33 -5.66
N GLN C 193 -35.26 -24.59 -5.82
CA GLN C 193 -35.67 -25.42 -6.96
C GLN C 193 -37.18 -25.68 -6.97
N ALA C 194 -37.75 -25.88 -5.78
CA ALA C 194 -39.19 -26.14 -5.65
C ALA C 194 -40.06 -24.90 -5.82
N LEU C 195 -39.50 -23.74 -5.47
CA LEU C 195 -40.27 -22.48 -5.46
C LEU C 195 -40.06 -21.58 -6.67
N ASN C 196 -38.84 -21.53 -7.20
CA ASN C 196 -38.52 -20.57 -8.26
C ASN C 196 -39.37 -20.74 -9.51
N GLY C 197 -39.93 -19.63 -9.96
CA GLY C 197 -40.66 -19.57 -11.22
C GLY C 197 -42.10 -20.05 -11.13
N ARG C 198 -42.58 -20.29 -9.91
CA ARG C 198 -43.97 -20.72 -9.76
C ARG C 198 -44.88 -19.59 -9.29
N TRP C 199 -46.18 -19.79 -9.46
CA TRP C 199 -47.16 -18.73 -9.27
C TRP C 199 -47.86 -18.82 -7.92
N PHE C 200 -47.84 -17.70 -7.20
CA PHE C 200 -48.54 -17.57 -5.91
C PHE C 200 -49.49 -16.39 -6.02
N ALA C 201 -50.77 -16.65 -5.77
CA ALA C 201 -51.86 -15.77 -6.21
C ALA C 201 -51.77 -15.63 -7.73
N GLY C 202 -51.73 -14.41 -8.25
CA GLY C 202 -51.57 -14.20 -9.68
C GLY C 202 -50.21 -13.67 -10.08
N ARG C 203 -49.17 -14.06 -9.32
CA ARG C 203 -47.83 -13.51 -9.55
C ARG C 203 -46.71 -14.55 -9.53
N LYS C 204 -45.83 -14.45 -10.52
CA LYS C 204 -44.70 -15.35 -10.66
C LYS C 204 -43.59 -14.98 -9.68
N VAL C 205 -43.30 -15.92 -8.80
CA VAL C 205 -42.31 -15.69 -7.75
C VAL C 205 -40.92 -16.08 -8.23
N VAL C 206 -39.96 -15.20 -7.95
CA VAL C 206 -38.55 -15.47 -8.16
C VAL C 206 -37.96 -15.91 -6.83
N ALA C 207 -37.51 -17.15 -6.76
CA ALA C 207 -36.80 -17.69 -5.62
C ALA C 207 -35.36 -17.97 -6.02
N GLU C 208 -34.42 -17.32 -5.34
CA GLU C 208 -33.01 -17.42 -5.67
C GLU C 208 -32.11 -17.17 -4.47
N VAL C 209 -30.83 -17.52 -4.63
CA VAL C 209 -29.83 -17.28 -3.59
C VAL C 209 -29.63 -15.79 -3.35
N TYR C 210 -29.37 -15.45 -2.09
CA TYR C 210 -29.01 -14.09 -1.74
C TYR C 210 -27.65 -14.12 -1.05
N ASP C 211 -26.74 -13.28 -1.54
CA ASP C 211 -25.38 -13.20 -1.03
C ASP C 211 -25.37 -13.26 0.50
N GLN C 212 -24.67 -14.25 1.03
CA GLN C 212 -24.72 -14.54 2.46
C GLN C 212 -23.98 -13.49 3.31
N GLU C 213 -22.84 -13.00 2.83
CA GLU C 213 -22.11 -11.96 3.55
C GLU C 213 -22.96 -10.69 3.68
N ARG C 214 -23.60 -10.28 2.58
CA ARG C 214 -24.50 -9.12 2.60
C ARG C 214 -25.58 -9.29 3.66
N PHE C 215 -26.22 -10.46 3.64
CA PHE C 215 -27.27 -10.81 4.60
C PHE C 215 -26.74 -10.77 6.05
N ASP C 216 -25.61 -11.42 6.28
CA ASP C 216 -24.96 -11.45 7.60
C ASP C 216 -24.66 -10.05 8.14
N ASN C 217 -24.42 -9.12 7.23
CA ASN C 217 -24.10 -7.74 7.58
C ASN C 217 -25.27 -6.77 7.41
N SER C 218 -26.49 -7.32 7.47
CA SER C 218 -27.73 -6.52 7.44
C SER C 218 -27.86 -5.64 6.18
N ASP C 219 -27.31 -6.11 5.07
CA ASP C 219 -27.45 -5.44 3.78
C ASP C 219 -28.48 -6.21 2.95
N LEU C 220 -29.69 -5.66 2.88
CA LEU C 220 -30.79 -6.35 2.23
C LEU C 220 -31.21 -5.69 0.90
N SER C 221 -30.29 -4.95 0.31
CA SER C 221 -30.56 -4.08 -0.85
C SER C 221 -30.45 -4.76 -2.22
N ALA C 222 -29.78 -5.92 -2.27
CA ALA C 222 -29.51 -6.60 -3.54
C ALA C 222 -30.68 -7.44 -4.02
N HIS D 7 -4.45 42.33 8.14
CA HIS D 7 -4.52 40.97 7.56
C HIS D 7 -3.91 39.94 8.51
N HIS D 8 -4.73 38.96 8.90
CA HIS D 8 -4.34 37.93 9.88
C HIS D 8 -5.46 36.91 10.08
N PRO D 9 -5.13 35.69 10.56
CA PRO D 9 -6.12 34.67 10.91
C PRO D 9 -6.71 34.89 12.31
N MET D 10 -7.61 34.01 12.79
CA MET D 10 -8.09 32.83 12.07
C MET D 10 -9.28 33.11 11.16
N SER D 11 -8.96 33.42 9.91
CA SER D 11 -9.93 33.77 8.90
C SER D 11 -9.88 32.78 7.75
N ASP D 12 -10.56 33.12 6.66
CA ASP D 12 -10.64 32.28 5.46
C ASP D 12 -9.34 32.32 4.67
N LYS D 13 -8.72 31.15 4.51
CA LYS D 13 -7.48 31.03 3.74
C LYS D 13 -7.73 30.67 2.28
N ILE D 14 -8.93 30.17 2.00
CA ILE D 14 -9.30 29.79 0.64
C ILE D 14 -9.64 31.03 -0.19
N ILE D 15 -9.18 31.05 -1.44
CA ILE D 15 -9.53 32.11 -2.38
C ILE D 15 -10.78 31.68 -3.12
N HIS D 16 -11.86 32.45 -2.98
N HIS D 16 -11.79 32.53 -3.08
CA HIS D 16 -13.04 32.14 -3.79
CA HIS D 16 -13.05 32.26 -3.74
C HIS D 16 -13.01 32.96 -5.06
C HIS D 16 -13.09 33.00 -5.09
N LEU D 17 -12.91 32.23 -6.16
CA LEU D 17 -12.65 32.77 -7.49
C LEU D 17 -13.89 33.20 -8.25
N THR D 18 -13.66 34.00 -9.27
CA THR D 18 -14.67 34.28 -10.29
C THR D 18 -14.01 34.09 -11.66
N ASP D 19 -14.81 34.12 -12.72
CA ASP D 19 -14.26 34.06 -14.08
C ASP D 19 -13.27 35.19 -14.32
N ASP D 20 -13.59 36.37 -13.80
CA ASP D 20 -12.77 37.57 -13.98
C ASP D 20 -11.49 37.57 -13.15
N SER D 21 -11.53 36.93 -11.98
CA SER D 21 -10.38 36.93 -11.07
C SER D 21 -9.40 35.79 -11.37
N PHE D 22 -9.85 34.79 -12.12
CA PHE D 22 -9.10 33.56 -12.35
C PHE D 22 -7.67 33.77 -12.85
N ASP D 23 -7.48 34.65 -13.83
CA ASP D 23 -6.16 34.92 -14.41
C ASP D 23 -5.16 35.44 -13.37
N THR D 24 -5.56 36.47 -12.63
CA THR D 24 -4.73 37.06 -11.59
C THR D 24 -4.58 36.13 -10.38
N ASP D 25 -5.69 35.54 -9.94
CA ASP D 25 -5.71 34.74 -8.72
C ASP D 25 -5.07 33.36 -8.88
N VAL D 26 -5.07 32.82 -10.09
CA VAL D 26 -4.53 31.49 -10.33
C VAL D 26 -3.25 31.53 -11.18
N LEU D 27 -3.39 32.01 -12.41
CA LEU D 27 -2.31 31.93 -13.41
C LEU D 27 -1.11 32.83 -13.07
N LYS D 28 -1.36 33.92 -12.35
CA LYS D 28 -0.32 34.88 -12.00
C LYS D 28 0.18 34.73 -10.57
N ALA D 29 -0.46 33.86 -9.81
CA ALA D 29 -0.15 33.70 -8.38
C ALA D 29 1.22 33.07 -8.11
N ASP D 30 1.82 33.46 -6.99
CA ASP D 30 3.06 32.86 -6.49
C ASP D 30 2.76 31.51 -5.87
N GLY D 31 3.59 30.51 -6.18
CA GLY D 31 3.44 29.17 -5.61
C GLY D 31 2.23 28.40 -6.11
N ALA D 32 2.00 27.24 -5.50
CA ALA D 32 0.99 26.29 -5.95
C ALA D 32 -0.43 26.64 -5.53
N ILE D 33 -1.35 26.55 -6.50
CA ILE D 33 -2.78 26.75 -6.26
C ILE D 33 -3.51 25.44 -6.56
N LEU D 34 -4.40 25.04 -5.67
CA LEU D 34 -5.30 23.91 -5.90
C LEU D 34 -6.71 24.44 -6.17
N VAL D 35 -7.15 24.32 -7.42
CA VAL D 35 -8.46 24.83 -7.81
C VAL D 35 -9.53 23.74 -7.76
N ASP D 36 -10.58 24.01 -6.98
CA ASP D 36 -11.75 23.14 -6.89
C ASP D 36 -12.88 23.73 -7.73
N PHE D 37 -13.28 23.00 -8.77
CA PHE D 37 -14.46 23.34 -9.54
C PHE D 37 -15.64 22.60 -8.91
N TRP D 38 -16.64 23.38 -8.47
CA TRP D 38 -17.74 22.84 -7.66
C TRP D 38 -19.08 23.52 -7.97
N ALA D 39 -20.16 22.99 -7.39
CA ALA D 39 -21.47 23.63 -7.43
C ALA D 39 -22.26 23.32 -6.16
N GLU D 40 -23.26 24.14 -5.85
CA GLU D 40 -24.07 23.95 -4.64
C GLU D 40 -24.85 22.64 -4.60
N TRP D 41 -25.31 22.20 -5.77
CA TRP D 41 -26.09 20.99 -5.91
C TRP D 41 -25.23 19.72 -5.93
N CYS D 42 -23.91 19.91 -5.91
CA CYS D 42 -22.97 18.80 -6.04
C CYS D 42 -22.63 18.17 -4.69
N GLY D 43 -23.15 16.96 -4.49
CA GLY D 43 -22.98 16.21 -3.24
C GLY D 43 -21.55 15.94 -2.85
N PRO D 44 -20.75 15.33 -3.76
CA PRO D 44 -19.33 15.11 -3.48
C PRO D 44 -18.51 16.41 -3.32
N CYS D 45 -19.00 17.51 -3.89
CA CYS D 45 -18.36 18.82 -3.72
C CYS D 45 -18.51 19.33 -2.29
N LYS D 46 -19.73 19.28 -1.78
CA LYS D 46 -20.04 19.66 -0.40
C LYS D 46 -19.29 18.81 0.62
N MET D 47 -19.04 17.55 0.27
CA MET D 47 -18.41 16.62 1.19
C MET D 47 -16.88 16.72 1.31
N ILE D 48 -16.23 17.31 0.30
CA ILE D 48 -14.78 17.57 0.40
C ILE D 48 -14.50 19.01 0.82
N ALA D 49 -15.54 19.82 0.92
CA ALA D 49 -15.42 21.23 1.30
C ALA D 49 -14.69 21.46 2.63
N PRO D 50 -15.00 20.66 3.68
CA PRO D 50 -14.26 20.81 4.93
C PRO D 50 -12.85 20.22 4.88
N ILE D 51 -12.66 19.22 4.02
CA ILE D 51 -11.35 18.61 3.80
C ILE D 51 -10.39 19.62 3.15
N LEU D 52 -10.94 20.48 2.29
CA LEU D 52 -10.21 21.58 1.66
C LEU D 52 -9.90 22.72 2.64
N ASP D 53 -10.75 22.88 3.66
CA ASP D 53 -10.50 23.87 4.72
C ASP D 53 -9.27 23.50 5.52
N GLU D 54 -9.21 22.24 5.95
CA GLU D 54 -8.10 21.71 6.74
C GLU D 54 -6.78 21.76 5.96
N ILE D 55 -6.83 21.32 4.70
CA ILE D 55 -5.67 21.36 3.81
C ILE D 55 -5.16 22.80 3.59
N ALA D 56 -6.07 23.74 3.40
CA ALA D 56 -5.72 25.15 3.25
C ALA D 56 -4.89 25.66 4.44
N ASP D 57 -5.22 25.18 5.63
CA ASP D 57 -4.51 25.56 6.84
C ASP D 57 -3.24 24.74 7.08
N GLU D 58 -3.31 23.43 6.80
CA GLU D 58 -2.17 22.52 7.00
C GLU D 58 -1.05 22.71 5.98
N TYR D 59 -1.41 23.23 4.80
CA TYR D 59 -0.45 23.41 3.71
C TYR D 59 -0.09 24.88 3.49
N GLN D 60 -0.53 25.73 4.42
CA GLN D 60 -0.26 27.16 4.37
C GLN D 60 1.25 27.40 4.28
N GLY D 61 1.67 28.10 3.23
CA GLY D 61 3.09 28.34 2.98
C GLY D 61 3.60 27.61 1.75
N LYS D 62 3.03 26.44 1.47
CA LYS D 62 3.40 25.66 0.28
C LYS D 62 2.24 25.45 -0.69
N LEU D 63 1.03 25.82 -0.27
CA LEU D 63 -0.16 25.65 -1.08
C LEU D 63 -1.29 26.59 -0.65
N THR D 64 -1.93 27.21 -1.63
CA THR D 64 -3.19 27.91 -1.39
C THR D 64 -4.33 27.24 -2.16
N VAL D 65 -5.46 27.08 -1.48
CA VAL D 65 -6.64 26.45 -2.05
C VAL D 65 -7.55 27.54 -2.62
N ALA D 66 -8.07 27.30 -3.82
CA ALA D 66 -9.00 28.22 -4.45
C ALA D 66 -10.23 27.47 -4.94
N LYS D 67 -11.38 28.14 -4.97
CA LYS D 67 -12.64 27.51 -5.39
C LYS D 67 -13.36 28.29 -6.46
N LEU D 68 -13.75 27.61 -7.54
CA LEU D 68 -14.60 28.21 -8.57
C LEU D 68 -15.94 27.49 -8.68
N ASN D 69 -17.00 28.23 -8.41
CA ASN D 69 -18.36 27.76 -8.55
C ASN D 69 -18.80 27.92 -10.01
N ILE D 70 -19.08 26.79 -10.66
CA ILE D 70 -19.34 26.76 -12.11
C ILE D 70 -20.72 27.26 -12.52
N ASP D 71 -21.67 27.30 -11.58
CA ASP D 71 -23.00 27.87 -11.86
C ASP D 71 -22.91 29.38 -11.96
N GLN D 72 -22.19 29.98 -11.02
CA GLN D 72 -22.03 31.43 -10.94
C GLN D 72 -20.97 31.92 -11.93
N ASN D 73 -20.01 31.05 -12.23
CA ASN D 73 -18.93 31.38 -13.16
C ASN D 73 -18.77 30.28 -14.21
N PRO D 74 -19.59 30.34 -15.29
CA PRO D 74 -19.71 29.26 -16.26
C PRO D 74 -18.64 29.22 -17.34
N GLY D 75 -17.78 30.24 -17.38
CA GLY D 75 -16.79 30.39 -18.45
C GLY D 75 -15.52 29.57 -18.34
N THR D 76 -14.96 29.51 -17.14
CA THR D 76 -13.61 28.94 -16.93
C THR D 76 -13.49 27.43 -17.12
N ALA D 77 -14.39 26.67 -16.49
CA ALA D 77 -14.31 25.20 -16.48
C ALA D 77 -14.23 24.53 -17.86
N PRO D 78 -15.08 24.95 -18.83
CA PRO D 78 -15.01 24.32 -20.16
C PRO D 78 -13.70 24.51 -20.92
N LYS D 79 -12.99 25.61 -20.67
CA LYS D 79 -11.71 25.84 -21.35
C LYS D 79 -10.54 25.06 -20.73
N TYR D 80 -10.84 24.33 -19.64
CA TYR D 80 -9.87 23.44 -19.00
C TYR D 80 -10.31 21.98 -19.07
N GLY D 81 -11.35 21.72 -19.87
CA GLY D 81 -11.85 20.36 -20.09
C GLY D 81 -12.47 19.71 -18.87
N ILE D 82 -13.07 20.53 -18.01
CA ILE D 82 -13.74 20.04 -16.81
C ILE D 82 -15.03 19.33 -17.24
N ARG D 83 -15.21 18.12 -16.74
CA ARG D 83 -16.35 17.29 -17.09
C ARG D 83 -17.26 17.17 -15.87
N GLY D 84 -16.91 16.25 -14.99
CA GLY D 84 -17.64 16.05 -13.75
C GLY D 84 -17.09 16.92 -12.64
N ILE D 85 -17.91 17.14 -11.63
CA ILE D 85 -17.49 17.89 -10.45
C ILE D 85 -17.70 17.04 -9.19
N PRO D 86 -16.82 17.20 -8.18
CA PRO D 86 -15.73 18.17 -8.15
C PRO D 86 -14.51 17.76 -8.96
N THR D 87 -13.81 18.74 -9.49
CA THR D 87 -12.52 18.53 -10.14
C THR D 87 -11.48 19.44 -9.49
N LEU D 88 -10.34 18.85 -9.17
CA LEU D 88 -9.21 19.58 -8.60
C LEU D 88 -8.09 19.73 -9.63
N LEU D 89 -7.73 20.97 -9.94
CA LEU D 89 -6.58 21.26 -10.78
C LEU D 89 -5.46 21.92 -9.97
N LEU D 90 -4.30 21.28 -9.96
CA LEU D 90 -3.13 21.84 -9.28
C LEU D 90 -2.28 22.67 -10.24
N PHE D 91 -2.35 23.99 -10.08
CA PHE D 91 -1.57 24.94 -10.87
C PHE D 91 -0.21 25.22 -10.23
N LYS D 92 0.80 25.33 -11.08
CA LYS D 92 2.15 25.71 -10.67
C LYS D 92 2.70 26.68 -11.70
N ASN D 93 3.09 27.87 -11.24
CA ASN D 93 3.57 28.93 -12.13
C ASN D 93 2.75 29.04 -13.42
N GLY D 94 1.44 29.26 -13.27
CA GLY D 94 0.53 29.36 -14.41
C GLY D 94 0.31 28.10 -15.24
N GLU D 95 1.01 27.03 -14.88
CA GLU D 95 0.89 25.73 -15.56
C GLU D 95 0.08 24.73 -14.75
N VAL D 96 -0.70 23.90 -15.45
CA VAL D 96 -1.41 22.80 -14.80
C VAL D 96 -0.42 21.67 -14.54
N ALA D 97 -0.13 21.44 -13.27
CA ALA D 97 0.85 20.43 -12.86
C ALA D 97 0.23 19.06 -12.63
N ALA D 98 -0.96 19.04 -12.03
CA ALA D 98 -1.66 17.81 -11.72
C ALA D 98 -3.18 17.97 -11.79
N THR D 99 -3.87 16.85 -11.60
CA THR D 99 -5.29 16.75 -11.83
C THR D 99 -5.88 15.65 -10.96
N LYS D 100 -6.99 15.95 -10.30
CA LYS D 100 -7.76 14.95 -9.59
C LYS D 100 -9.25 15.23 -9.78
N VAL D 101 -9.92 14.23 -10.33
CA VAL D 101 -11.34 14.27 -10.61
C VAL D 101 -12.08 13.51 -9.52
N GLY D 102 -13.15 14.11 -9.00
CA GLY D 102 -14.02 13.44 -8.02
C GLY D 102 -13.60 13.66 -6.58
N ALA D 103 -14.51 13.30 -5.66
CA ALA D 103 -14.25 13.42 -4.23
C ALA D 103 -13.24 12.38 -3.78
N LEU D 104 -12.45 12.74 -2.77
CA LEU D 104 -11.56 11.78 -2.12
C LEU D 104 -11.34 12.14 -0.65
N SER D 105 -10.69 11.25 0.08
CA SER D 105 -10.47 11.44 1.51
C SER D 105 -9.31 12.39 1.80
N LYS D 106 -9.18 12.77 3.07
CA LYS D 106 -8.08 13.58 3.57
C LYS D 106 -6.73 12.94 3.25
N GLY D 107 -6.62 11.65 3.53
CA GLY D 107 -5.40 10.90 3.27
C GLY D 107 -5.07 10.79 1.79
N GLN D 108 -6.10 10.50 0.99
CA GLN D 108 -5.95 10.39 -0.47
C GLN D 108 -5.50 11.70 -1.10
N LEU D 109 -6.05 12.82 -0.62
CA LEU D 109 -5.69 14.15 -1.10
C LEU D 109 -4.27 14.53 -0.69
N LYS D 110 -3.93 14.27 0.57
CA LYS D 110 -2.58 14.50 1.08
C LYS D 110 -1.55 13.74 0.24
N GLU D 111 -1.85 12.47 -0.04
CA GLU D 111 -1.02 11.61 -0.89
C GLU D 111 -0.84 12.23 -2.28
N PHE D 112 -1.92 12.79 -2.81
CA PHE D 112 -1.91 13.44 -4.12
C PHE D 112 -1.11 14.74 -4.10
N LEU D 113 -1.32 15.54 -3.06
CA LEU D 113 -0.61 16.80 -2.89
C LEU D 113 0.88 16.59 -2.64
N ASP D 114 1.21 15.66 -1.74
CA ASP D 114 2.59 15.32 -1.44
C ASP D 114 3.35 14.82 -2.67
N ALA D 115 2.74 13.92 -3.42
CA ALA D 115 3.34 13.34 -4.63
C ALA D 115 3.52 14.36 -5.74
N ASN D 116 2.79 15.48 -5.65
CA ASN D 116 2.76 16.48 -6.71
C ASN D 116 3.30 17.86 -6.36
N LEU D 117 3.52 18.11 -5.07
CA LEU D 117 4.16 19.34 -4.64
C LEU D 117 5.68 19.19 -4.66
N ALA D 118 6.39 20.30 -4.58
CA ALA D 118 7.84 20.31 -4.59
C ALA D 118 8.41 19.61 -3.35
N GLY D 119 9.30 18.66 -3.58
CA GLY D 119 9.89 17.87 -2.49
C GLY D 119 11.38 18.06 -2.37
N SER D 120 11.89 17.89 -1.15
CA SER D 120 13.32 18.04 -0.83
C SER D 120 13.92 19.32 -1.41
N ALA D 121 13.23 20.43 -1.17
CA ALA D 121 13.62 21.74 -1.71
C ALA D 121 15.06 22.07 -1.36
N MET D 122 15.80 22.56 -2.36
CA MET D 122 17.20 22.94 -2.17
C MET D 122 17.59 24.07 -3.12
N GLU D 123 18.62 24.82 -2.73
CA GLU D 123 19.28 25.74 -3.63
C GLU D 123 20.23 24.91 -4.48
N SER D 124 20.06 24.99 -5.79
CA SER D 124 20.79 24.12 -6.73
C SER D 124 22.18 24.66 -7.05
N THR D 125 23.09 23.74 -7.39
CA THR D 125 24.42 24.13 -7.89
C THR D 125 24.35 24.56 -9.35
N VAL D 126 23.23 24.23 -10.00
CA VAL D 126 23.06 24.44 -11.44
C VAL D 126 22.37 25.77 -11.75
N MET D 127 23.00 26.54 -12.62
CA MET D 127 22.45 27.78 -13.15
C MET D 127 22.06 27.57 -14.61
N VAL D 128 20.94 28.13 -15.03
CA VAL D 128 20.56 28.14 -16.44
C VAL D 128 20.51 29.57 -16.97
N LEU D 129 21.19 29.79 -18.10
CA LEU D 129 21.22 31.08 -18.78
C LEU D 129 20.39 31.03 -20.06
N ARG D 130 19.35 31.86 -20.09
CA ARG D 130 18.40 31.89 -21.21
C ARG D 130 18.54 33.21 -21.95
N ASN D 131 18.35 33.16 -23.27
CA ASN D 131 18.46 34.32 -24.15
C ASN D 131 19.87 34.93 -24.18
N MET D 132 20.88 34.07 -24.09
CA MET D 132 22.27 34.51 -24.11
C MET D 132 22.90 34.45 -25.49
N VAL D 133 22.60 33.38 -26.24
CA VAL D 133 23.09 33.22 -27.61
C VAL D 133 22.01 32.69 -28.56
N ASP D 134 22.19 32.99 -29.83
CA ASP D 134 21.37 32.42 -30.89
C ASP D 134 22.05 31.12 -31.35
N PRO D 135 21.25 30.11 -31.75
CA PRO D 135 21.75 28.83 -32.24
C PRO D 135 22.89 28.93 -33.26
N LYS D 136 22.84 29.94 -34.12
CA LYS D 136 23.87 30.16 -35.14
C LYS D 136 25.16 30.73 -34.55
N ASP D 137 25.03 31.45 -33.45
CA ASP D 137 26.17 32.07 -32.79
C ASP D 137 27.02 31.06 -32.03
N ILE D 138 26.45 29.90 -31.74
CA ILE D 138 27.18 28.80 -31.12
C ILE D 138 28.34 28.40 -32.01
N ASP D 139 29.53 28.38 -31.43
CA ASP D 139 30.71 27.84 -32.10
C ASP D 139 31.48 26.94 -31.14
N ASP D 140 32.71 26.60 -31.50
CA ASP D 140 33.51 25.65 -30.73
C ASP D 140 34.10 26.25 -29.46
N ASP D 141 34.15 27.58 -29.38
CA ASP D 141 34.79 28.28 -28.27
C ASP D 141 33.82 28.67 -27.15
N LEU D 142 32.52 28.72 -27.46
CA LEU D 142 31.49 29.20 -26.53
C LEU D 142 31.50 28.53 -25.15
N GLU D 143 31.64 27.21 -25.13
CA GLU D 143 31.63 26.46 -23.88
C GLU D 143 32.81 26.88 -22.98
N GLY D 144 34.02 26.86 -23.55
CA GLY D 144 35.22 27.30 -22.84
C GLY D 144 35.14 28.75 -22.41
N GLU D 145 34.52 29.58 -23.25
CA GLU D 145 34.31 30.99 -22.95
C GLU D 145 33.39 31.16 -21.74
N VAL D 146 32.30 30.40 -21.72
CA VAL D 146 31.33 30.42 -20.62
C VAL D 146 31.95 29.95 -19.29
N THR D 147 32.75 28.89 -19.33
CA THR D 147 33.34 28.36 -18.10
C THR D 147 34.40 29.32 -17.52
N GLU D 148 35.07 30.06 -18.40
CA GLU D 148 36.01 31.10 -17.99
C GLU D 148 35.34 32.29 -17.32
N GLU D 149 34.27 32.81 -17.93
N GLU D 149 34.26 32.78 -17.92
CA GLU D 149 33.52 33.94 -17.37
CA GLU D 149 33.52 33.91 -17.37
C GLU D 149 32.88 33.59 -16.02
C GLU D 149 32.89 33.57 -16.02
N CYS D 150 32.23 32.42 -15.94
CA CYS D 150 31.58 31.98 -14.70
C CYS D 150 32.59 31.52 -13.64
N GLY D 151 33.82 31.29 -14.07
CA GLY D 151 34.94 31.01 -13.17
C GLY D 151 35.20 32.11 -12.14
N LYS D 152 34.83 33.34 -12.48
CA LYS D 152 34.97 34.48 -11.56
C LYS D 152 34.03 34.39 -10.37
N PHE D 153 33.05 33.48 -10.43
CA PHE D 153 32.05 33.32 -9.37
C PHE D 153 32.36 32.12 -8.48
N GLY D 154 33.13 31.18 -9.02
CA GLY D 154 33.49 29.97 -8.30
C GLY D 154 33.89 28.88 -9.28
N ALA D 155 34.17 27.69 -8.74
CA ALA D 155 34.53 26.54 -9.55
C ALA D 155 33.32 26.09 -10.36
N VAL D 156 33.51 25.97 -11.68
CA VAL D 156 32.47 25.40 -12.53
C VAL D 156 32.84 23.96 -12.85
N ASN D 157 31.91 23.05 -12.54
CA ASN D 157 32.06 21.63 -12.84
C ASN D 157 31.86 21.33 -14.33
N ARG D 158 30.75 21.87 -14.86
CA ARG D 158 30.32 21.58 -16.22
C ARG D 158 29.55 22.73 -16.84
N VAL D 159 29.69 22.88 -18.15
CA VAL D 159 28.88 23.79 -18.94
C VAL D 159 28.29 23.02 -20.12
N ILE D 160 26.96 23.07 -20.23
CA ILE D 160 26.26 22.45 -21.35
C ILE D 160 25.58 23.51 -22.22
N ILE D 161 25.96 23.53 -23.48
CA ILE D 161 25.27 24.35 -24.49
C ILE D 161 24.12 23.52 -25.05
N TYR D 162 22.91 23.82 -24.58
CA TYR D 162 21.72 23.03 -24.90
C TYR D 162 20.82 23.73 -25.90
N GLN D 163 20.46 23.00 -26.95
CA GLN D 163 19.57 23.50 -27.98
C GLN D 163 18.20 22.82 -27.90
N GLU D 164 17.15 23.61 -27.67
CA GLU D 164 15.81 23.08 -27.44
C GLU D 164 14.82 23.57 -28.49
N LYS D 165 14.07 22.62 -29.06
CA LYS D 165 13.01 22.93 -30.02
C LYS D 165 11.74 23.35 -29.27
N GLN D 166 11.19 24.49 -29.66
CA GLN D 166 10.04 25.08 -28.95
C GLN D 166 8.72 24.79 -29.66
N GLY D 167 8.39 23.51 -29.74
CA GLY D 167 7.20 23.07 -30.49
C GLY D 167 7.51 21.85 -31.32
N GLU D 168 6.45 21.16 -31.75
CA GLU D 168 6.59 19.91 -32.49
C GLU D 168 6.62 20.12 -34.00
N GLU D 169 6.06 21.25 -34.45
CA GLU D 169 6.03 21.59 -35.87
C GLU D 169 7.41 21.64 -36.51
N GLU D 170 7.49 21.33 -37.80
CA GLU D 170 8.76 21.23 -38.53
C GLU D 170 9.43 22.60 -38.71
N ASP D 171 8.99 23.56 -37.90
CA ASP D 171 9.26 24.97 -38.11
C ASP D 171 9.75 25.64 -36.82
N ALA D 172 9.46 25.00 -35.69
CA ALA D 172 9.65 25.58 -34.36
C ALA D 172 11.03 26.19 -34.15
N GLU D 173 11.05 27.35 -33.49
CA GLU D 173 12.28 27.99 -33.07
C GLU D 173 13.07 27.06 -32.16
N ILE D 174 14.36 26.90 -32.47
CA ILE D 174 15.29 26.32 -31.51
C ILE D 174 15.90 27.46 -30.70
N ILE D 175 15.87 27.31 -29.37
CA ILE D 175 16.55 28.26 -28.48
C ILE D 175 17.68 27.57 -27.73
N VAL D 176 18.59 28.38 -27.20
CA VAL D 176 19.73 27.86 -26.46
C VAL D 176 19.56 28.08 -24.96
N LYS D 177 19.74 27.00 -24.21
CA LYS D 177 19.89 27.09 -22.77
C LYS D 177 21.35 26.79 -22.45
N ILE D 178 21.99 27.70 -21.73
CA ILE D 178 23.34 27.45 -21.25
C ILE D 178 23.27 27.07 -19.78
N PHE D 179 23.61 25.81 -19.49
CA PHE D 179 23.63 25.30 -18.14
C PHE D 179 25.04 25.42 -17.56
N VAL D 180 25.14 26.01 -16.37
CA VAL D 180 26.43 26.11 -15.69
C VAL D 180 26.33 25.46 -14.32
N GLU D 181 27.05 24.37 -14.14
CA GLU D 181 27.07 23.62 -12.88
C GLU D 181 28.27 24.02 -12.02
N PHE D 182 28.00 24.65 -10.88
CA PHE D 182 29.05 25.03 -9.93
C PHE D 182 29.29 23.93 -8.90
N SER D 183 30.43 23.99 -8.20
CA SER D 183 30.81 22.95 -7.25
C SER D 183 29.93 22.97 -6.00
N ILE D 184 29.45 24.15 -5.64
CA ILE D 184 28.59 24.35 -4.47
C ILE D 184 27.60 25.50 -4.72
N ALA D 185 26.40 25.36 -4.15
CA ALA D 185 25.26 26.25 -4.43
C ALA D 185 25.46 27.71 -4.07
N SER D 186 26.45 27.99 -3.22
CA SER D 186 26.79 29.36 -2.84
C SER D 186 27.48 30.10 -3.98
N GLU D 187 28.21 29.36 -4.81
CA GLU D 187 28.84 29.90 -6.01
C GLU D 187 27.76 30.20 -7.05
N THR D 188 26.85 29.25 -7.24
CA THR D 188 25.71 29.40 -8.15
C THR D 188 24.86 30.63 -7.84
N HIS D 189 24.57 30.82 -6.55
CA HIS D 189 23.78 31.96 -6.08
C HIS D 189 24.43 33.30 -6.43
N LYS D 190 25.74 33.39 -6.28
CA LYS D 190 26.52 34.59 -6.62
C LYS D 190 26.40 34.93 -8.10
N ALA D 191 26.57 33.91 -8.93
CA ALA D 191 26.55 34.05 -10.38
C ALA D 191 25.18 34.49 -10.88
N ILE D 192 24.14 33.86 -10.36
CA ILE D 192 22.77 34.18 -10.75
C ILE D 192 22.45 35.64 -10.46
N GLN D 193 22.75 36.08 -9.24
CA GLN D 193 22.46 37.44 -8.80
C GLN D 193 23.24 38.50 -9.58
N ALA D 194 24.45 38.16 -10.03
CA ALA D 194 25.30 39.08 -10.80
C ALA D 194 24.95 39.11 -12.29
N LEU D 195 24.36 38.02 -12.78
CA LEU D 195 24.08 37.88 -14.22
C LEU D 195 22.62 38.14 -14.61
N ASN D 196 21.69 37.84 -13.69
CA ASN D 196 20.27 37.93 -13.99
C ASN D 196 19.83 39.35 -14.33
N GLY D 197 19.28 39.52 -15.53
CA GLY D 197 18.76 40.80 -15.99
C GLY D 197 19.77 41.66 -16.72
N ARG D 198 21.04 41.26 -16.66
CA ARG D 198 22.13 42.02 -17.26
C ARG D 198 22.21 41.79 -18.76
N TRP D 199 22.41 42.88 -19.51
CA TRP D 199 22.59 42.81 -20.95
C TRP D 199 24.02 42.39 -21.26
N PHE D 200 24.18 41.59 -22.32
CA PHE D 200 25.50 41.05 -22.67
C PHE D 200 25.99 41.46 -24.06
N ALA D 201 25.75 40.62 -25.06
CA ALA D 201 26.13 40.93 -26.44
C ALA D 201 24.92 41.40 -27.24
N GLY D 202 24.25 42.44 -26.72
CA GLY D 202 23.01 42.94 -27.32
C GLY D 202 21.78 42.20 -26.83
N ARG D 203 21.98 41.30 -25.87
CA ARG D 203 20.91 40.46 -25.34
C ARG D 203 20.79 40.61 -23.83
N LYS D 204 19.55 40.76 -23.35
CA LYS D 204 19.25 40.74 -21.92
C LYS D 204 19.15 39.29 -21.47
N VAL D 205 20.02 38.90 -20.53
CA VAL D 205 20.15 37.51 -20.11
C VAL D 205 19.35 37.19 -18.85
N VAL D 206 18.69 36.03 -18.86
CA VAL D 206 17.98 35.52 -17.69
C VAL D 206 18.80 34.39 -17.06
N ALA D 207 19.25 34.63 -15.82
CA ALA D 207 19.98 33.63 -15.05
C ALA D 207 19.14 33.21 -13.86
N GLU D 208 18.96 31.89 -13.69
CA GLU D 208 18.18 31.36 -12.59
C GLU D 208 18.64 29.96 -12.19
N VAL D 209 18.18 29.49 -11.03
CA VAL D 209 18.46 28.13 -10.59
C VAL D 209 17.76 27.12 -11.50
N TYR D 210 18.41 25.97 -11.69
CA TYR D 210 17.79 24.86 -12.38
C TYR D 210 17.75 23.66 -11.45
N ASP D 211 16.62 22.96 -11.40
CA ASP D 211 16.46 21.82 -10.51
C ASP D 211 17.63 20.85 -10.66
N GLN D 212 18.33 20.62 -9.55
CA GLN D 212 19.55 19.84 -9.55
C GLN D 212 19.32 18.37 -9.89
N GLU D 213 18.24 17.78 -9.35
CA GLU D 213 17.94 16.38 -9.62
C GLU D 213 17.55 16.15 -11.08
N ARG D 214 16.84 17.12 -11.67
CA ARG D 214 16.57 17.10 -13.11
C ARG D 214 17.87 17.09 -13.89
N PHE D 215 18.74 18.06 -13.60
CA PHE D 215 20.05 18.17 -14.25
C PHE D 215 20.90 16.91 -14.05
N ASP D 216 20.97 16.43 -12.81
CA ASP D 216 21.73 15.22 -12.47
C ASP D 216 21.24 14.00 -13.25
N ASN D 217 19.96 13.98 -13.58
CA ASN D 217 19.34 12.87 -14.30
C ASN D 217 19.21 13.13 -15.81
N SER D 218 19.97 14.10 -16.32
CA SER D 218 20.01 14.43 -17.76
C SER D 218 18.68 14.95 -18.33
N ASP D 219 17.89 15.61 -17.49
CA ASP D 219 16.65 16.26 -17.91
C ASP D 219 16.87 17.76 -18.01
N LEU D 220 17.09 18.23 -19.23
CA LEU D 220 17.40 19.63 -19.49
C LEU D 220 16.22 20.40 -20.09
N SER D 221 15.02 19.85 -19.90
CA SER D 221 13.82 20.35 -20.58
C SER D 221 13.08 21.49 -19.86
N ALA D 222 13.39 21.72 -18.59
CA ALA D 222 12.67 22.72 -17.82
C ALA D 222 13.26 24.13 -17.95
N LYS E 13 -3.92 13.84 38.38
CA LYS E 13 -3.79 13.80 36.90
C LYS E 13 -3.24 12.43 36.50
N ILE E 14 -1.94 12.36 36.23
CA ILE E 14 -1.29 11.07 35.98
C ILE E 14 -0.88 10.48 37.33
N ILE E 15 -1.34 9.25 37.57
CA ILE E 15 -1.03 8.51 38.78
C ILE E 15 0.40 7.97 38.71
N HIS E 16 1.16 8.16 39.78
CA HIS E 16 2.51 7.62 39.87
C HIS E 16 2.56 6.40 40.77
N LEU E 17 3.09 5.31 40.23
CA LEU E 17 3.01 4.00 40.87
C LEU E 17 4.28 3.61 41.58
N THR E 18 4.15 2.69 42.52
CA THR E 18 5.28 2.05 43.20
C THR E 18 5.11 0.54 43.08
N ASP E 19 6.18 -0.21 43.36
CA ASP E 19 6.12 -1.68 43.40
C ASP E 19 5.05 -2.16 44.39
N ASP E 20 4.97 -1.47 45.52
CA ASP E 20 4.02 -1.80 46.58
C ASP E 20 2.57 -1.39 46.27
N SER E 21 2.39 -0.39 45.42
CA SER E 21 1.04 0.13 45.11
C SER E 21 0.45 -0.40 43.80
N PHE E 22 1.25 -1.13 43.03
CA PHE E 22 0.86 -1.59 41.70
C PHE E 22 -0.43 -2.42 41.73
N ASP E 23 -0.49 -3.38 42.65
CA ASP E 23 -1.66 -4.26 42.79
C ASP E 23 -2.96 -3.48 42.99
N THR E 24 -2.97 -2.59 43.99
CA THR E 24 -4.15 -1.81 44.32
C THR E 24 -4.50 -0.76 43.25
N ASP E 25 -3.48 -0.04 42.77
CA ASP E 25 -3.70 1.08 41.85
C ASP E 25 -3.81 0.69 40.36
N VAL E 26 -3.51 -0.56 40.03
CA VAL E 26 -3.61 -1.03 38.64
C VAL E 26 -4.50 -2.27 38.51
N LEU E 27 -4.11 -3.36 39.20
CA LEU E 27 -4.78 -4.65 39.06
C LEU E 27 -6.16 -4.68 39.70
N LYS E 28 -6.33 -3.94 40.80
CA LYS E 28 -7.60 -3.83 41.51
C LYS E 28 -8.37 -2.57 41.13
N ALA E 29 -7.81 -1.80 40.20
CA ALA E 29 -8.33 -0.47 39.85
C ALA E 29 -9.57 -0.49 38.96
N ASP E 30 -10.30 0.62 38.99
CA ASP E 30 -11.49 0.79 38.16
C ASP E 30 -11.13 1.32 36.77
N GLY E 31 -11.63 0.62 35.74
CA GLY E 31 -11.47 1.04 34.36
C GLY E 31 -10.14 0.70 33.71
N ALA E 32 -9.87 1.33 32.58
CA ALA E 32 -8.64 1.10 31.84
C ALA E 32 -7.49 1.89 32.45
N ILE E 33 -6.38 1.21 32.69
CA ILE E 33 -5.16 1.82 33.21
C ILE E 33 -4.06 1.68 32.18
N LEU E 34 -3.51 2.80 31.74
CA LEU E 34 -2.37 2.80 30.83
C LEU E 34 -1.10 3.02 31.65
N VAL E 35 -0.29 1.97 31.76
CA VAL E 35 0.94 2.04 32.56
C VAL E 35 2.15 2.32 31.67
N ASP E 36 2.86 3.39 32.01
CA ASP E 36 4.08 3.79 31.33
C ASP E 36 5.28 3.42 32.20
N PHE E 37 6.06 2.45 31.72
CA PHE E 37 7.33 2.09 32.36
C PHE E 37 8.42 2.99 31.81
N TRP E 38 9.02 3.80 32.68
CA TRP E 38 9.93 4.86 32.26
C TRP E 38 11.12 5.05 33.21
N ALA E 39 12.05 5.92 32.82
CA ALA E 39 13.17 6.33 33.65
C ALA E 39 13.64 7.71 33.19
N GLU E 40 14.31 8.44 34.09
CA GLU E 40 14.73 9.82 33.82
C GLU E 40 15.72 9.98 32.67
N TRP E 41 16.60 8.99 32.51
CA TRP E 41 17.67 9.03 31.50
C TRP E 41 17.17 8.59 30.12
N CYS E 42 15.92 8.15 30.06
CA CYS E 42 15.34 7.58 28.85
C CYS E 42 14.80 8.68 27.93
N GLY E 43 15.48 8.88 26.81
CA GLY E 43 15.14 9.93 25.85
C GLY E 43 13.72 9.83 25.30
N PRO E 44 13.37 8.71 24.67
CA PRO E 44 12.00 8.48 24.18
C PRO E 44 10.89 8.59 25.26
N CYS E 45 11.23 8.29 26.51
CA CYS E 45 10.29 8.43 27.63
C CYS E 45 9.88 9.88 27.87
N LYS E 46 10.86 10.79 27.78
CA LYS E 46 10.62 12.21 27.99
C LYS E 46 9.91 12.81 26.79
N MET E 47 10.14 12.23 25.61
CA MET E 47 9.50 12.69 24.38
C MET E 47 8.01 12.32 24.30
N ILE E 48 7.63 11.20 24.92
CA ILE E 48 6.22 10.81 24.99
C ILE E 48 5.51 11.35 26.24
N ALA E 49 6.30 11.84 27.20
CA ALA E 49 5.77 12.40 28.44
C ALA E 49 4.70 13.50 28.23
N PRO E 50 4.97 14.50 27.35
CA PRO E 50 3.94 15.52 27.06
C PRO E 50 2.72 14.96 26.33
N ILE E 51 2.91 13.93 25.52
CA ILE E 51 1.82 13.25 24.81
C ILE E 51 0.89 12.56 25.82
N LEU E 52 1.49 11.92 26.82
CA LEU E 52 0.75 11.27 27.90
C LEU E 52 -0.05 12.25 28.75
N ASP E 53 0.43 13.49 28.85
CA ASP E 53 -0.26 14.56 29.58
C ASP E 53 -1.56 14.95 28.88
N GLU E 54 -1.47 15.15 27.56
CA GLU E 54 -2.63 15.47 26.74
C GLU E 54 -3.66 14.34 26.78
N ILE E 55 -3.16 13.11 26.64
CA ILE E 55 -3.97 11.89 26.66
C ILE E 55 -4.71 11.70 27.99
N ALA E 56 -4.03 12.00 29.10
CA ALA E 56 -4.64 11.89 30.43
C ALA E 56 -5.86 12.79 30.59
N ASP E 57 -5.84 13.94 29.91
CA ASP E 57 -6.92 14.91 29.98
C ASP E 57 -7.98 14.68 28.90
N GLU E 58 -7.54 14.37 27.69
CA GLU E 58 -8.46 14.10 26.57
C GLU E 58 -9.28 12.82 26.78
N TYR E 59 -8.67 11.85 27.46
CA TYR E 59 -9.33 10.58 27.74
C TYR E 59 -9.80 10.47 29.20
N GLN E 60 -9.82 11.61 29.90
CA GLN E 60 -10.25 11.67 31.29
C GLN E 60 -11.68 11.16 31.44
N GLY E 61 -11.87 10.21 32.34
CA GLY E 61 -13.17 9.57 32.55
C GLY E 61 -13.28 8.19 31.93
N LYS E 62 -12.47 7.94 30.91
CA LYS E 62 -12.47 6.63 30.23
C LYS E 62 -11.13 5.91 30.34
N LEU E 63 -10.08 6.64 30.72
CA LEU E 63 -8.74 6.08 30.88
C LEU E 63 -7.99 6.75 32.02
N THR E 64 -7.21 5.96 32.75
CA THR E 64 -6.25 6.48 33.71
C THR E 64 -4.84 6.24 33.18
N VAL E 65 -4.08 7.31 33.05
CA VAL E 65 -2.68 7.20 32.65
C VAL E 65 -1.82 7.11 33.90
N ALA E 66 -1.03 6.05 33.98
CA ALA E 66 -0.18 5.79 35.13
C ALA E 66 1.27 5.60 34.71
N LYS E 67 2.19 5.97 35.59
CA LYS E 67 3.62 5.82 35.33
C LYS E 67 4.32 5.05 36.45
N LEU E 68 5.25 4.18 36.06
CA LEU E 68 6.13 3.50 37.00
C LEU E 68 7.59 3.67 36.57
N ASN E 69 8.34 4.41 37.38
CA ASN E 69 9.77 4.57 37.15
C ASN E 69 10.50 3.30 37.57
N ILE E 70 11.20 2.69 36.62
CA ILE E 70 11.81 1.36 36.82
C ILE E 70 13.14 1.36 37.59
N ASP E 71 13.72 2.54 37.78
CA ASP E 71 14.92 2.67 38.59
C ASP E 71 14.56 2.71 40.08
N GLN E 72 13.50 3.45 40.39
CA GLN E 72 12.99 3.62 41.74
C GLN E 72 12.10 2.45 42.16
N ASN E 73 11.49 1.81 41.18
CA ASN E 73 10.63 0.65 41.43
C ASN E 73 11.04 -0.54 40.56
N PRO E 74 12.15 -1.21 40.91
CA PRO E 74 12.73 -2.23 40.03
C PRO E 74 12.03 -3.59 40.08
N GLY E 75 11.08 -3.75 40.99
CA GLY E 75 10.40 -5.04 41.18
C GLY E 75 9.37 -5.41 40.14
N THR E 76 8.58 -4.44 39.67
CA THR E 76 7.38 -4.71 38.87
C THR E 76 7.66 -5.11 37.41
N ALA E 77 8.48 -4.34 36.71
CA ALA E 77 8.65 -4.51 35.26
C ALA E 77 9.12 -5.90 34.79
N PRO E 78 10.07 -6.55 35.49
CA PRO E 78 10.49 -7.89 35.07
C PRO E 78 9.38 -8.95 35.14
N LYS E 79 8.38 -8.71 35.98
CA LYS E 79 7.25 -9.64 36.12
C LYS E 79 6.31 -9.57 34.92
N TYR E 80 6.44 -8.51 34.13
CA TYR E 80 5.63 -8.33 32.93
C TYR E 80 6.47 -8.42 31.65
N GLY E 81 7.70 -8.90 31.80
CA GLY E 81 8.63 -9.04 30.69
C GLY E 81 8.94 -7.75 29.94
N ILE E 82 9.01 -6.64 30.66
CA ILE E 82 9.42 -5.38 30.06
C ILE E 82 10.91 -5.45 29.73
N ARG E 83 11.26 -5.05 28.50
CA ARG E 83 12.66 -5.04 28.08
C ARG E 83 13.13 -3.60 27.92
N GLY E 84 12.87 -3.01 26.74
CA GLY E 84 13.23 -1.63 26.49
C GLY E 84 12.18 -0.67 27.00
N ILE E 85 12.56 0.61 27.11
CA ILE E 85 11.64 1.67 27.55
C ILE E 85 11.61 2.85 26.56
N PRO E 86 10.47 3.56 26.47
CA PRO E 86 9.24 3.32 27.24
C PRO E 86 8.45 2.11 26.76
N THR E 87 7.78 1.44 27.69
CA THR E 87 6.81 0.40 27.35
C THR E 87 5.48 0.76 27.98
N LEU E 88 4.41 0.71 27.20
CA LEU E 88 3.06 0.88 27.73
C LEU E 88 2.30 -0.44 27.76
N LEU E 89 1.75 -0.78 28.92
CA LEU E 89 0.70 -1.79 29.01
C LEU E 89 -0.67 -1.19 29.30
N LEU E 90 -1.70 -1.74 28.66
CA LEU E 90 -3.08 -1.39 28.96
C LEU E 90 -3.74 -2.47 29.80
N PHE E 91 -4.12 -2.11 31.02
CA PHE E 91 -4.81 -3.04 31.92
C PHE E 91 -6.31 -2.73 31.96
N LYS E 92 -7.10 -3.79 32.00
CA LYS E 92 -8.54 -3.70 32.19
C LYS E 92 -8.97 -4.83 33.11
N ASN E 93 -9.48 -4.47 34.28
CA ASN E 93 -9.92 -5.43 35.31
C ASN E 93 -8.86 -6.48 35.64
N GLY E 94 -7.64 -6.01 35.91
CA GLY E 94 -6.52 -6.89 36.27
C GLY E 94 -5.93 -7.71 35.15
N GLU E 95 -6.39 -7.47 33.92
CA GLU E 95 -5.91 -8.19 32.73
C GLU E 95 -5.13 -7.28 31.80
N VAL E 96 -4.03 -7.79 31.25
CA VAL E 96 -3.23 -7.06 30.27
C VAL E 96 -3.92 -7.15 28.90
N ALA E 97 -4.49 -6.03 28.46
CA ALA E 97 -5.27 -5.98 27.23
C ALA E 97 -4.45 -5.67 25.99
N ALA E 98 -3.42 -4.85 26.14
CA ALA E 98 -2.55 -4.45 25.03
C ALA E 98 -1.20 -3.94 25.52
N THR E 99 -0.18 -4.16 24.70
CA THR E 99 1.16 -3.65 24.97
C THR E 99 1.65 -2.81 23.80
N LYS E 100 2.42 -1.78 24.10
CA LYS E 100 3.06 -0.95 23.07
C LYS E 100 4.45 -0.52 23.51
N VAL E 101 5.41 -0.89 22.69
CA VAL E 101 6.83 -0.80 23.00
C VAL E 101 7.48 0.36 22.23
N GLY E 102 8.12 1.27 22.95
CA GLY E 102 8.83 2.38 22.33
C GLY E 102 8.02 3.65 22.16
N ALA E 103 8.69 4.70 21.69
CA ALA E 103 8.06 6.00 21.48
C ALA E 103 7.07 5.98 20.31
N LEU E 104 6.13 6.91 20.35
CA LEU E 104 5.15 7.07 19.29
C LEU E 104 4.55 8.47 19.32
N SER E 105 3.81 8.82 18.28
CA SER E 105 3.20 10.14 18.15
C SER E 105 1.83 10.20 18.83
N LYS E 106 1.35 11.43 19.06
CA LYS E 106 0.05 11.67 19.67
C LYS E 106 -1.06 10.89 18.95
N GLY E 107 -1.03 10.95 17.61
CA GLY E 107 -2.02 10.28 16.77
C GLY E 107 -1.95 8.76 16.84
N GLN E 108 -0.73 8.23 16.93
CA GLN E 108 -0.50 6.78 17.00
C GLN E 108 -0.97 6.18 18.32
N LEU E 109 -0.80 6.92 19.41
CA LEU E 109 -1.23 6.49 20.73
C LEU E 109 -2.76 6.45 20.82
N LYS E 110 -3.40 7.45 20.20
CA LYS E 110 -4.86 7.48 20.09
C LYS E 110 -5.38 6.28 19.31
N GLU E 111 -4.74 6.00 18.17
CA GLU E 111 -5.08 4.85 17.33
C GLU E 111 -4.95 3.54 18.11
N PHE E 112 -3.93 3.47 18.97
CA PHE E 112 -3.70 2.33 19.85
C PHE E 112 -4.75 2.23 20.97
N LEU E 113 -5.08 3.39 21.55
CA LEU E 113 -6.08 3.48 22.61
C LEU E 113 -7.48 3.12 22.12
N ASP E 114 -7.92 3.78 21.05
CA ASP E 114 -9.26 3.58 20.48
C ASP E 114 -9.51 2.15 20.01
N ALA E 115 -8.44 1.45 19.60
CA ALA E 115 -8.54 0.07 19.14
C ALA E 115 -8.54 -0.94 20.30
N ASN E 116 -8.16 -0.49 21.48
CA ASN E 116 -8.03 -1.38 22.64
C ASN E 116 -8.92 -1.03 23.83
N LEU E 117 -9.28 0.25 23.94
CA LEU E 117 -10.24 0.71 24.97
C LEU E 117 -11.56 -0.05 24.88
N ALA E 118 -12.03 -0.24 23.65
CA ALA E 118 -13.23 -1.04 23.39
C ALA E 118 -12.95 -2.52 23.66
N GLY E 119 -13.98 -3.24 24.12
CA GLY E 119 -13.88 -4.68 24.35
C GLY E 119 -14.32 -5.48 23.14
N SER E 120 -15.42 -5.05 22.52
CA SER E 120 -15.90 -5.63 21.27
C SER E 120 -16.58 -4.54 20.46
N ALA E 121 -16.53 -4.67 19.14
CA ALA E 121 -17.18 -3.73 18.25
C ALA E 121 -18.70 -3.94 18.27
N MET E 122 -19.12 -5.13 18.68
CA MET E 122 -20.51 -5.52 18.54
C MET E 122 -20.92 -6.59 19.55
N GLU E 123 -22.12 -6.46 20.08
CA GLU E 123 -22.74 -7.49 20.91
C GLU E 123 -23.30 -8.57 19.99
N SER E 124 -22.77 -9.77 20.12
CA SER E 124 -23.08 -10.88 19.23
C SER E 124 -24.47 -11.49 19.46
N THR E 125 -25.02 -12.09 18.40
CA THR E 125 -26.26 -12.87 18.51
C THR E 125 -25.99 -14.31 18.92
N VAL E 126 -24.71 -14.66 19.01
CA VAL E 126 -24.28 -16.01 19.35
C VAL E 126 -23.82 -16.07 20.80
N MET E 127 -24.36 -17.05 21.52
CA MET E 127 -23.94 -17.36 22.86
C MET E 127 -23.26 -18.73 22.83
N VAL E 128 -22.12 -18.85 23.50
CA VAL E 128 -21.46 -20.14 23.68
C VAL E 128 -21.63 -20.63 25.13
N LEU E 129 -21.97 -21.90 25.28
CA LEU E 129 -22.09 -22.54 26.58
C LEU E 129 -20.92 -23.49 26.81
N ARG E 130 -20.05 -23.11 27.74
CA ARG E 130 -18.87 -23.90 28.06
C ARG E 130 -19.06 -24.69 29.36
N ASN E 131 -18.41 -25.84 29.43
CA ASN E 131 -18.43 -26.72 30.61
C ASN E 131 -19.83 -27.25 30.97
N MET E 132 -20.75 -27.27 30.00
CA MET E 132 -22.11 -27.69 30.27
C MET E 132 -22.29 -29.21 30.27
N VAL E 133 -21.70 -29.86 29.27
CA VAL E 133 -21.90 -31.28 29.04
C VAL E 133 -20.59 -31.96 28.65
N ASP E 134 -20.41 -33.21 29.10
CA ASP E 134 -19.30 -34.04 28.67
C ASP E 134 -19.62 -34.72 27.33
N PRO E 135 -18.59 -34.95 26.49
CA PRO E 135 -18.78 -35.63 25.20
C PRO E 135 -19.48 -36.99 25.33
N LYS E 136 -19.41 -37.60 26.50
CA LYS E 136 -20.09 -38.85 26.78
C LYS E 136 -21.60 -38.65 26.92
N ASP E 137 -22.00 -37.50 27.44
CA ASP E 137 -23.41 -37.21 27.74
C ASP E 137 -24.19 -36.66 26.53
N ILE E 138 -23.51 -36.51 25.39
CA ILE E 138 -24.18 -36.08 24.16
C ILE E 138 -25.05 -37.20 23.58
N ASP E 139 -26.30 -36.87 23.28
CA ASP E 139 -27.18 -37.78 22.53
C ASP E 139 -28.03 -37.04 21.50
N ASP E 140 -28.85 -37.78 20.75
CA ASP E 140 -29.65 -37.24 19.64
C ASP E 140 -30.58 -36.09 20.03
N ASP E 141 -31.01 -36.08 21.30
CA ASP E 141 -32.03 -35.13 21.77
C ASP E 141 -31.45 -33.82 22.26
N LEU E 142 -30.13 -33.78 22.50
CA LEU E 142 -29.46 -32.65 23.13
C LEU E 142 -29.67 -31.30 22.44
N GLU E 143 -29.60 -31.30 21.11
CA GLU E 143 -29.79 -30.08 20.32
C GLU E 143 -31.20 -29.53 20.47
N GLY E 144 -32.19 -30.42 20.38
CA GLY E 144 -33.60 -30.06 20.55
C GLY E 144 -33.92 -29.57 21.95
N GLU E 145 -33.24 -30.16 22.95
CA GLU E 145 -33.39 -29.76 24.34
C GLU E 145 -32.83 -28.37 24.60
N VAL E 146 -31.66 -28.09 24.00
CA VAL E 146 -31.05 -26.76 24.10
C VAL E 146 -31.90 -25.72 23.37
N THR E 147 -32.40 -26.08 22.18
CA THR E 147 -33.27 -25.21 21.41
C THR E 147 -34.53 -24.85 22.19
N GLU E 148 -35.13 -25.85 22.83
CA GLU E 148 -36.34 -25.66 23.65
C GLU E 148 -36.07 -24.79 24.87
N GLU E 149 -35.01 -25.11 25.60
CA GLU E 149 -34.69 -24.39 26.85
C GLU E 149 -34.36 -22.92 26.57
N CYS E 150 -33.56 -22.67 25.53
CA CYS E 150 -33.13 -21.31 25.20
C CYS E 150 -34.22 -20.49 24.50
N GLY E 151 -35.25 -21.17 24.00
CA GLY E 151 -36.44 -20.51 23.47
C GLY E 151 -37.13 -19.60 24.48
N LYS E 152 -36.86 -19.84 25.77
CA LYS E 152 -37.39 -19.03 26.87
C LYS E 152 -36.88 -17.59 26.84
N PHE E 153 -35.76 -17.39 26.16
CA PHE E 153 -35.09 -16.09 26.11
C PHE E 153 -35.31 -15.36 24.78
N GLY E 154 -35.83 -16.07 23.79
CA GLY E 154 -36.07 -15.50 22.47
C GLY E 154 -35.99 -16.50 21.33
N ALA E 155 -35.96 -15.99 20.10
CA ALA E 155 -35.94 -16.82 18.91
C ALA E 155 -34.58 -17.46 18.69
N VAL E 156 -34.53 -18.78 18.71
CA VAL E 156 -33.30 -19.54 18.46
C VAL E 156 -33.20 -19.88 16.98
N ASN E 157 -32.15 -19.33 16.35
CA ASN E 157 -31.84 -19.60 14.95
C ASN E 157 -31.28 -21.00 14.73
N ARG E 158 -30.18 -21.29 15.43
CA ARG E 158 -29.44 -22.52 15.25
C ARG E 158 -28.69 -22.84 16.53
N VAL E 159 -28.57 -24.14 16.81
CA VAL E 159 -27.78 -24.63 17.92
C VAL E 159 -26.72 -25.58 17.36
N ILE E 160 -25.47 -25.36 17.75
CA ILE E 160 -24.38 -26.27 17.38
C ILE E 160 -23.89 -27.00 18.62
N ILE E 161 -23.83 -28.32 18.52
CA ILE E 161 -23.24 -29.17 19.55
C ILE E 161 -21.83 -29.50 19.08
N TYR E 162 -20.89 -28.65 19.48
CA TYR E 162 -19.53 -28.68 18.95
C TYR E 162 -18.57 -29.41 19.88
N GLN E 163 -17.91 -30.45 19.37
CA GLN E 163 -16.88 -31.17 20.11
C GLN E 163 -15.51 -30.74 19.66
N GLU E 164 -14.64 -30.40 20.61
CA GLU E 164 -13.32 -29.87 20.31
C GLU E 164 -12.22 -30.61 21.06
N LYS E 165 -11.26 -31.12 20.31
CA LYS E 165 -10.07 -31.75 20.88
C LYS E 165 -9.15 -30.66 21.43
N GLN E 166 -8.67 -30.86 22.66
CA GLN E 166 -7.90 -29.85 23.38
C GLN E 166 -6.39 -30.06 23.26
N GLY E 167 -5.97 -30.59 22.12
CA GLY E 167 -4.57 -30.86 21.88
C GLY E 167 -4.34 -31.83 20.74
N GLU E 168 -3.27 -31.58 20.00
CA GLU E 168 -2.68 -32.58 19.12
C GLU E 168 -2.30 -33.83 19.91
N GLU E 169 -2.94 -34.94 19.58
CA GLU E 169 -2.61 -36.21 20.22
C GLU E 169 -3.49 -36.44 21.43
N GLU E 170 -3.24 -37.54 22.14
CA GLU E 170 -3.67 -38.86 21.70
C GLU E 170 -5.08 -39.17 22.16
N ASP E 171 -5.24 -39.57 23.41
CA ASP E 171 -4.74 -38.80 24.55
C ASP E 171 -5.63 -37.61 24.87
N ALA E 172 -5.60 -36.60 24.01
CA ALA E 172 -5.95 -35.24 24.41
C ALA E 172 -7.43 -35.13 24.77
N GLU E 173 -7.75 -34.26 25.71
CA GLU E 173 -9.11 -34.09 26.17
C GLU E 173 -10.00 -33.53 25.08
N ILE E 174 -11.25 -33.97 25.08
CA ILE E 174 -12.28 -33.45 24.18
C ILE E 174 -13.34 -32.74 25.03
N ILE E 175 -13.62 -31.48 24.70
CA ILE E 175 -14.65 -30.71 25.39
C ILE E 175 -15.81 -30.38 24.46
N VAL E 176 -16.95 -30.03 25.04
CA VAL E 176 -18.12 -29.63 24.27
C VAL E 176 -18.37 -28.14 24.41
N LYS E 177 -18.52 -27.46 23.28
CA LYS E 177 -19.03 -26.10 23.24
C LYS E 177 -20.42 -26.17 22.64
N ILE E 178 -21.39 -25.54 23.30
CA ILE E 178 -22.74 -25.46 22.77
C ILE E 178 -23.00 -24.04 22.29
N PHE E 179 -23.14 -23.89 20.98
CA PHE E 179 -23.41 -22.60 20.38
C PHE E 179 -24.89 -22.43 20.20
N VAL E 180 -25.42 -21.31 20.69
CA VAL E 180 -26.81 -20.96 20.50
C VAL E 180 -26.85 -19.60 19.82
N GLU E 181 -27.31 -19.61 18.57
CA GLU E 181 -27.48 -18.37 17.81
C GLU E 181 -28.93 -17.91 17.94
N PHE E 182 -29.10 -16.67 18.41
CA PHE E 182 -30.40 -16.05 18.55
C PHE E 182 -30.65 -15.09 17.38
N SER E 183 -31.90 -14.71 17.17
CA SER E 183 -32.26 -13.87 16.03
C SER E 183 -31.65 -12.46 16.11
N ILE E 184 -31.55 -11.94 17.33
CA ILE E 184 -31.06 -10.58 17.54
C ILE E 184 -30.31 -10.52 18.88
N ALA E 185 -29.40 -9.55 19.01
CA ALA E 185 -28.46 -9.45 20.13
C ALA E 185 -29.10 -9.32 21.51
N SER E 186 -30.27 -8.68 21.57
CA SER E 186 -31.03 -8.51 22.82
C SER E 186 -31.47 -9.83 23.44
N GLU E 187 -31.81 -10.80 22.60
CA GLU E 187 -32.23 -12.13 23.05
C GLU E 187 -31.05 -12.91 23.62
N THR E 188 -29.89 -12.75 22.97
CA THR E 188 -28.64 -13.38 23.40
C THR E 188 -28.21 -12.85 24.76
N HIS E 189 -28.47 -11.57 25.00
CA HIS E 189 -28.04 -10.93 26.25
C HIS E 189 -28.82 -11.45 27.45
N LYS E 190 -30.14 -11.57 27.30
CA LYS E 190 -31.01 -12.11 28.33
C LYS E 190 -30.61 -13.54 28.71
N ALA E 191 -30.26 -14.34 27.70
CA ALA E 191 -29.85 -15.73 27.90
C ALA E 191 -28.53 -15.86 28.67
N ILE E 192 -27.55 -15.05 28.30
CA ILE E 192 -26.24 -15.02 28.98
C ILE E 192 -26.38 -14.60 30.45
N GLN E 193 -27.16 -13.56 30.68
CA GLN E 193 -27.42 -13.05 32.03
C GLN E 193 -28.07 -14.11 32.92
N ALA E 194 -29.03 -14.83 32.35
CA ALA E 194 -29.77 -15.86 33.07
C ALA E 194 -28.95 -17.13 33.30
N LEU E 195 -28.08 -17.45 32.34
CA LEU E 195 -27.37 -18.74 32.35
C LEU E 195 -25.94 -18.72 32.88
N ASN E 196 -25.24 -17.60 32.72
CA ASN E 196 -23.84 -17.53 33.15
C ASN E 196 -23.69 -17.65 34.66
N GLY E 197 -22.80 -18.53 35.09
CA GLY E 197 -22.54 -18.73 36.50
C GLY E 197 -23.45 -19.75 37.15
N ARG E 198 -24.56 -20.07 36.49
CA ARG E 198 -25.48 -21.11 36.97
C ARG E 198 -24.78 -22.46 36.97
N TRP E 199 -25.17 -23.32 37.92
CA TRP E 199 -24.68 -24.68 37.99
C TRP E 199 -25.70 -25.61 37.35
N PHE E 200 -25.24 -26.46 36.44
CA PHE E 200 -26.10 -27.41 35.75
C PHE E 200 -25.57 -28.82 35.90
N ALA E 201 -26.39 -29.70 36.47
CA ALA E 201 -26.04 -31.10 36.74
C ALA E 201 -24.71 -31.26 37.51
N GLY E 202 -24.44 -30.34 38.41
CA GLY E 202 -23.24 -30.38 39.24
C GLY E 202 -21.99 -29.79 38.60
N ARG E 203 -22.17 -29.01 37.54
CA ARG E 203 -21.04 -28.30 36.92
C ARG E 203 -21.37 -26.85 36.57
N LYS E 204 -20.42 -25.96 36.81
CA LYS E 204 -20.59 -24.53 36.60
C LYS E 204 -20.43 -24.18 35.12
N VAL E 205 -21.48 -23.59 34.56
CA VAL E 205 -21.55 -23.29 33.14
C VAL E 205 -21.15 -21.84 32.87
N VAL E 206 -20.35 -21.65 31.83
CA VAL E 206 -20.02 -20.33 31.32
C VAL E 206 -20.91 -20.04 30.11
N ALA E 207 -21.77 -19.03 30.24
CA ALA E 207 -22.53 -18.48 29.12
C ALA E 207 -21.91 -17.15 28.75
N GLU E 208 -21.67 -16.96 27.45
CA GLU E 208 -20.70 -15.99 26.99
C GLU E 208 -21.00 -15.62 25.55
N VAL E 209 -20.77 -14.36 25.19
CA VAL E 209 -20.83 -13.95 23.77
C VAL E 209 -19.73 -14.64 22.99
N TYR E 210 -20.06 -15.09 21.79
CA TYR E 210 -19.07 -15.62 20.88
C TYR E 210 -19.01 -14.71 19.65
N ASP E 211 -17.80 -14.40 19.20
CA ASP E 211 -17.61 -13.49 18.08
C ASP E 211 -18.45 -13.94 16.88
N GLN E 212 -19.36 -13.07 16.46
CA GLN E 212 -20.35 -13.39 15.44
C GLN E 212 -19.74 -13.66 14.07
N GLU E 213 -18.70 -12.90 13.71
CA GLU E 213 -18.00 -13.05 12.43
C GLU E 213 -17.29 -14.40 12.34
N ARG E 214 -16.71 -14.85 13.45
CA ARG E 214 -16.10 -16.18 13.53
C ARG E 214 -17.15 -17.25 13.28
N PHE E 215 -18.28 -17.10 13.95
CA PHE E 215 -19.39 -18.05 13.87
C PHE E 215 -19.94 -18.09 12.44
N ASP E 216 -20.20 -16.91 11.87
CA ASP E 216 -20.68 -16.78 10.50
C ASP E 216 -19.79 -17.51 9.48
N ASN E 217 -18.49 -17.54 9.77
CA ASN E 217 -17.50 -18.15 8.89
C ASN E 217 -17.09 -19.55 9.29
N SER E 218 -17.91 -20.20 10.14
CA SER E 218 -17.67 -21.58 10.60
C SER E 218 -16.35 -21.74 11.37
N ASP E 219 -15.92 -20.66 12.02
CA ASP E 219 -14.78 -20.69 12.93
C ASP E 219 -15.31 -20.80 14.36
N LEU E 220 -15.23 -22.00 14.91
CA LEU E 220 -15.78 -22.30 16.22
C LEU E 220 -14.70 -22.60 17.26
N SER E 221 -13.47 -22.14 16.97
CA SER E 221 -12.28 -22.50 17.75
C SER E 221 -12.02 -21.62 18.97
N ALA E 222 -12.73 -20.50 19.08
CA ALA E 222 -12.47 -19.54 20.16
C ALA E 222 -13.30 -19.81 21.42
N ASP F 12 20.94 22.82 25.54
CA ASP F 12 19.53 22.90 25.06
C ASP F 12 19.41 23.63 23.72
N LYS F 13 20.53 24.15 23.21
CA LYS F 13 20.52 25.02 22.03
C LYS F 13 21.55 24.59 20.96
N ILE F 14 21.49 25.24 19.81
CA ILE F 14 22.27 24.89 18.62
C ILE F 14 23.67 25.52 18.64
N ILE F 15 24.68 24.71 18.30
CA ILE F 15 26.06 25.17 18.18
C ILE F 15 26.24 25.96 16.88
N HIS F 16 26.93 27.10 16.98
CA HIS F 16 27.32 27.87 15.80
C HIS F 16 28.72 27.44 15.38
N LEU F 17 28.82 26.75 14.25
CA LEU F 17 30.09 26.22 13.77
C LEU F 17 30.85 27.22 12.91
N THR F 18 32.18 27.10 12.96
CA THR F 18 33.07 27.79 12.04
C THR F 18 34.01 26.76 11.44
N ASP F 19 34.75 27.15 10.40
CA ASP F 19 35.74 26.26 9.77
C ASP F 19 36.81 25.84 10.78
N ASP F 20 37.16 26.74 11.69
CA ASP F 20 38.17 26.49 12.71
C ASP F 20 37.68 25.61 13.86
N SER F 21 36.40 25.73 14.22
CA SER F 21 35.84 25.00 15.36
C SER F 21 35.30 23.61 15.01
N PHE F 22 35.08 23.36 13.72
CA PHE F 22 34.42 22.14 13.24
C PHE F 22 35.01 20.85 13.80
N ASP F 23 36.33 20.71 13.74
CA ASP F 23 37.03 19.52 14.25
C ASP F 23 36.69 19.24 15.71
N THR F 24 36.82 20.27 16.55
CA THR F 24 36.53 20.18 17.98
C THR F 24 35.02 19.99 18.24
N ASP F 25 34.21 20.84 17.61
CA ASP F 25 32.77 20.86 17.84
C ASP F 25 32.03 19.65 17.30
N VAL F 26 32.53 19.10 16.20
CA VAL F 26 31.83 18.00 15.51
C VAL F 26 32.59 16.68 15.60
N LEU F 27 33.77 16.63 15.01
CA LEU F 27 34.52 15.38 14.87
C LEU F 27 35.01 14.81 16.20
N LYS F 28 35.33 15.68 17.14
CA LYS F 28 35.84 15.24 18.44
C LYS F 28 34.81 15.37 19.57
N ALA F 29 33.57 15.62 19.19
CA ALA F 29 32.48 15.85 20.15
C ALA F 29 31.98 14.58 20.84
N ASP F 30 31.48 14.75 22.05
CA ASP F 30 30.74 13.70 22.75
C ASP F 30 29.31 13.71 22.25
N GLY F 31 28.77 12.52 21.99
CA GLY F 31 27.40 12.38 21.52
C GLY F 31 27.24 12.71 20.04
N ALA F 32 26.08 12.31 19.50
CA ALA F 32 25.78 12.54 18.08
C ALA F 32 25.55 14.01 17.77
N ILE F 33 26.05 14.44 16.61
CA ILE F 33 25.91 15.82 16.17
C ILE F 33 25.24 15.87 14.80
N LEU F 34 24.17 16.66 14.70
CA LEU F 34 23.50 16.89 13.42
C LEU F 34 23.96 18.22 12.84
N VAL F 35 24.69 18.13 11.73
CA VAL F 35 25.28 19.31 11.11
C VAL F 35 24.43 19.82 9.94
N ASP F 36 24.09 21.10 10.00
CA ASP F 36 23.29 21.76 8.98
C ASP F 36 24.15 22.74 8.18
N PHE F 37 24.37 22.44 6.91
CA PHE F 37 25.05 23.35 5.99
C PHE F 37 24.03 24.27 5.33
N TRP F 38 24.18 25.57 5.53
CA TRP F 38 23.13 26.53 5.17
C TRP F 38 23.68 27.89 4.74
N ALA F 39 22.76 28.78 4.34
CA ALA F 39 23.08 30.17 4.04
C ALA F 39 21.82 31.03 4.19
N GLU F 40 22.01 32.32 4.47
CA GLU F 40 20.88 33.23 4.74
C GLU F 40 19.89 33.39 3.59
N TRP F 41 20.39 33.40 2.36
CA TRP F 41 19.56 33.54 1.16
C TRP F 41 18.83 32.24 0.81
N CYS F 42 19.28 31.13 1.40
CA CYS F 42 18.71 29.81 1.16
C CYS F 42 17.30 29.67 1.75
N GLY F 43 16.32 29.62 0.86
CA GLY F 43 14.90 29.53 1.22
C GLY F 43 14.50 28.28 1.99
N PRO F 44 14.92 27.09 1.51
CA PRO F 44 14.65 25.85 2.24
C PRO F 44 15.42 25.70 3.55
N CYS F 45 16.55 26.40 3.67
CA CYS F 45 17.34 26.40 4.91
C CYS F 45 16.59 27.11 6.03
N LYS F 46 15.89 28.18 5.67
CA LYS F 46 15.05 28.93 6.60
C LYS F 46 13.78 28.16 6.93
N MET F 47 13.28 27.41 5.95
CA MET F 47 12.12 26.54 6.12
C MET F 47 12.34 25.49 7.22
N ILE F 48 13.57 24.99 7.31
CA ILE F 48 13.89 23.93 8.27
C ILE F 48 14.44 24.43 9.63
N ALA F 49 14.76 25.72 9.70
CA ALA F 49 15.27 26.33 10.93
C ALA F 49 14.37 26.15 12.16
N PRO F 50 13.06 26.47 12.07
CA PRO F 50 12.19 26.24 13.23
C PRO F 50 12.05 24.77 13.61
N ILE F 51 12.15 23.89 12.61
CA ILE F 51 12.10 22.44 12.81
C ILE F 51 13.33 21.97 13.60
N LEU F 52 14.50 22.48 13.21
CA LEU F 52 15.75 22.18 13.91
C LEU F 52 15.78 22.71 15.34
N ASP F 53 15.09 23.83 15.58
CA ASP F 53 14.94 24.39 16.92
C ASP F 53 14.23 23.40 17.85
N GLU F 54 13.16 22.81 17.34
CA GLU F 54 12.35 21.85 18.08
C GLU F 54 13.10 20.54 18.31
N ILE F 55 13.82 20.09 17.28
CA ILE F 55 14.69 18.91 17.37
C ILE F 55 15.80 19.12 18.41
N ALA F 56 16.33 20.34 18.46
CA ALA F 56 17.38 20.69 19.42
C ALA F 56 16.89 20.58 20.87
N ASP F 57 15.68 21.06 21.11
CA ASP F 57 15.06 20.99 22.44
C ASP F 57 14.63 19.57 22.79
N GLU F 58 13.95 18.91 21.86
CA GLU F 58 13.34 17.59 22.09
C GLU F 58 14.35 16.46 22.25
N TYR F 59 15.50 16.60 21.59
CA TYR F 59 16.54 15.57 21.60
C TYR F 59 17.76 15.95 22.46
N GLN F 60 17.56 16.89 23.39
CA GLN F 60 18.65 17.35 24.23
C GLN F 60 19.22 16.22 25.10
N GLY F 61 20.55 16.14 25.15
CA GLY F 61 21.24 15.10 25.89
C GLY F 61 21.45 13.83 25.08
N LYS F 62 20.82 13.77 23.91
CA LYS F 62 20.93 12.63 22.99
C LYS F 62 21.53 13.08 21.67
N LEU F 63 21.23 14.32 21.28
CA LEU F 63 21.71 14.89 20.03
C LEU F 63 21.96 16.40 20.18
N THR F 64 23.03 16.87 19.57
CA THR F 64 23.29 18.29 19.46
C THR F 64 23.15 18.72 18.00
N VAL F 65 22.40 19.79 17.79
CA VAL F 65 22.26 20.38 16.46
C VAL F 65 23.33 21.47 16.30
N ALA F 66 23.89 21.56 15.10
CA ALA F 66 24.96 22.52 14.81
C ALA F 66 24.84 23.03 13.39
N LYS F 67 25.11 24.32 13.20
CA LYS F 67 24.95 24.95 11.89
C LYS F 67 26.24 25.58 11.36
N LEU F 68 26.57 25.26 10.12
CA LEU F 68 27.69 25.89 9.42
C LEU F 68 27.20 26.69 8.22
N ASN F 69 27.24 28.01 8.34
CA ASN F 69 26.96 28.93 7.24
C ASN F 69 28.08 28.81 6.21
N ILE F 70 27.74 28.38 5.00
CA ILE F 70 28.75 28.08 3.96
C ILE F 70 29.35 29.32 3.28
N ASP F 71 28.70 30.47 3.42
CA ASP F 71 29.26 31.73 2.94
C ASP F 71 30.35 32.23 3.89
N GLN F 72 30.02 32.24 5.18
CA GLN F 72 30.94 32.68 6.23
C GLN F 72 32.08 31.68 6.43
N ASN F 73 31.79 30.41 6.18
CA ASN F 73 32.75 29.32 6.39
C ASN F 73 32.82 28.38 5.19
N PRO F 74 33.56 28.77 4.13
CA PRO F 74 33.55 28.02 2.87
C PRO F 74 34.50 26.83 2.80
N GLY F 75 35.29 26.60 3.85
CA GLY F 75 36.30 25.55 3.83
C GLY F 75 35.80 24.14 4.08
N THR F 76 34.81 24.01 4.96
CA THR F 76 34.37 22.70 5.44
C THR F 76 33.51 21.91 4.44
N ALA F 77 32.48 22.53 3.90
CA ALA F 77 31.49 21.83 3.08
C ALA F 77 32.01 21.06 1.86
N PRO F 78 32.92 21.66 1.06
CA PRO F 78 33.51 20.90 -0.07
C PRO F 78 34.26 19.65 0.34
N LYS F 79 34.70 19.58 1.60
CA LYS F 79 35.41 18.41 2.12
C LYS F 79 34.47 17.22 2.35
N TYR F 80 33.18 17.50 2.41
CA TYR F 80 32.17 16.48 2.61
C TYR F 80 31.30 16.25 1.37
N GLY F 81 31.69 16.89 0.27
CA GLY F 81 31.00 16.75 -1.00
C GLY F 81 29.63 17.41 -1.01
N ILE F 82 29.52 18.52 -0.28
CA ILE F 82 28.25 19.26 -0.22
C ILE F 82 28.05 20.02 -1.52
N ARG F 83 26.84 19.90 -2.08
CA ARG F 83 26.50 20.57 -3.32
C ARG F 83 25.42 21.62 -3.06
N GLY F 84 24.16 21.18 -3.04
CA GLY F 84 23.04 22.08 -2.76
C GLY F 84 22.80 22.19 -1.26
N ILE F 85 22.10 23.26 -0.87
CA ILE F 85 21.77 23.49 0.53
C ILE F 85 20.25 23.68 0.71
N PRO F 86 19.69 23.24 1.85
CA PRO F 86 20.38 22.66 3.01
C PRO F 86 20.81 21.21 2.82
N THR F 87 21.88 20.83 3.51
CA THR F 87 22.30 19.44 3.63
C THR F 87 22.60 19.16 5.09
N LEU F 88 22.05 18.06 5.59
CA LEU F 88 22.26 17.62 6.97
C LEU F 88 23.19 16.42 7.00
N LEU F 89 24.19 16.48 7.87
CA LEU F 89 25.10 15.35 8.09
C LEU F 89 25.05 14.91 9.55
N LEU F 90 24.85 13.62 9.77
CA LEU F 90 24.83 13.07 11.11
C LEU F 90 26.19 12.49 11.48
N PHE F 91 26.79 13.08 12.51
CA PHE F 91 28.08 12.63 13.01
C PHE F 91 27.91 11.90 14.32
N LYS F 92 28.71 10.85 14.49
CA LYS F 92 28.81 10.11 15.74
C LYS F 92 30.23 9.57 15.86
N ASN F 93 30.92 9.98 16.93
CA ASN F 93 32.31 9.58 17.18
C ASN F 93 33.25 9.78 15.97
N GLY F 94 33.09 10.91 15.28
CA GLY F 94 33.97 11.26 14.16
C GLY F 94 33.66 10.53 12.86
N GLU F 95 32.59 9.76 12.85
CA GLU F 95 32.14 9.06 11.66
C GLU F 95 30.87 9.70 11.13
N VAL F 96 30.72 9.75 9.80
CA VAL F 96 29.48 10.20 9.19
C VAL F 96 28.49 9.03 9.19
N ALA F 97 27.48 9.16 10.04
CA ALA F 97 26.50 8.09 10.25
C ALA F 97 25.41 8.08 9.18
N ALA F 98 25.01 9.27 8.72
CA ALA F 98 23.96 9.42 7.72
C ALA F 98 23.99 10.80 7.09
N THR F 99 23.32 10.95 5.94
CA THR F 99 23.25 12.22 5.21
C THR F 99 21.82 12.47 4.68
N LYS F 100 21.41 13.73 4.68
CA LYS F 100 20.11 14.13 4.12
C LYS F 100 20.22 15.44 3.35
N VAL F 101 19.79 15.40 2.09
CA VAL F 101 19.90 16.51 1.16
C VAL F 101 18.53 17.17 0.91
N GLY F 102 18.46 18.48 1.13
CA GLY F 102 17.24 19.24 0.89
C GLY F 102 16.37 19.42 2.12
N ALA F 103 15.29 20.18 1.97
CA ALA F 103 14.36 20.47 3.06
C ALA F 103 13.57 19.22 3.49
N LEU F 104 13.01 19.29 4.69
CA LEU F 104 12.41 18.11 5.32
C LEU F 104 11.40 18.52 6.40
N SER F 105 10.32 17.74 6.54
CA SER F 105 9.31 18.01 7.57
C SER F 105 9.78 17.48 8.93
N LYS F 106 9.12 17.95 9.99
CA LYS F 106 9.43 17.56 11.36
C LYS F 106 9.38 16.04 11.52
N GLY F 107 8.40 15.41 10.89
CA GLY F 107 8.21 13.95 10.96
C GLY F 107 9.24 13.15 10.20
N GLN F 108 9.62 13.64 9.01
CA GLN F 108 10.62 12.97 8.17
C GLN F 108 12.01 13.03 8.81
N LEU F 109 12.32 14.14 9.48
CA LEU F 109 13.57 14.28 10.21
C LEU F 109 13.59 13.38 11.43
N LYS F 110 12.44 13.22 12.07
CA LYS F 110 12.31 12.31 13.20
C LYS F 110 12.49 10.86 12.76
N GLU F 111 11.98 10.55 11.56
CA GLU F 111 12.17 9.23 10.94
C GLU F 111 13.63 8.98 10.57
N PHE F 112 14.28 10.02 10.04
CA PHE F 112 15.71 9.99 9.75
C PHE F 112 16.51 9.72 11.03
N LEU F 113 16.16 10.42 12.11
CA LEU F 113 16.83 10.28 13.39
C LEU F 113 16.55 8.93 14.05
N ASP F 114 15.31 8.46 13.97
CA ASP F 114 14.93 7.13 14.49
C ASP F 114 15.77 6.02 13.84
N ALA F 115 16.01 6.15 12.54
CA ALA F 115 16.71 5.13 11.77
C ALA F 115 18.22 5.13 11.97
N ASN F 116 18.78 6.23 12.45
CA ASN F 116 20.23 6.40 12.54
C ASN F 116 20.78 6.70 13.95
N LEU F 117 19.90 7.14 14.84
CA LEU F 117 20.27 7.42 16.24
C LEU F 117 19.84 6.29 17.16
N ALA F 118 20.74 5.35 17.40
CA ALA F 118 20.47 4.21 18.28
C ALA F 118 19.93 4.68 19.63
N GLY F 119 18.78 4.12 20.02
CA GLY F 119 18.17 4.42 21.32
C GLY F 119 17.12 5.52 21.35
N SER F 120 17.04 6.31 20.29
CA SER F 120 16.15 7.47 20.26
C SER F 120 14.65 7.12 20.18
N ALA F 121 14.33 5.99 19.57
CA ALA F 121 12.96 5.49 19.49
C ALA F 121 12.61 4.63 20.71
N MET F 122 13.59 3.90 21.22
CA MET F 122 13.45 3.09 22.41
C MET F 122 14.82 2.81 23.02
N GLU F 123 14.95 3.07 24.33
CA GLU F 123 16.15 2.69 25.05
C GLU F 123 16.21 1.17 25.13
N SER F 124 17.35 0.62 24.72
CA SER F 124 17.47 -0.81 24.43
C SER F 124 18.04 -1.65 25.57
N THR F 125 17.72 -2.94 25.55
CA THR F 125 18.33 -3.92 26.43
C THR F 125 19.72 -4.28 25.97
N VAL F 126 20.03 -3.93 24.73
CA VAL F 126 21.25 -4.32 24.08
C VAL F 126 22.29 -3.21 24.09
N MET F 127 23.47 -3.56 24.57
CA MET F 127 24.66 -2.74 24.49
C MET F 127 25.56 -3.35 23.43
N VAL F 128 26.24 -2.49 22.67
CA VAL F 128 27.29 -2.94 21.77
C VAL F 128 28.65 -2.42 22.27
N LEU F 129 29.62 -3.33 22.38
CA LEU F 129 30.99 -2.99 22.78
C LEU F 129 31.89 -2.95 21.56
N ARG F 130 32.41 -1.76 21.26
CA ARG F 130 33.29 -1.56 20.12
C ARG F 130 34.72 -1.32 20.58
N ASN F 131 35.67 -1.80 19.78
CA ASN F 131 37.11 -1.67 20.04
C ASN F 131 37.64 -2.45 21.25
N MET F 132 36.94 -3.47 21.70
CA MET F 132 37.41 -4.20 22.87
C MET F 132 38.49 -5.23 22.54
N VAL F 133 38.34 -5.93 21.42
CA VAL F 133 39.25 -7.02 21.07
C VAL F 133 39.55 -7.02 19.55
N ASP F 134 40.69 -7.60 19.18
CA ASP F 134 41.02 -7.89 17.78
C ASP F 134 40.46 -9.26 17.40
N PRO F 135 40.13 -9.46 16.10
CA PRO F 135 39.71 -10.78 15.62
C PRO F 135 40.68 -11.89 16.02
N LYS F 136 41.97 -11.61 15.92
CA LYS F 136 43.02 -12.58 16.26
C LYS F 136 43.07 -12.92 17.76
N ASP F 137 42.51 -12.05 18.59
CA ASP F 137 42.52 -12.23 20.05
C ASP F 137 41.23 -12.84 20.59
N ILE F 138 40.40 -13.39 19.70
CA ILE F 138 39.16 -14.05 20.09
C ILE F 138 39.43 -15.52 20.41
N ASP F 139 38.80 -16.02 21.48
CA ASP F 139 38.82 -17.45 21.81
C ASP F 139 37.51 -17.90 22.46
N ASP F 140 37.43 -19.19 22.78
CA ASP F 140 36.24 -19.78 23.37
C ASP F 140 35.95 -19.30 24.80
N ASP F 141 36.93 -18.61 25.39
CA ASP F 141 36.78 -18.05 26.73
C ASP F 141 36.08 -16.70 26.74
N LEU F 142 36.20 -15.95 25.64
CA LEU F 142 35.79 -14.54 25.58
C LEU F 142 34.32 -14.30 25.91
N GLU F 143 33.44 -15.09 25.33
CA GLU F 143 32.00 -14.93 25.55
C GLU F 143 31.65 -15.04 27.04
N GLY F 144 32.26 -16.03 27.70
CA GLY F 144 32.07 -16.25 29.13
C GLY F 144 32.67 -15.17 30.02
N GLU F 145 33.81 -14.62 29.60
CA GLU F 145 34.47 -13.54 30.32
C GLU F 145 33.64 -12.25 30.26
N VAL F 146 33.06 -11.99 29.09
CA VAL F 146 32.20 -10.81 28.90
C VAL F 146 30.95 -10.88 29.79
N THR F 147 30.27 -12.03 29.81
CA THR F 147 29.03 -12.18 30.60
C THR F 147 29.29 -12.11 32.10
N GLU F 148 30.49 -12.52 32.52
N GLU F 148 30.48 -12.54 32.53
CA GLU F 148 30.92 -12.44 33.91
CA GLU F 148 30.90 -12.42 33.92
C GLU F 148 31.17 -10.97 34.27
C GLU F 148 31.17 -10.96 34.28
N GLU F 149 31.89 -10.27 33.39
CA GLU F 149 32.21 -8.85 33.54
C GLU F 149 30.97 -7.95 33.47
N CYS F 150 29.99 -8.33 32.66
CA CYS F 150 28.76 -7.55 32.51
C CYS F 150 27.69 -7.94 33.53
N GLY F 151 27.89 -9.07 34.20
CA GLY F 151 27.00 -9.53 35.26
C GLY F 151 26.91 -8.58 36.44
N LYS F 152 27.94 -7.74 36.59
CA LYS F 152 28.00 -6.70 37.61
C LYS F 152 26.86 -5.69 37.50
N PHE F 153 26.32 -5.53 36.29
CA PHE F 153 25.32 -4.50 36.00
C PHE F 153 23.89 -5.02 35.94
N GLY F 154 23.74 -6.35 35.85
CA GLY F 154 22.44 -6.99 35.85
C GLY F 154 22.45 -8.38 35.24
N ALA F 155 21.27 -8.92 34.99
CA ALA F 155 21.14 -10.23 34.36
C ALA F 155 21.48 -10.14 32.88
N VAL F 156 22.47 -10.93 32.46
CA VAL F 156 22.90 -10.97 31.07
C VAL F 156 22.18 -12.10 30.33
N ASN F 157 21.32 -11.73 29.39
CA ASN F 157 20.58 -12.69 28.56
C ASN F 157 21.46 -13.43 27.57
N ARG F 158 22.34 -12.68 26.91
CA ARG F 158 23.04 -13.16 25.71
C ARG F 158 24.24 -12.28 25.40
N VAL F 159 25.37 -12.92 25.12
CA VAL F 159 26.55 -12.23 24.63
C VAL F 159 26.88 -12.76 23.23
N ILE F 160 27.07 -11.84 22.28
CA ILE F 160 27.46 -12.23 20.93
C ILE F 160 28.79 -11.60 20.52
N ILE F 161 29.76 -12.47 20.22
CA ILE F 161 31.03 -12.04 19.64
C ILE F 161 30.83 -12.05 18.12
N TYR F 162 30.63 -10.86 17.56
CA TYR F 162 30.29 -10.70 16.16
C TYR F 162 31.47 -10.16 15.36
N GLN F 163 31.83 -10.86 14.28
CA GLN F 163 32.90 -10.40 13.40
C GLN F 163 32.30 -9.82 12.13
N GLU F 164 32.69 -8.58 11.83
CA GLU F 164 32.13 -7.86 10.69
C GLU F 164 33.21 -7.36 9.74
N LYS F 165 32.94 -7.52 8.44
CA LYS F 165 33.79 -6.97 7.40
C LYS F 165 33.46 -5.49 7.21
N GLN F 166 34.49 -4.65 7.25
CA GLN F 166 34.31 -3.21 7.10
C GLN F 166 34.50 -2.77 5.65
N GLY F 167 33.47 -2.98 4.84
CA GLY F 167 33.51 -2.59 3.43
C GLY F 167 33.33 -3.72 2.45
N GLU F 168 33.01 -3.36 1.21
CA GLU F 168 32.74 -4.30 0.12
C GLU F 168 34.00 -4.95 -0.45
N GLU F 169 35.10 -4.20 -0.49
CA GLU F 169 36.34 -4.67 -1.11
C GLU F 169 36.97 -5.79 -0.29
N GLU F 170 37.61 -6.74 -0.97
CA GLU F 170 38.19 -7.91 -0.30
C GLU F 170 39.29 -7.56 0.70
N ASP F 171 40.05 -6.50 0.40
CA ASP F 171 41.09 -5.99 1.32
C ASP F 171 40.56 -5.75 2.73
N ALA F 172 39.25 -5.51 2.82
CA ALA F 172 38.61 -4.95 4.02
C ALA F 172 39.01 -5.55 5.36
N GLU F 173 39.23 -4.66 6.32
CA GLU F 173 39.51 -5.01 7.70
C GLU F 173 38.29 -5.70 8.33
N ILE F 174 38.55 -6.72 9.13
CA ILE F 174 37.51 -7.37 9.91
C ILE F 174 37.58 -6.81 11.34
N ILE F 175 36.45 -6.33 11.85
CA ILE F 175 36.38 -5.86 13.23
C ILE F 175 35.50 -6.76 14.11
N VAL F 176 35.51 -6.47 15.42
CA VAL F 176 34.73 -7.23 16.38
C VAL F 176 33.74 -6.32 17.11
N LYS F 177 32.46 -6.68 17.05
CA LYS F 177 31.43 -6.04 17.85
C LYS F 177 30.94 -7.05 18.88
N ILE F 178 30.99 -6.68 20.14
CA ILE F 178 30.51 -7.54 21.21
C ILE F 178 29.16 -7.06 21.73
N PHE F 179 28.10 -7.80 21.39
CA PHE F 179 26.75 -7.48 21.81
C PHE F 179 26.44 -8.09 23.17
N VAL F 180 25.94 -7.27 24.08
CA VAL F 180 25.53 -7.73 25.39
C VAL F 180 24.07 -7.33 25.60
N GLU F 181 23.20 -8.33 25.60
CA GLU F 181 21.78 -8.13 25.85
C GLU F 181 21.47 -8.43 27.30
N PHE F 182 20.87 -7.44 27.97
CA PHE F 182 20.45 -7.57 29.37
C PHE F 182 18.96 -7.87 29.44
N SER F 183 18.46 -8.13 30.64
CA SER F 183 17.07 -8.50 30.83
C SER F 183 16.12 -7.30 30.69
N ILE F 184 16.61 -6.12 31.08
CA ILE F 184 15.83 -4.88 31.05
C ILE F 184 16.73 -3.66 30.83
N ALA F 185 16.19 -2.64 30.16
CA ALA F 185 16.96 -1.47 29.70
C ALA F 185 17.72 -0.68 30.77
N SER F 186 17.26 -0.78 32.01
CA SER F 186 17.90 -0.10 33.14
C SER F 186 19.29 -0.65 33.45
N GLU F 187 19.43 -1.97 33.33
CA GLU F 187 20.71 -2.66 33.54
C GLU F 187 21.71 -2.28 32.46
N THR F 188 21.24 -2.23 31.23
CA THR F 188 22.02 -1.87 30.05
C THR F 188 22.59 -0.45 30.20
N HIS F 189 21.74 0.46 30.67
CA HIS F 189 22.11 1.84 30.92
C HIS F 189 23.24 1.97 31.94
N LYS F 190 23.15 1.20 33.02
CA LYS F 190 24.21 1.12 34.02
C LYS F 190 25.52 0.63 33.40
N ALA F 191 25.41 -0.41 32.57
CA ALA F 191 26.56 -1.02 31.90
C ALA F 191 27.25 -0.06 30.92
N ILE F 192 26.46 0.63 30.11
CA ILE F 192 26.98 1.60 29.13
C ILE F 192 27.70 2.75 29.85
N GLN F 193 27.08 3.26 30.92
CA GLN F 193 27.68 4.29 31.76
C GLN F 193 29.06 3.91 32.30
N ALA F 194 29.16 2.69 32.82
CA ALA F 194 30.36 2.24 33.50
C ALA F 194 31.47 1.79 32.54
N LEU F 195 31.08 1.29 31.37
CA LEU F 195 32.02 0.75 30.40
C LEU F 195 32.52 1.72 29.34
N ASN F 196 31.70 2.71 28.98
CA ASN F 196 32.06 3.62 27.89
C ASN F 196 33.30 4.46 28.20
N GLY F 197 34.28 4.40 27.31
CA GLY F 197 35.53 5.15 27.45
C GLY F 197 36.55 4.45 28.32
N ARG F 198 36.26 3.21 28.72
CA ARG F 198 37.12 2.48 29.64
C ARG F 198 38.23 1.73 28.91
N TRP F 199 39.38 1.60 29.57
CA TRP F 199 40.54 0.93 28.98
C TRP F 199 40.64 -0.55 29.35
N PHE F 200 40.80 -1.39 28.33
CA PHE F 200 40.98 -2.83 28.51
C PHE F 200 42.23 -3.32 27.80
N ALA F 201 43.30 -3.47 28.57
CA ALA F 201 44.59 -3.97 28.05
C ALA F 201 45.04 -3.29 26.75
N GLY F 202 45.17 -1.97 26.81
CA GLY F 202 45.71 -1.19 25.68
C GLY F 202 44.68 -0.53 24.79
N ARG F 203 43.42 -0.92 24.93
CA ARG F 203 42.34 -0.43 24.07
C ARG F 203 41.26 0.32 24.86
N LYS F 204 40.87 1.49 24.35
CA LYS F 204 39.82 2.29 24.96
C LYS F 204 38.49 1.97 24.28
N VAL F 205 37.56 1.42 25.04
CA VAL F 205 36.33 0.86 24.46
C VAL F 205 35.19 1.87 24.28
N VAL F 206 34.38 1.63 23.25
CA VAL F 206 33.15 2.36 23.03
C VAL F 206 31.98 1.44 23.39
N ALA F 207 31.17 1.87 24.35
CA ALA F 207 29.98 1.14 24.77
C ALA F 207 28.76 2.02 24.50
N GLU F 208 27.83 1.49 23.72
CA GLU F 208 26.65 2.26 23.27
C GLU F 208 25.42 1.38 23.25
N VAL F 209 24.25 2.02 23.25
CA VAL F 209 23.00 1.34 22.93
C VAL F 209 23.03 0.83 21.50
N TYR F 210 22.44 -0.34 21.31
CA TYR F 210 22.20 -0.86 19.98
C TYR F 210 20.69 -1.01 19.84
N ASP F 211 20.15 -0.67 18.67
CA ASP F 211 18.72 -0.81 18.41
C ASP F 211 18.25 -2.24 18.72
N GLN F 212 17.29 -2.34 19.64
CA GLN F 212 16.76 -3.62 20.10
C GLN F 212 16.08 -4.38 18.97
N GLU F 213 15.30 -3.67 18.15
CA GLU F 213 14.60 -4.29 17.03
C GLU F 213 15.54 -4.89 15.98
N ARG F 214 16.62 -4.18 15.66
CA ARG F 214 17.65 -4.72 14.77
C ARG F 214 18.18 -6.03 15.35
N PHE F 215 18.57 -5.99 16.63
CA PHE F 215 19.13 -7.15 17.33
C PHE F 215 18.14 -8.32 17.39
N ASP F 216 16.88 -8.03 17.73
CA ASP F 216 15.83 -9.04 17.78
C ASP F 216 15.62 -9.71 16.43
N ASN F 217 15.90 -8.97 15.37
CA ASN F 217 15.76 -9.45 13.99
C ASN F 217 17.09 -9.92 13.37
N SER F 218 18.07 -10.17 14.22
CA SER F 218 19.42 -10.63 13.79
C SER F 218 20.15 -9.65 12.87
N ASP F 219 19.85 -8.36 13.00
CA ASP F 219 20.57 -7.32 12.29
C ASP F 219 21.65 -6.77 13.23
N LEU F 220 22.87 -7.24 13.04
CA LEU F 220 24.02 -6.88 13.88
C LEU F 220 24.98 -5.93 13.14
N SER F 221 24.47 -5.30 12.08
CA SER F 221 25.30 -4.53 11.15
C SER F 221 25.48 -3.04 11.47
N ALA F 222 24.72 -2.54 12.44
CA ALA F 222 24.68 -1.10 12.71
C ALA F 222 25.67 -0.64 13.78
N ASP G 12 -29.33 17.43 21.14
CA ASP G 12 -30.63 16.78 21.06
C ASP G 12 -31.60 17.55 20.16
N LYS G 13 -31.16 17.86 18.93
CA LYS G 13 -30.20 17.05 18.21
C LYS G 13 -30.67 15.63 17.88
N ILE G 14 -30.62 14.74 18.85
CA ILE G 14 -30.94 13.33 18.60
C ILE G 14 -32.45 13.10 18.54
N ILE G 15 -32.91 12.42 17.50
CA ILE G 15 -34.29 11.97 17.44
C ILE G 15 -34.41 10.63 18.15
N HIS G 16 -35.26 10.58 19.16
CA HIS G 16 -35.45 9.37 19.95
C HIS G 16 -36.66 8.61 19.43
N LEU G 17 -36.38 7.46 18.81
CA LEU G 17 -37.39 6.72 18.05
C LEU G 17 -38.19 5.71 18.88
N THR G 18 -39.40 5.43 18.40
CA THR G 18 -40.20 4.31 18.87
C THR G 18 -40.61 3.48 17.64
N ASP G 19 -41.18 2.31 17.87
CA ASP G 19 -41.72 1.48 16.79
C ASP G 19 -42.85 2.21 16.04
N ASP G 20 -43.66 2.95 16.77
CA ASP G 20 -44.80 3.69 16.20
C ASP G 20 -44.37 4.92 15.39
N SER G 21 -43.35 5.62 15.87
CA SER G 21 -42.90 6.85 15.25
C SER G 21 -41.90 6.64 14.10
N PHE G 22 -41.30 5.46 14.06
CA PHE G 22 -40.21 5.16 13.11
C PHE G 22 -40.53 5.59 11.67
N ASP G 23 -41.74 5.26 11.22
CA ASP G 23 -42.17 5.56 9.86
C ASP G 23 -42.13 7.07 9.58
N THR G 24 -42.77 7.85 10.45
CA THR G 24 -42.79 9.31 10.33
C THR G 24 -41.40 9.92 10.50
N ASP G 25 -40.70 9.49 11.54
CA ASP G 25 -39.42 10.08 11.93
C ASP G 25 -38.28 9.77 10.96
N VAL G 26 -38.30 8.59 10.37
CA VAL G 26 -37.19 8.11 9.54
C VAL G 26 -37.57 8.00 8.07
N LEU G 27 -38.63 7.25 7.79
CA LEU G 27 -39.00 6.92 6.40
C LEU G 27 -39.63 8.09 5.65
N LYS G 28 -40.36 8.94 6.39
CA LYS G 28 -41.03 10.11 5.81
C LYS G 28 -40.21 11.39 6.02
N ALA G 29 -38.99 11.23 6.53
CA ALA G 29 -38.13 12.36 6.84
C ALA G 29 -37.54 13.04 5.60
N ASP G 30 -37.28 14.34 5.73
CA ASP G 30 -36.63 15.10 4.67
C ASP G 30 -35.20 15.38 5.10
N GLY G 31 -34.25 14.77 4.41
CA GLY G 31 -32.84 14.81 4.79
C GLY G 31 -32.38 13.44 5.25
N ALA G 32 -31.07 13.23 5.26
CA ALA G 32 -30.50 11.94 5.64
C ALA G 32 -30.60 11.68 7.14
N ILE G 33 -31.01 10.46 7.50
CA ILE G 33 -31.17 10.06 8.89
C ILE G 33 -30.27 8.88 9.21
N LEU G 34 -29.41 9.03 10.22
CA LEU G 34 -28.58 7.93 10.70
C LEU G 34 -29.27 7.27 11.90
N VAL G 35 -29.69 6.02 11.70
CA VAL G 35 -30.45 5.30 12.72
C VAL G 35 -29.57 4.35 13.50
N ASP G 36 -29.44 4.61 14.80
CA ASP G 36 -28.68 3.77 15.71
C ASP G 36 -29.60 2.77 16.43
N PHE G 37 -29.47 1.50 16.07
CA PHE G 37 -30.13 0.43 16.80
C PHE G 37 -29.23 0.05 17.98
N TRP G 38 -29.71 0.33 19.19
CA TRP G 38 -28.89 0.20 20.39
C TRP G 38 -29.64 -0.44 21.57
N ALA G 39 -28.94 -0.55 22.70
CA ALA G 39 -29.50 -0.99 23.98
C ALA G 39 -28.63 -0.45 25.10
N GLU G 40 -29.22 -0.28 26.29
CA GLU G 40 -28.53 0.31 27.45
C GLU G 40 -27.37 -0.55 27.97
N TRP G 41 -27.49 -1.87 27.84
CA TRP G 41 -26.48 -2.81 28.32
C TRP G 41 -25.36 -3.04 27.30
N CYS G 42 -25.49 -2.43 26.13
CA CYS G 42 -24.59 -2.66 25.02
C CYS G 42 -23.33 -1.79 25.13
N GLY G 43 -22.19 -2.46 25.29
CA GLY G 43 -20.89 -1.80 25.48
C GLY G 43 -20.45 -0.89 24.34
N PRO G 44 -20.28 -1.45 23.12
CA PRO G 44 -19.95 -0.65 21.94
C PRO G 44 -20.97 0.44 21.61
N CYS G 45 -22.24 0.22 21.95
CA CYS G 45 -23.28 1.25 21.82
C CYS G 45 -22.95 2.46 22.69
N LYS G 46 -22.50 2.19 23.92
CA LYS G 46 -22.09 3.22 24.85
C LYS G 46 -20.88 4.01 24.34
N MET G 47 -19.95 3.31 23.71
CA MET G 47 -18.72 3.91 23.20
C MET G 47 -18.95 4.88 22.05
N ILE G 48 -19.93 4.59 21.19
CA ILE G 48 -20.20 5.42 20.03
C ILE G 48 -21.23 6.53 20.29
N ALA G 49 -21.92 6.45 21.42
CA ALA G 49 -22.91 7.46 21.81
C ALA G 49 -22.36 8.90 21.89
N PRO G 50 -21.18 9.09 22.52
CA PRO G 50 -20.56 10.43 22.53
C PRO G 50 -20.08 10.85 21.14
N ILE G 51 -19.61 9.89 20.35
CA ILE G 51 -19.23 10.12 18.96
C ILE G 51 -20.44 10.57 18.14
N LEU G 52 -21.58 9.92 18.38
CA LEU G 52 -22.84 10.28 17.73
C LEU G 52 -23.36 11.66 18.15
N ASP G 53 -23.06 12.04 19.40
CA ASP G 53 -23.41 13.37 19.91
C ASP G 53 -22.66 14.47 19.14
N GLU G 54 -21.38 14.21 18.85
CA GLU G 54 -20.53 15.14 18.10
C GLU G 54 -20.91 15.19 16.61
N ILE G 55 -21.25 14.03 16.05
CA ILE G 55 -21.74 13.93 14.68
C ILE G 55 -23.02 14.74 14.49
N ALA G 56 -23.94 14.63 15.46
CA ALA G 56 -25.16 15.42 15.49
C ALA G 56 -24.86 16.92 15.41
N ASP G 57 -23.77 17.35 16.05
CA ASP G 57 -23.31 18.75 16.01
C ASP G 57 -22.67 19.12 14.68
N GLU G 58 -21.60 18.41 14.31
CA GLU G 58 -20.79 18.71 13.13
C GLU G 58 -21.51 18.53 11.80
N TYR G 59 -22.49 17.64 11.77
CA TYR G 59 -23.25 17.36 10.55
C TYR G 59 -24.66 17.95 10.56
N GLN G 60 -24.95 18.74 11.60
CA GLN G 60 -26.23 19.44 11.70
C GLN G 60 -26.44 20.29 10.46
N GLY G 61 -27.57 20.06 9.80
CA GLY G 61 -27.88 20.73 8.53
C GLY G 61 -27.94 19.78 7.35
N LYS G 62 -27.17 18.69 7.43
CA LYS G 62 -27.15 17.69 6.36
C LYS G 62 -27.31 16.26 6.85
N LEU G 63 -27.35 16.07 8.17
CA LEU G 63 -27.56 14.76 8.77
C LEU G 63 -28.27 14.88 10.11
N THR G 64 -29.24 14.00 10.33
CA THR G 64 -29.90 13.88 11.62
C THR G 64 -29.63 12.49 12.21
N VAL G 65 -29.24 12.46 13.48
CA VAL G 65 -29.01 11.21 14.18
C VAL G 65 -30.26 10.81 14.96
N ALA G 66 -30.69 9.56 14.76
CA ALA G 66 -31.87 9.00 15.43
C ALA G 66 -31.52 7.69 16.12
N LYS G 67 -32.17 7.44 17.26
CA LYS G 67 -31.86 6.24 18.05
C LYS G 67 -33.09 5.39 18.36
N LEU G 68 -32.97 4.09 18.10
CA LEU G 68 -33.99 3.12 18.50
C LEU G 68 -33.41 2.08 19.45
N ASN G 69 -33.93 2.06 20.67
CA ASN G 69 -33.62 1.02 21.64
C ASN G 69 -34.40 -0.24 21.28
N ILE G 70 -33.69 -1.35 21.11
CA ILE G 70 -34.33 -2.58 20.61
C ILE G 70 -35.02 -3.41 21.70
N ASP G 71 -34.72 -3.11 22.96
CA ASP G 71 -35.43 -3.71 24.09
C ASP G 71 -36.78 -3.05 24.29
N GLN G 72 -36.78 -1.73 24.31
CA GLN G 72 -38.01 -0.96 24.49
C GLN G 72 -38.86 -0.97 23.22
N ASN G 73 -38.20 -1.10 22.07
CA ASN G 73 -38.87 -1.17 20.78
C ASN G 73 -38.39 -2.35 19.96
N PRO G 74 -39.02 -3.52 20.15
CA PRO G 74 -38.56 -4.77 19.56
C PRO G 74 -39.08 -5.05 18.14
N GLY G 75 -39.91 -4.15 17.61
CA GLY G 75 -40.60 -4.40 16.34
C GLY G 75 -39.85 -4.02 15.07
N THR G 76 -39.07 -2.95 15.12
CA THR G 76 -38.48 -2.37 13.91
C THR G 76 -37.22 -3.10 13.40
N ALA G 77 -36.27 -3.36 14.30
CA ALA G 77 -34.96 -3.91 13.90
C ALA G 77 -34.99 -5.24 13.14
N PRO G 78 -35.88 -6.20 13.54
CA PRO G 78 -35.92 -7.46 12.78
C PRO G 78 -36.36 -7.33 11.32
N LYS G 79 -37.13 -6.29 10.99
CA LYS G 79 -37.54 -6.07 9.59
C LYS G 79 -36.46 -5.39 8.72
N TYR G 80 -35.32 -5.09 9.33
CA TYR G 80 -34.13 -4.65 8.58
C TYR G 80 -33.02 -5.69 8.73
N GLY G 81 -33.38 -6.84 9.29
CA GLY G 81 -32.43 -7.93 9.48
C GLY G 81 -31.24 -7.58 10.36
N ILE G 82 -31.48 -6.70 11.32
CA ILE G 82 -30.48 -6.34 12.32
C ILE G 82 -30.20 -7.58 13.18
N ARG G 83 -28.93 -7.80 13.49
CA ARG G 83 -28.49 -8.95 14.27
C ARG G 83 -27.75 -8.45 15.52
N GLY G 84 -26.50 -8.05 15.33
CA GLY G 84 -25.70 -7.50 16.40
C GLY G 84 -26.00 -6.03 16.58
N ILE G 85 -25.65 -5.49 17.74
CA ILE G 85 -25.74 -4.07 17.99
C ILE G 85 -24.40 -3.56 18.53
N PRO G 86 -24.07 -2.29 18.26
CA PRO G 86 -24.88 -1.37 17.45
C PRO G 86 -24.84 -1.67 15.96
N THR G 87 -25.94 -1.35 15.29
CA THR G 87 -26.01 -1.27 13.84
C THR G 87 -26.53 0.10 13.46
N LEU G 88 -25.88 0.75 12.49
CA LEU G 88 -26.35 2.01 11.93
C LEU G 88 -26.88 1.82 10.52
N LEU G 89 -28.08 2.34 10.26
CA LEU G 89 -28.56 2.53 8.90
C LEU G 89 -28.56 4.01 8.52
N LEU G 90 -28.10 4.30 7.32
CA LEU G 90 -28.28 5.62 6.74
C LEU G 90 -29.48 5.68 5.80
N PHE G 91 -30.47 6.48 6.17
CA PHE G 91 -31.68 6.62 5.38
C PHE G 91 -31.71 7.94 4.61
N LYS G 92 -31.93 7.84 3.30
CA LYS G 92 -32.21 9.01 2.47
C LYS G 92 -33.56 8.81 1.82
N ASN G 93 -34.48 9.75 2.04
CA ASN G 93 -35.81 9.72 1.43
C ASN G 93 -36.45 8.31 1.42
N GLY G 94 -36.59 7.71 2.59
CA GLY G 94 -37.20 6.39 2.73
C GLY G 94 -36.38 5.21 2.23
N GLU G 95 -35.24 5.50 1.60
CA GLU G 95 -34.33 4.47 1.12
C GLU G 95 -33.21 4.20 2.12
N VAL G 96 -32.78 2.95 2.23
CA VAL G 96 -31.57 2.62 2.98
C VAL G 96 -30.38 2.86 2.06
N ALA G 97 -29.60 3.90 2.36
CA ALA G 97 -28.46 4.28 1.55
C ALA G 97 -27.21 3.45 1.87
N ALA G 98 -27.05 3.16 3.16
CA ALA G 98 -25.85 2.48 3.66
C ALA G 98 -26.09 1.85 5.03
N THR G 99 -25.31 0.81 5.32
CA THR G 99 -25.36 0.11 6.60
C THR G 99 -23.97 0.08 7.21
N LYS G 100 -23.91 0.08 8.54
CA LYS G 100 -22.65 -0.13 9.26
C LYS G 100 -22.88 -0.97 10.50
N VAL G 101 -22.29 -2.16 10.51
CA VAL G 101 -22.41 -3.07 11.64
C VAL G 101 -21.21 -2.89 12.59
N GLY G 102 -21.52 -2.69 13.87
CA GLY G 102 -20.50 -2.58 14.90
C GLY G 102 -20.06 -1.16 15.20
N ALA G 103 -19.29 -1.02 16.28
CA ALA G 103 -18.72 0.26 16.67
C ALA G 103 -17.61 0.69 15.70
N LEU G 104 -17.24 1.97 15.77
CA LEU G 104 -16.19 2.53 14.92
C LEU G 104 -15.75 3.88 15.48
N SER G 105 -14.52 4.30 15.13
CA SER G 105 -13.99 5.58 15.61
C SER G 105 -14.75 6.75 14.99
N LYS G 106 -14.53 7.95 15.52
CA LYS G 106 -15.11 9.16 14.96
C LYS G 106 -14.60 9.42 13.54
N GLY G 107 -13.34 9.09 13.32
CA GLY G 107 -12.72 9.23 12.00
C GLY G 107 -13.29 8.26 10.97
N GLN G 108 -13.65 7.07 11.45
CA GLN G 108 -14.26 6.06 10.59
C GLN G 108 -15.72 6.39 10.28
N LEU G 109 -16.43 6.95 11.26
CA LEU G 109 -17.83 7.34 11.08
C LEU G 109 -17.97 8.54 10.14
N LYS G 110 -17.07 9.52 10.30
CA LYS G 110 -17.05 10.70 9.42
C LYS G 110 -16.85 10.30 7.95
N GLU G 111 -15.90 9.39 7.70
CA GLU G 111 -15.62 8.91 6.35
C GLU G 111 -16.78 8.10 5.76
N PHE G 112 -17.41 7.26 6.59
CA PHE G 112 -18.61 6.52 6.20
C PHE G 112 -19.72 7.47 5.78
N LEU G 113 -19.88 8.55 6.53
CA LEU G 113 -20.91 9.54 6.25
C LEU G 113 -20.58 10.38 5.02
N ASP G 114 -19.32 10.80 4.91
CA ASP G 114 -18.84 11.58 3.76
C ASP G 114 -19.08 10.85 2.45
N ALA G 115 -18.70 9.57 2.41
CA ALA G 115 -18.82 8.76 1.21
C ALA G 115 -20.27 8.39 0.85
N ASN G 116 -21.16 8.41 1.84
CA ASN G 116 -22.53 7.96 1.64
C ASN G 116 -23.61 9.04 1.57
N LEU G 117 -23.31 10.22 2.12
CA LEU G 117 -24.21 11.37 2.03
C LEU G 117 -24.22 11.97 0.63
N ALA G 118 -23.07 11.90 -0.05
CA ALA G 118 -22.93 12.39 -1.41
C ALA G 118 -23.73 11.54 -2.40
N GLY G 119 -23.67 10.22 -2.25
CA GLY G 119 -24.32 9.29 -3.16
C GLY G 119 -23.41 8.86 -4.30
N SER G 120 -22.44 9.70 -4.62
CA SER G 120 -21.48 9.43 -5.69
C SER G 120 -20.17 10.11 -5.35
N ALA G 121 -19.07 9.61 -5.92
CA ALA G 121 -17.77 10.24 -5.78
C ALA G 121 -17.66 11.46 -6.67
N MET G 122 -18.54 11.54 -7.67
CA MET G 122 -18.51 12.59 -8.66
C MET G 122 -19.87 12.75 -9.33
N GLU G 123 -20.27 14.00 -9.55
CA GLU G 123 -21.45 14.29 -10.36
C GLU G 123 -21.09 14.00 -11.81
N SER G 124 -21.83 13.09 -12.44
CA SER G 124 -21.50 12.62 -13.77
C SER G 124 -22.01 13.56 -14.88
N THR G 125 -21.27 13.57 -15.99
CA THR G 125 -21.73 14.18 -17.24
C THR G 125 -22.69 13.25 -17.97
N VAL G 126 -22.68 11.98 -17.58
CA VAL G 126 -23.52 10.96 -18.22
C VAL G 126 -24.87 10.87 -17.54
N MET G 127 -25.92 10.97 -18.34
CA MET G 127 -27.27 10.68 -17.92
C MET G 127 -27.73 9.41 -18.60
N VAL G 128 -28.40 8.54 -17.83
CA VAL G 128 -29.05 7.35 -18.40
C VAL G 128 -30.56 7.51 -18.33
N LEU G 129 -31.21 7.19 -19.45
CA LEU G 129 -32.66 7.20 -19.53
C LEU G 129 -33.15 5.75 -19.56
N ARG G 130 -33.80 5.34 -18.47
CA ARG G 130 -34.31 3.99 -18.33
C ARG G 130 -35.83 3.97 -18.55
N ASN G 131 -36.33 2.89 -19.16
CA ASN G 131 -37.76 2.66 -19.41
C ASN G 131 -38.39 3.51 -20.53
N MET G 132 -37.57 4.31 -21.21
CA MET G 132 -38.08 5.26 -22.21
C MET G 132 -38.65 4.60 -23.47
N VAL G 133 -38.11 3.43 -23.81
CA VAL G 133 -38.39 2.78 -25.09
C VAL G 133 -38.24 1.26 -25.00
N ASP G 134 -39.02 0.56 -25.82
CA ASP G 134 -38.94 -0.88 -25.98
C ASP G 134 -37.99 -1.21 -27.16
N PRO G 135 -37.23 -2.31 -27.08
CA PRO G 135 -36.32 -2.69 -28.18
C PRO G 135 -36.94 -2.67 -29.58
N LYS G 136 -38.22 -3.05 -29.67
CA LYS G 136 -38.96 -3.04 -30.94
C LYS G 136 -39.21 -1.62 -31.45
N ASP G 137 -39.29 -0.66 -30.53
CA ASP G 137 -39.49 0.76 -30.87
C ASP G 137 -38.26 1.38 -31.56
N ILE G 138 -37.09 0.79 -31.35
CA ILE G 138 -35.83 1.32 -31.87
C ILE G 138 -35.80 1.39 -33.40
N ASP G 139 -35.52 2.57 -33.93
CA ASP G 139 -35.22 2.75 -35.34
C ASP G 139 -34.00 3.66 -35.54
N ASP G 140 -33.64 3.89 -36.80
CA ASP G 140 -32.46 4.71 -37.14
C ASP G 140 -32.61 6.19 -36.76
N ASP G 141 -33.85 6.64 -36.55
CA ASP G 141 -34.12 8.03 -36.21
C ASP G 141 -33.97 8.34 -34.71
N LEU G 142 -34.05 7.31 -33.87
CA LEU G 142 -34.09 7.49 -32.41
C LEU G 142 -32.91 8.28 -31.82
N GLU G 143 -31.68 7.87 -32.15
CA GLU G 143 -30.47 8.49 -31.61
C GLU G 143 -30.42 10.00 -31.88
N GLY G 144 -30.79 10.39 -33.10
CA GLY G 144 -30.84 11.79 -33.50
C GLY G 144 -31.94 12.57 -32.80
N GLU G 145 -33.09 11.95 -32.61
CA GLU G 145 -34.20 12.55 -31.88
C GLU G 145 -33.86 12.84 -30.43
N VAL G 146 -33.14 11.90 -29.80
CA VAL G 146 -32.69 12.06 -28.41
C VAL G 146 -31.65 13.18 -28.29
N THR G 147 -30.68 13.18 -29.21
CA THR G 147 -29.63 14.21 -29.28
C THR G 147 -30.23 15.61 -29.36
N GLU G 148 -31.27 15.76 -30.17
CA GLU G 148 -31.88 17.07 -30.43
C GLU G 148 -32.79 17.53 -29.29
N GLU G 149 -33.38 16.57 -28.58
CA GLU G 149 -34.18 16.86 -27.39
C GLU G 149 -33.28 17.29 -26.22
N CYS G 150 -32.21 16.53 -26.01
CA CYS G 150 -31.28 16.78 -24.92
C CYS G 150 -30.34 17.94 -25.20
N GLY G 151 -30.25 18.36 -26.45
CA GLY G 151 -29.46 19.53 -26.85
C GLY G 151 -29.96 20.83 -26.24
N LYS G 152 -31.19 20.78 -25.74
CA LYS G 152 -31.85 21.92 -25.10
C LYS G 152 -31.26 22.25 -23.72
N PHE G 153 -30.64 21.25 -23.09
CA PHE G 153 -30.11 21.40 -21.73
C PHE G 153 -28.59 21.60 -21.71
N GLY G 154 -27.97 21.46 -22.88
CA GLY G 154 -26.54 21.63 -23.04
C GLY G 154 -25.99 20.93 -24.26
N ALA G 155 -24.66 20.96 -24.42
CA ALA G 155 -23.99 20.32 -25.54
C ALA G 155 -23.91 18.83 -25.32
N VAL G 156 -24.43 18.07 -26.28
CA VAL G 156 -24.46 16.61 -26.21
C VAL G 156 -23.23 16.03 -26.92
N ASN G 157 -22.43 15.28 -26.16
CA ASN G 157 -21.22 14.63 -26.68
C ASN G 157 -21.52 13.34 -27.44
N ARG G 158 -22.29 12.46 -26.81
CA ARG G 158 -22.69 11.18 -27.39
C ARG G 158 -24.02 10.69 -26.84
N VAL G 159 -24.75 9.97 -27.69
CA VAL G 159 -25.94 9.24 -27.30
C VAL G 159 -25.73 7.76 -27.65
N ILE G 160 -25.97 6.88 -26.68
CA ILE G 160 -25.84 5.45 -26.88
C ILE G 160 -27.16 4.74 -26.64
N ILE G 161 -27.69 4.11 -27.68
CA ILE G 161 -28.87 3.24 -27.53
C ILE G 161 -28.36 1.86 -27.17
N TYR G 162 -28.47 1.50 -25.88
CA TYR G 162 -27.92 0.26 -25.37
C TYR G 162 -29.00 -0.78 -25.08
N GLN G 163 -28.84 -1.97 -25.66
CA GLN G 163 -29.75 -3.08 -25.39
C GLN G 163 -29.09 -4.08 -24.45
N GLU G 164 -29.79 -4.41 -23.38
CA GLU G 164 -29.26 -5.29 -22.35
C GLU G 164 -30.18 -6.46 -22.03
N LYS G 165 -29.60 -7.66 -22.04
CA LYS G 165 -30.30 -8.90 -21.70
C LYS G 165 -30.25 -9.11 -20.19
N GLN G 166 -31.41 -9.46 -19.61
CA GLN G 166 -31.55 -9.63 -18.17
C GLN G 166 -31.53 -11.09 -17.75
N GLY G 167 -30.34 -11.70 -17.76
CA GLY G 167 -30.19 -13.11 -17.39
C GLY G 167 -29.61 -13.95 -18.51
N GLU G 168 -29.14 -15.15 -18.15
CA GLU G 168 -28.52 -16.07 -19.13
C GLU G 168 -29.56 -16.89 -19.89
N GLU G 169 -30.80 -16.86 -19.41
CA GLU G 169 -31.91 -17.59 -20.03
C GLU G 169 -32.17 -17.08 -21.44
N GLU G 170 -32.52 -17.99 -22.34
CA GLU G 170 -32.73 -17.68 -23.75
C GLU G 170 -33.92 -16.74 -24.00
N ASP G 171 -34.86 -16.72 -23.05
CA ASP G 171 -36.09 -15.94 -23.17
C ASP G 171 -36.09 -14.71 -22.27
N ALA G 172 -34.94 -14.43 -21.64
CA ALA G 172 -34.78 -13.29 -20.74
C ALA G 172 -35.10 -11.98 -21.47
N GLU G 173 -35.78 -11.07 -20.78
CA GLU G 173 -36.19 -9.81 -21.40
C GLU G 173 -35.01 -8.91 -21.75
N ILE G 174 -35.13 -8.21 -22.87
CA ILE G 174 -34.13 -7.23 -23.29
C ILE G 174 -34.69 -5.84 -23.04
N ILE G 175 -33.96 -5.05 -22.26
CA ILE G 175 -34.34 -3.67 -22.00
C ILE G 175 -33.44 -2.70 -22.78
N VAL G 176 -33.89 -1.44 -22.86
CA VAL G 176 -33.13 -0.39 -23.53
C VAL G 176 -32.71 0.66 -22.50
N LYS G 177 -31.41 0.94 -22.46
CA LYS G 177 -30.86 2.07 -21.72
C LYS G 177 -30.38 3.09 -22.74
N ILE G 178 -30.82 4.34 -22.59
CA ILE G 178 -30.32 5.42 -23.43
C ILE G 178 -29.37 6.32 -22.63
N PHE G 179 -28.09 6.25 -22.99
CA PHE G 179 -27.06 7.05 -22.36
C PHE G 179 -26.89 8.37 -23.10
N VAL G 180 -26.87 9.47 -22.35
CA VAL G 180 -26.62 10.79 -22.92
C VAL G 180 -25.47 11.46 -22.15
N GLU G 181 -24.36 11.66 -22.85
CA GLU G 181 -23.17 12.27 -22.27
C GLU G 181 -23.10 13.73 -22.68
N PHE G 182 -23.04 14.61 -21.68
CA PHE G 182 -22.93 16.05 -21.89
C PHE G 182 -21.47 16.49 -21.72
N SER G 183 -21.18 17.73 -22.10
CA SER G 183 -19.80 18.24 -22.05
C SER G 183 -19.35 18.53 -20.62
N ILE G 184 -20.30 18.94 -19.78
CA ILE G 184 -20.04 19.29 -18.39
C ILE G 184 -21.25 18.90 -17.51
N ALA G 185 -20.96 18.48 -16.28
CA ALA G 185 -21.95 17.90 -15.36
C ALA G 185 -23.17 18.79 -15.07
N SER G 186 -23.05 20.09 -15.25
CA SER G 186 -24.13 21.03 -15.00
C SER G 186 -25.24 20.97 -16.05
N GLU G 187 -24.86 20.53 -17.25
CA GLU G 187 -25.81 20.33 -18.34
C GLU G 187 -26.61 19.05 -18.07
N THR G 188 -25.90 18.01 -17.66
CA THR G 188 -26.47 16.75 -17.25
C THR G 188 -27.45 16.94 -16.10
N HIS G 189 -27.08 17.82 -15.16
CA HIS G 189 -27.92 18.10 -14.00
C HIS G 189 -29.25 18.72 -14.41
N LYS G 190 -29.20 19.68 -15.33
CA LYS G 190 -30.40 20.33 -15.87
C LYS G 190 -31.28 19.34 -16.62
N ALA G 191 -30.65 18.53 -17.46
CA ALA G 191 -31.35 17.52 -18.27
C ALA G 191 -32.14 16.55 -17.39
N ILE G 192 -31.47 16.00 -16.39
CA ILE G 192 -32.09 15.08 -15.43
C ILE G 192 -33.29 15.74 -14.73
N GLN G 193 -33.10 16.98 -14.29
CA GLN G 193 -34.15 17.76 -13.64
C GLN G 193 -35.41 17.84 -14.50
N ALA G 194 -35.21 18.09 -15.80
CA ALA G 194 -36.32 18.26 -16.72
C ALA G 194 -36.94 16.95 -17.19
N LEU G 195 -36.12 15.93 -17.38
CA LEU G 195 -36.56 14.70 -18.04
C LEU G 195 -37.06 13.58 -17.10
N ASN G 196 -36.67 13.63 -15.83
CA ASN G 196 -37.04 12.57 -14.89
C ASN G 196 -38.54 12.52 -14.60
N GLY G 197 -39.13 11.33 -14.74
CA GLY G 197 -40.55 11.12 -14.50
C GLY G 197 -41.47 11.61 -15.62
N ARG G 198 -40.86 11.99 -16.74
CA ARG G 198 -41.59 12.44 -17.92
C ARG G 198 -42.15 11.23 -18.67
N TRP G 199 -43.36 11.35 -19.20
CA TRP G 199 -44.00 10.27 -19.94
C TRP G 199 -43.68 10.33 -21.44
N PHE G 200 -43.27 9.19 -21.99
CA PHE G 200 -43.02 9.06 -23.43
C PHE G 200 -43.79 7.87 -24.00
N ALA G 201 -44.76 8.17 -24.86
CA ALA G 201 -45.59 7.17 -25.55
C ALA G 201 -45.92 5.91 -24.72
N GLY G 202 -46.46 6.12 -23.52
CA GLY G 202 -46.89 5.02 -22.65
C GLY G 202 -45.90 4.61 -21.57
N ARG G 203 -44.72 5.20 -21.60
CA ARG G 203 -43.64 4.85 -20.68
C ARG G 203 -43.29 6.01 -19.74
N LYS G 204 -43.13 5.71 -18.46
CA LYS G 204 -42.65 6.69 -17.49
C LYS G 204 -41.14 6.55 -17.31
N VAL G 205 -40.41 7.58 -17.72
CA VAL G 205 -38.95 7.53 -17.82
C VAL G 205 -38.25 7.83 -16.50
N VAL G 206 -37.18 7.09 -16.24
CA VAL G 206 -36.25 7.41 -15.16
C VAL G 206 -35.01 8.05 -15.78
N ALA G 207 -34.85 9.36 -15.55
CA ALA G 207 -33.64 10.08 -15.95
C ALA G 207 -32.73 10.16 -14.72
N GLU G 208 -31.47 9.79 -14.93
CA GLU G 208 -30.59 9.43 -13.82
C GLU G 208 -29.13 9.62 -14.19
N VAL G 209 -28.31 9.96 -13.20
CA VAL G 209 -26.85 9.95 -13.36
C VAL G 209 -26.36 8.53 -13.58
N TYR G 210 -25.34 8.38 -14.42
CA TYR G 210 -24.66 7.12 -14.60
C TYR G 210 -23.18 7.33 -14.30
N ASP G 211 -22.59 6.45 -13.52
CA ASP G 211 -21.17 6.56 -13.16
C ASP G 211 -20.33 6.84 -14.41
N GLN G 212 -19.64 7.97 -14.40
CA GLN G 212 -18.87 8.44 -15.55
C GLN G 212 -17.69 7.52 -15.89
N GLU G 213 -16.98 7.07 -14.86
CA GLU G 213 -15.83 6.17 -15.02
C GLU G 213 -16.24 4.83 -15.68
N ARG G 214 -17.39 4.29 -15.27
CA ARG G 214 -17.98 3.11 -15.90
C ARG G 214 -18.24 3.36 -17.39
N PHE G 215 -18.91 4.47 -17.68
CA PHE G 215 -19.20 4.88 -19.04
C PHE G 215 -17.91 5.06 -19.87
N ASP G 216 -16.93 5.79 -19.30
CA ASP G 216 -15.64 6.03 -19.93
C ASP G 216 -14.90 4.73 -20.27
N ASN G 217 -15.14 3.70 -19.46
CA ASN G 217 -14.52 2.39 -19.66
C ASN G 217 -15.40 1.39 -20.41
N SER G 218 -16.42 1.92 -21.09
CA SER G 218 -17.34 1.12 -21.91
C SER G 218 -18.17 0.10 -21.12
N ASP G 219 -18.31 0.34 -19.82
CA ASP G 219 -19.14 -0.48 -18.94
C ASP G 219 -20.52 0.16 -18.81
N LEU G 220 -21.50 -0.42 -19.50
CA LEU G 220 -22.85 0.12 -19.56
C LEU G 220 -23.85 -0.75 -18.80
N SER G 221 -23.36 -1.57 -17.88
CA SER G 221 -24.16 -2.62 -17.23
C SER G 221 -24.96 -2.16 -16.01
N ALA G 222 -24.52 -1.09 -15.36
CA ALA G 222 -25.15 -0.62 -14.12
C ALA G 222 -26.48 0.11 -14.35
N ASP H 12 -9.09 -44.07 -5.69
CA ASP H 12 -8.22 -42.93 -6.09
C ASP H 12 -7.52 -42.29 -4.88
N LYS H 13 -6.90 -41.13 -5.10
CA LYS H 13 -6.17 -40.40 -4.06
C LYS H 13 -7.09 -39.78 -3.01
N ILE H 14 -8.28 -39.37 -3.42
CA ILE H 14 -9.20 -38.63 -2.56
C ILE H 14 -10.02 -39.56 -1.67
N ILE H 15 -10.02 -39.28 -0.37
CA ILE H 15 -10.85 -40.02 0.58
C ILE H 15 -12.31 -39.58 0.43
N HIS H 16 -13.19 -40.57 0.35
CA HIS H 16 -14.62 -40.32 0.24
C HIS H 16 -15.28 -40.67 1.56
N LEU H 17 -15.84 -39.65 2.20
CA LEU H 17 -16.32 -39.75 3.57
C LEU H 17 -17.80 -40.07 3.67
N THR H 18 -18.16 -40.68 4.80
CA THR H 18 -19.55 -40.82 5.20
C THR H 18 -19.66 -40.29 6.62
N ASP H 19 -20.87 -40.01 7.08
CA ASP H 19 -21.11 -39.65 8.48
C ASP H 19 -20.61 -40.76 9.41
N ASP H 20 -20.75 -42.00 8.96
CA ASP H 20 -20.28 -43.17 9.72
C ASP H 20 -18.76 -43.33 9.76
N SER H 21 -18.08 -42.90 8.70
CA SER H 21 -16.63 -43.08 8.59
C SER H 21 -15.80 -41.88 9.05
N PHE H 22 -16.47 -40.74 9.25
CA PHE H 22 -15.79 -39.46 9.54
C PHE H 22 -14.84 -39.50 10.74
N ASP H 23 -15.30 -40.09 11.85
CA ASP H 23 -14.51 -40.12 13.09
C ASP H 23 -13.18 -40.83 12.89
N THR H 24 -13.21 -41.99 12.24
CA THR H 24 -12.00 -42.77 11.99
C THR H 24 -11.18 -42.21 10.82
N ASP H 25 -11.85 -41.83 9.74
CA ASP H 25 -11.17 -41.34 8.53
C ASP H 25 -10.48 -40.00 8.72
N VAL H 26 -11.06 -39.14 9.56
CA VAL H 26 -10.58 -37.76 9.71
C VAL H 26 -10.01 -37.48 11.11
N LEU H 27 -10.83 -37.70 12.13
CA LEU H 27 -10.48 -37.30 13.50
C LEU H 27 -9.39 -38.19 14.12
N LYS H 28 -9.29 -39.43 13.65
CA LYS H 28 -8.31 -40.37 14.17
C LYS H 28 -7.30 -40.78 13.09
N ALA H 29 -7.14 -39.90 12.11
CA ALA H 29 -6.18 -40.10 11.03
C ALA H 29 -4.82 -39.50 11.40
N ASP H 30 -3.77 -40.04 10.79
CA ASP H 30 -2.43 -39.50 10.94
C ASP H 30 -2.11 -38.54 9.80
N GLY H 31 -1.50 -37.42 10.15
CA GLY H 31 -1.22 -36.37 9.17
C GLY H 31 -2.41 -35.44 8.99
N ALA H 32 -2.21 -34.41 8.18
CA ALA H 32 -3.26 -33.43 7.93
C ALA H 32 -4.29 -33.94 6.94
N ILE H 33 -5.57 -33.69 7.26
CA ILE H 33 -6.68 -34.03 6.38
C ILE H 33 -7.44 -32.77 5.99
N LEU H 34 -7.49 -32.49 4.69
CA LEU H 34 -8.30 -31.39 4.17
C LEU H 34 -9.68 -31.90 3.79
N VAL H 35 -10.70 -31.46 4.52
CA VAL H 35 -12.07 -31.93 4.32
C VAL H 35 -12.92 -30.93 3.53
N ASP H 36 -13.46 -31.41 2.42
CA ASP H 36 -14.31 -30.61 1.54
C ASP H 36 -15.79 -30.99 1.74
N PHE H 37 -16.56 -30.03 2.25
CA PHE H 37 -18.00 -30.18 2.39
C PHE H 37 -18.67 -29.65 1.13
N TRP H 38 -19.36 -30.52 0.40
CA TRP H 38 -19.80 -30.23 -0.97
C TRP H 38 -21.14 -30.88 -1.34
N ALA H 39 -21.61 -30.59 -2.56
CA ALA H 39 -22.78 -31.22 -3.15
C ALA H 39 -22.66 -31.20 -4.68
N GLU H 40 -23.41 -32.06 -5.37
CA GLU H 40 -23.31 -32.19 -6.83
C GLU H 40 -23.86 -31.00 -7.62
N TRP H 41 -24.84 -30.31 -7.05
CA TRP H 41 -25.49 -29.17 -7.68
C TRP H 41 -24.73 -27.87 -7.37
N CYS H 42 -23.68 -27.99 -6.58
CA CYS H 42 -22.96 -26.83 -6.08
C CYS H 42 -21.90 -26.40 -7.09
N GLY H 43 -22.13 -25.23 -7.70
CA GLY H 43 -21.25 -24.68 -8.72
C GLY H 43 -19.79 -24.52 -8.29
N PRO H 44 -19.55 -23.72 -7.24
CA PRO H 44 -18.19 -23.54 -6.73
C PRO H 44 -17.51 -24.82 -6.24
N CYS H 45 -18.29 -25.79 -5.78
CA CYS H 45 -17.77 -27.12 -5.43
C CYS H 45 -17.16 -27.83 -6.65
N LYS H 46 -17.88 -27.75 -7.76
CA LYS H 46 -17.41 -28.29 -9.04
C LYS H 46 -16.19 -27.54 -9.54
N MET H 47 -16.19 -26.22 -9.33
CA MET H 47 -15.08 -25.37 -9.71
C MET H 47 -13.77 -25.77 -9.04
N ILE H 48 -13.84 -26.13 -7.75
CA ILE H 48 -12.62 -26.48 -6.98
C ILE H 48 -12.23 -27.96 -7.01
N ALA H 49 -13.13 -28.82 -7.48
CA ALA H 49 -12.88 -30.26 -7.56
C ALA H 49 -11.60 -30.64 -8.34
N PRO H 50 -11.34 -30.02 -9.51
CA PRO H 50 -10.08 -30.27 -10.22
C PRO H 50 -8.85 -29.77 -9.45
N ILE H 51 -9.01 -28.66 -8.74
CA ILE H 51 -7.93 -28.09 -7.94
C ILE H 51 -7.56 -29.03 -6.79
N LEU H 52 -8.57 -29.55 -6.10
CA LEU H 52 -8.40 -30.54 -5.04
C LEU H 52 -7.66 -31.80 -5.51
N ASP H 53 -7.91 -32.20 -6.75
CA ASP H 53 -7.22 -33.33 -7.37
C ASP H 53 -5.72 -33.08 -7.52
N GLU H 54 -5.38 -31.89 -8.02
CA GLU H 54 -3.99 -31.47 -8.15
C GLU H 54 -3.30 -31.39 -6.77
N ILE H 55 -4.00 -30.82 -5.81
CA ILE H 55 -3.55 -30.73 -4.42
C ILE H 55 -3.27 -32.11 -3.82
N ALA H 56 -4.19 -33.05 -4.05
CA ALA H 56 -4.05 -34.42 -3.54
C ALA H 56 -2.84 -35.15 -4.11
N ASP H 57 -2.41 -34.74 -5.30
CA ASP H 57 -1.22 -35.31 -5.94
C ASP H 57 0.07 -34.64 -5.46
N GLU H 58 0.05 -33.32 -5.38
CA GLU H 58 1.23 -32.53 -5.02
C GLU H 58 1.59 -32.64 -3.55
N TYR H 59 0.58 -32.56 -2.69
CA TYR H 59 0.77 -32.63 -1.24
C TYR H 59 0.68 -34.07 -0.73
N GLN H 60 0.88 -35.02 -1.64
CA GLN H 60 0.84 -36.45 -1.35
C GLN H 60 1.88 -36.83 -0.30
N GLY H 61 1.45 -37.54 0.73
CA GLY H 61 2.36 -38.03 1.77
C GLY H 61 2.50 -37.11 2.97
N LYS H 62 1.94 -35.90 2.86
CA LYS H 62 1.92 -34.95 3.96
C LYS H 62 0.53 -34.33 4.19
N LEU H 63 -0.35 -34.53 3.22
CA LEU H 63 -1.73 -34.03 3.28
C LEU H 63 -2.69 -34.92 2.50
N THR H 64 -3.75 -35.37 3.17
CA THR H 64 -4.81 -36.13 2.52
C THR H 64 -6.01 -35.23 2.26
N VAL H 65 -6.62 -35.38 1.09
CA VAL H 65 -7.82 -34.64 0.72
C VAL H 65 -9.05 -35.55 0.84
N ALA H 66 -10.05 -35.08 1.58
CA ALA H 66 -11.25 -35.86 1.84
C ALA H 66 -12.51 -35.09 1.46
N LYS H 67 -13.54 -35.83 1.04
CA LYS H 67 -14.79 -35.23 0.60
C LYS H 67 -16.02 -35.84 1.28
N LEU H 68 -16.82 -34.98 1.91
CA LEU H 68 -18.11 -35.39 2.45
C LEU H 68 -19.25 -34.66 1.73
N ASN H 69 -20.07 -35.44 1.03
CA ASN H 69 -21.26 -34.94 0.35
C ASN H 69 -22.38 -34.72 1.36
N ILE H 70 -22.81 -33.46 1.51
CA ILE H 70 -23.76 -33.10 2.57
C ILE H 70 -25.21 -33.51 2.31
N ASP H 71 -25.51 -33.89 1.06
CA ASP H 71 -26.80 -34.49 0.74
C ASP H 71 -26.82 -35.95 1.14
N GLN H 72 -25.80 -36.70 0.75
CA GLN H 72 -25.68 -38.11 1.09
C GLN H 72 -25.36 -38.33 2.57
N ASN H 73 -24.69 -37.35 3.17
CA ASN H 73 -24.30 -37.43 4.59
C ASN H 73 -24.60 -36.12 5.31
N PRO H 74 -25.86 -35.94 5.77
CA PRO H 74 -26.30 -34.67 6.36
C PRO H 74 -26.02 -34.49 7.85
N GLY H 75 -25.42 -35.50 8.49
CA GLY H 75 -25.18 -35.46 9.94
C GLY H 75 -23.96 -34.68 10.41
N THR H 76 -22.87 -34.76 9.63
CA THR H 76 -21.57 -34.20 10.05
C THR H 76 -21.46 -32.68 9.98
N ALA H 77 -21.77 -32.10 8.82
CA ALA H 77 -21.56 -30.67 8.60
C ALA H 77 -22.12 -29.74 9.68
N PRO H 78 -23.39 -29.94 10.12
CA PRO H 78 -23.93 -29.14 11.23
C PRO H 78 -23.10 -29.15 12.53
N LYS H 79 -22.36 -30.23 12.75
CA LYS H 79 -21.49 -30.38 13.92
C LYS H 79 -20.28 -29.44 13.90
N TYR H 80 -19.95 -28.90 12.72
CA TYR H 80 -18.86 -27.94 12.59
C TYR H 80 -19.38 -26.55 12.19
N GLY H 81 -20.69 -26.37 12.27
CA GLY H 81 -21.33 -25.12 11.93
C GLY H 81 -21.14 -24.70 10.48
N ILE H 82 -21.14 -25.68 9.58
CA ILE H 82 -21.03 -25.41 8.14
C ILE H 82 -22.36 -24.81 7.65
N ARG H 83 -22.25 -23.78 6.81
CA ARG H 83 -23.42 -23.06 6.30
C ARG H 83 -23.45 -23.12 4.77
N GLY H 84 -22.61 -22.30 4.14
CA GLY H 84 -22.46 -22.31 2.70
C GLY H 84 -21.49 -23.38 2.28
N ILE H 85 -21.61 -23.81 1.03
CA ILE H 85 -20.65 -24.76 0.47
C ILE H 85 -20.07 -24.21 -0.85
N PRO H 86 -18.82 -24.56 -1.18
CA PRO H 86 -17.96 -25.43 -0.38
C PRO H 86 -17.39 -24.75 0.86
N THR H 87 -17.04 -25.57 1.85
CA THR H 87 -16.27 -25.15 3.01
C THR H 87 -15.17 -26.18 3.21
N LEU H 88 -13.95 -25.69 3.32
CA LEU H 88 -12.79 -26.55 3.55
C LEU H 88 -12.38 -26.49 5.01
N LEU H 89 -12.13 -27.65 5.59
CA LEU H 89 -11.63 -27.74 6.96
C LEU H 89 -10.34 -28.54 6.97
N LEU H 90 -9.28 -27.91 7.49
CA LEU H 90 -8.03 -28.61 7.70
C LEU H 90 -7.98 -29.17 9.12
N PHE H 91 -7.81 -30.49 9.19
CA PHE H 91 -7.67 -31.21 10.46
C PHE H 91 -6.23 -31.66 10.62
N LYS H 92 -5.71 -31.56 11.84
CA LYS H 92 -4.43 -32.16 12.20
C LYS H 92 -4.61 -32.91 13.52
N ASN H 93 -4.36 -34.21 13.49
CA ASN H 93 -4.49 -35.06 14.69
C ASN H 93 -5.80 -34.81 15.46
N GLY H 94 -6.92 -34.86 14.73
CA GLY H 94 -8.25 -34.67 15.31
C GLY H 94 -8.59 -33.26 15.73
N GLU H 95 -7.69 -32.32 15.42
CA GLU H 95 -7.87 -30.93 15.80
C GLU H 95 -8.16 -30.10 14.54
N VAL H 96 -9.10 -29.17 14.63
CA VAL H 96 -9.40 -28.28 13.52
C VAL H 96 -8.36 -27.16 13.47
N ALA H 97 -7.46 -27.24 12.50
CA ALA H 97 -6.37 -26.26 12.35
C ALA H 97 -6.82 -24.96 11.68
N ALA H 98 -7.64 -25.08 10.64
CA ALA H 98 -8.10 -23.92 9.88
C ALA H 98 -9.40 -24.18 9.14
N THR H 99 -10.09 -23.11 8.77
CA THR H 99 -11.31 -23.18 7.98
C THR H 99 -11.21 -22.24 6.78
N LYS H 100 -11.86 -22.62 5.69
CA LYS H 100 -11.95 -21.77 4.50
C LYS H 100 -13.33 -21.91 3.85
N VAL H 101 -14.09 -20.82 3.90
CA VAL H 101 -15.42 -20.79 3.31
C VAL H 101 -15.39 -20.25 1.86
N GLY H 102 -15.93 -21.05 0.94
CA GLY H 102 -16.07 -20.64 -0.45
C GLY H 102 -15.00 -21.14 -1.38
N ALA H 103 -15.20 -20.91 -2.67
CA ALA H 103 -14.25 -21.31 -3.70
C ALA H 103 -12.99 -20.48 -3.64
N LEU H 104 -11.90 -21.07 -4.14
CA LEU H 104 -10.58 -20.47 -4.06
C LEU H 104 -9.80 -20.92 -5.28
N SER H 105 -8.83 -20.12 -5.72
CA SER H 105 -7.93 -20.51 -6.80
C SER H 105 -6.92 -21.51 -6.25
N LYS H 106 -6.17 -22.15 -7.15
CA LYS H 106 -5.13 -23.11 -6.74
C LYS H 106 -4.07 -22.43 -5.88
N GLY H 107 -3.64 -21.24 -6.30
CA GLY H 107 -2.61 -20.48 -5.59
C GLY H 107 -3.03 -20.11 -4.17
N GLN H 108 -4.25 -19.62 -4.03
CA GLN H 108 -4.81 -19.25 -2.73
C GLN H 108 -4.99 -20.44 -1.79
N LEU H 109 -5.27 -21.60 -2.38
CA LEU H 109 -5.38 -22.84 -1.62
C LEU H 109 -4.02 -23.29 -1.12
N LYS H 110 -3.01 -23.20 -2.00
CA LYS H 110 -1.62 -23.45 -1.63
C LYS H 110 -1.18 -22.54 -0.47
N GLU H 111 -1.51 -21.24 -0.58
CA GLU H 111 -1.22 -20.27 0.48
C GLU H 111 -1.85 -20.67 1.81
N PHE H 112 -3.15 -20.98 1.78
CA PHE H 112 -3.92 -21.42 2.92
C PHE H 112 -3.31 -22.68 3.54
N LEU H 113 -2.98 -23.64 2.68
CA LEU H 113 -2.41 -24.93 3.11
C LEU H 113 -1.03 -24.78 3.73
N ASP H 114 -0.13 -24.11 3.02
CA ASP H 114 1.25 -23.96 3.50
C ASP H 114 1.34 -23.22 4.83
N ALA H 115 0.57 -22.14 4.97
CA ALA H 115 0.53 -21.35 6.20
C ALA H 115 -0.02 -22.13 7.39
N ASN H 116 -1.05 -22.93 7.14
CA ASN H 116 -1.72 -23.66 8.22
C ASN H 116 -1.13 -25.04 8.52
N LEU H 117 -0.43 -25.62 7.55
CA LEU H 117 0.33 -26.85 7.79
C LEU H 117 1.53 -26.56 8.66
N ALA H 118 2.12 -25.38 8.49
CA ALA H 118 3.30 -24.95 9.24
C ALA H 118 2.98 -24.65 10.71
N GLY H 119 1.75 -24.21 10.97
CA GLY H 119 1.32 -23.89 12.32
C GLY H 119 1.72 -22.49 12.79
N SER H 120 2.88 -22.03 12.36
CA SER H 120 3.41 -20.72 12.74
C SER H 120 4.20 -20.09 11.60
N ALA H 121 4.41 -18.78 11.70
CA ALA H 121 5.27 -18.04 10.77
C ALA H 121 6.74 -18.17 11.16
N MET H 122 7.02 -18.58 12.40
CA MET H 122 8.39 -18.74 12.89
C MET H 122 8.47 -19.66 14.10
N GLU H 123 9.41 -20.61 14.06
CA GLU H 123 9.72 -21.42 15.22
C GLU H 123 10.37 -20.52 16.27
N SER H 124 9.73 -20.42 17.44
CA SER H 124 10.14 -19.48 18.46
C SER H 124 11.32 -19.97 19.29
N THR H 125 12.04 -19.02 19.87
CA THR H 125 13.04 -19.31 20.91
C THR H 125 12.36 -19.41 22.26
N VAL H 126 11.12 -18.95 22.34
CA VAL H 126 10.39 -18.92 23.60
C VAL H 126 9.50 -20.16 23.77
N MET H 127 9.71 -20.85 24.88
CA MET H 127 8.86 -21.95 25.33
C MET H 127 8.02 -21.43 26.48
N VAL H 128 6.74 -21.80 26.49
CA VAL H 128 5.87 -21.52 27.64
C VAL H 128 5.51 -22.84 28.35
N LEU H 129 5.67 -22.83 29.67
CA LEU H 129 5.28 -23.96 30.50
C LEU H 129 3.95 -23.64 31.17
N ARG H 130 2.92 -24.40 30.82
CA ARG H 130 1.58 -24.18 31.33
C ARG H 130 1.20 -25.26 32.33
N ASN H 131 0.40 -24.88 33.33
CA ASN H 131 -0.08 -25.78 34.39
C ASN H 131 1.04 -26.37 35.26
N MET H 132 2.16 -25.65 35.33
CA MET H 132 3.32 -26.12 36.08
C MET H 132 3.18 -25.86 37.57
N VAL H 133 2.72 -24.66 37.92
CA VAL H 133 2.60 -24.26 39.32
C VAL H 133 1.34 -23.44 39.62
N ASP H 134 0.85 -23.58 40.85
CA ASP H 134 -0.19 -22.71 41.40
C ASP H 134 0.47 -21.41 41.87
N PRO H 135 -0.20 -20.26 41.71
CA PRO H 135 0.32 -18.96 42.17
C PRO H 135 0.88 -18.95 43.60
N LYS H 136 0.30 -19.77 44.48
CA LYS H 136 0.75 -19.86 45.87
C LYS H 136 2.03 -20.68 46.05
N ASP H 137 2.37 -21.49 45.05
CA ASP H 137 3.58 -22.31 45.07
C ASP H 137 4.84 -21.52 44.76
N ILE H 138 4.66 -20.32 44.21
CA ILE H 138 5.77 -19.45 43.80
C ILE H 138 6.57 -18.94 44.99
N ASP H 139 7.89 -19.10 44.91
CA ASP H 139 8.82 -18.46 45.84
C ASP H 139 10.01 -17.85 45.07
N ASP H 140 11.06 -17.47 45.79
CA ASP H 140 12.22 -16.82 45.18
C ASP H 140 13.15 -17.82 44.48
N ASP H 141 13.01 -19.10 44.82
CA ASP H 141 13.88 -20.14 44.26
C ASP H 141 13.40 -20.67 42.90
N LEU H 142 12.11 -20.50 42.60
CA LEU H 142 11.50 -21.08 41.42
C LEU H 142 12.16 -20.71 40.09
N GLU H 143 12.44 -19.42 39.90
CA GLU H 143 13.08 -18.94 38.66
C GLU H 143 14.43 -19.62 38.41
N GLY H 144 15.28 -19.64 39.43
CA GLY H 144 16.61 -20.27 39.34
C GLY H 144 16.53 -21.76 39.11
N GLU H 145 15.53 -22.40 39.71
CA GLU H 145 15.29 -23.83 39.53
C GLU H 145 14.95 -24.15 38.08
N VAL H 146 13.99 -23.41 37.50
CA VAL H 146 13.61 -23.54 36.09
C VAL H 146 14.80 -23.29 35.14
N THR H 147 15.56 -22.24 35.40
CA THR H 147 16.75 -21.89 34.62
C THR H 147 17.76 -23.04 34.53
N GLU H 148 18.00 -23.73 35.65
CA GLU H 148 18.98 -24.80 35.70
C GLU H 148 18.47 -26.07 35.02
N GLU H 149 17.19 -26.40 35.23
CA GLU H 149 16.57 -27.56 34.57
C GLU H 149 16.58 -27.36 33.06
N CYS H 150 16.23 -26.15 32.63
CA CYS H 150 16.11 -25.85 31.20
C CYS H 150 17.45 -25.64 30.50
N GLY H 151 18.49 -25.37 31.29
CA GLY H 151 19.85 -25.18 30.77
C GLY H 151 20.49 -26.44 30.22
N LYS H 152 19.89 -27.59 30.50
CA LYS H 152 20.36 -28.86 29.98
C LYS H 152 19.99 -29.02 28.50
N PHE H 153 19.11 -28.14 28.02
CA PHE H 153 18.64 -28.17 26.63
C PHE H 153 19.28 -27.09 25.77
N GLY H 154 19.98 -26.16 26.42
CA GLY H 154 20.66 -25.06 25.74
C GLY H 154 20.84 -23.85 26.64
N ALA H 155 21.30 -22.75 26.05
CA ALA H 155 21.52 -21.50 26.76
C ALA H 155 20.20 -20.80 27.04
N VAL H 156 19.90 -20.58 28.31
CA VAL H 156 18.67 -19.93 28.72
C VAL H 156 18.90 -18.42 28.88
N ASN H 157 18.20 -17.64 28.05
CA ASN H 157 18.31 -16.18 28.06
C ASN H 157 17.58 -15.56 29.23
N ARG H 158 16.32 -15.95 29.40
CA ARG H 158 15.46 -15.35 30.40
C ARG H 158 14.32 -16.28 30.78
N VAL H 159 13.98 -16.27 32.06
CA VAL H 159 12.83 -16.99 32.57
C VAL H 159 11.90 -16.00 33.25
N ILE H 160 10.65 -15.98 32.80
CA ILE H 160 9.63 -15.14 33.43
C ILE H 160 8.55 -15.98 34.10
N ILE H 161 8.41 -15.81 35.42
CA ILE H 161 7.30 -16.38 36.17
C ILE H 161 6.16 -15.38 36.09
N TYR H 162 5.21 -15.66 35.18
CA TYR H 162 4.13 -14.74 34.88
C TYR H 162 2.83 -15.21 35.51
N GLN H 163 2.16 -14.29 36.19
CA GLN H 163 0.86 -14.56 36.79
C GLN H 163 -0.23 -13.82 36.02
N GLU H 164 -1.25 -14.56 35.60
CA GLU H 164 -2.29 -14.03 34.73
C GLU H 164 -3.70 -14.32 35.26
N LYS H 165 -4.51 -13.28 35.31
CA LYS H 165 -5.92 -13.38 35.70
C LYS H 165 -6.75 -13.82 34.49
N GLN H 166 -7.62 -14.81 34.71
CA GLN H 166 -8.43 -15.40 33.64
C GLN H 166 -9.83 -14.84 33.62
N GLY H 167 -10.00 -13.67 33.01
CA GLY H 167 -11.30 -13.02 32.96
C GLY H 167 -11.32 -11.67 33.66
N GLU H 168 -12.31 -10.85 33.30
CA GLU H 168 -12.35 -9.44 33.69
C GLU H 168 -13.07 -9.24 35.02
N GLU H 169 -12.97 -10.24 35.90
CA GLU H 169 -14.03 -10.51 36.87
C GLU H 169 -13.49 -10.97 38.22
N GLU H 170 -12.97 -10.03 39.00
CA GLU H 170 -12.98 -10.13 40.47
C GLU H 170 -12.64 -11.52 41.03
N ASP H 171 -13.58 -12.47 40.86
CA ASP H 171 -13.41 -13.85 41.29
C ASP H 171 -12.61 -14.68 40.27
N ALA H 172 -12.26 -14.05 39.15
CA ALA H 172 -11.48 -14.70 38.09
C ALA H 172 -10.23 -15.36 38.64
N GLU H 173 -9.89 -16.49 38.05
CA GLU H 173 -8.80 -17.34 38.53
C GLU H 173 -7.43 -16.83 38.05
N ILE H 174 -6.43 -16.92 38.94
CA ILE H 174 -5.05 -16.58 38.59
C ILE H 174 -4.28 -17.84 38.24
N ILE H 175 -3.64 -17.83 37.07
CA ILE H 175 -2.81 -18.97 36.64
C ILE H 175 -1.37 -18.51 36.40
N VAL H 176 -0.43 -19.45 36.46
CA VAL H 176 0.98 -19.16 36.23
C VAL H 176 1.46 -19.69 34.88
N LYS H 177 2.08 -18.79 34.11
CA LYS H 177 2.74 -19.13 32.85
C LYS H 177 4.24 -18.95 33.02
N ILE H 178 5.00 -20.01 32.80
CA ILE H 178 6.44 -19.91 32.91
C ILE H 178 7.10 -19.83 31.52
N PHE H 179 7.54 -18.63 31.17
CA PHE H 179 8.24 -18.38 29.91
C PHE H 179 9.72 -18.69 30.03
N VAL H 180 10.24 -19.42 29.06
CA VAL H 180 11.65 -19.74 28.99
C VAL H 180 12.14 -19.42 27.58
N GLU H 181 12.92 -18.36 27.48
CA GLU H 181 13.52 -17.94 26.22
C GLU H 181 14.92 -18.53 26.12
N PHE H 182 15.18 -19.19 24.99
CA PHE H 182 16.49 -19.78 24.71
C PHE H 182 17.24 -18.92 23.70
N SER H 183 18.53 -19.22 23.50
CA SER H 183 19.36 -18.42 22.58
C SER H 183 18.95 -18.64 21.13
N ILE H 184 18.54 -19.86 20.80
CA ILE H 184 18.19 -20.24 19.42
C ILE H 184 17.05 -21.27 19.39
N ALA H 185 16.19 -21.20 18.38
CA ALA H 185 14.95 -21.99 18.29
C ALA H 185 15.12 -23.51 18.37
N SER H 186 16.33 -23.99 18.11
CA SER H 186 16.62 -25.43 18.15
C SER H 186 16.78 -25.93 19.58
N GLU H 187 17.11 -25.02 20.50
CA GLU H 187 17.20 -25.35 21.92
C GLU H 187 15.80 -25.46 22.51
N THR H 188 14.96 -24.50 22.12
CA THR H 188 13.55 -24.47 22.52
C THR H 188 12.81 -25.72 22.06
N HIS H 189 13.09 -26.15 20.83
CA HIS H 189 12.50 -27.35 20.27
C HIS H 189 12.88 -28.58 21.07
N LYS H 190 14.18 -28.72 21.37
CA LYS H 190 14.68 -29.81 22.20
C LYS H 190 13.99 -29.81 23.57
N ALA H 191 13.91 -28.62 24.18
CA ALA H 191 13.29 -28.44 25.50
C ALA H 191 11.83 -28.85 25.52
N ILE H 192 11.07 -28.43 24.51
CA ILE H 192 9.65 -28.77 24.41
C ILE H 192 9.46 -30.29 24.30
N GLN H 193 10.31 -30.93 23.50
CA GLN H 193 10.27 -32.39 23.33
C GLN H 193 10.42 -33.16 24.64
N ALA H 194 11.35 -32.73 25.48
CA ALA H 194 11.64 -33.44 26.73
C ALA H 194 10.70 -33.06 27.87
N LEU H 195 10.14 -31.85 27.82
CA LEU H 195 9.35 -31.29 28.92
C LEU H 195 7.84 -31.42 28.80
N ASN H 196 7.34 -31.53 27.56
CA ASN H 196 5.90 -31.63 27.34
C ASN H 196 5.31 -32.93 27.88
N GLY H 197 4.26 -32.80 28.69
CA GLY H 197 3.57 -33.96 29.28
C GLY H 197 4.19 -34.48 30.55
N ARG H 198 5.27 -33.85 31.00
CA ARG H 198 5.96 -34.24 32.23
C ARG H 198 5.19 -33.83 33.47
N TRP H 199 5.31 -34.63 34.52
CA TRP H 199 4.68 -34.34 35.80
C TRP H 199 5.65 -33.63 36.73
N PHE H 200 5.21 -32.50 37.28
CA PHE H 200 5.98 -31.78 38.29
C PHE H 200 5.14 -31.57 39.55
N ALA H 201 5.40 -32.42 40.56
CA ALA H 201 4.76 -32.32 41.88
C ALA H 201 3.23 -32.22 41.84
N GLY H 202 2.59 -33.15 41.14
CA GLY H 202 1.13 -33.26 41.12
C GLY H 202 0.43 -32.71 39.90
N ARG H 203 1.18 -32.15 38.97
CA ARG H 203 0.57 -31.59 37.76
C ARG H 203 1.35 -31.88 36.48
N LYS H 204 0.59 -32.18 35.42
CA LYS H 204 1.14 -32.49 34.11
C LYS H 204 1.33 -31.19 33.34
N VAL H 205 2.58 -30.88 33.03
CA VAL H 205 2.93 -29.62 32.39
C VAL H 205 2.73 -29.69 30.88
N VAL H 206 2.23 -28.60 30.31
CA VAL H 206 2.21 -28.39 28.87
C VAL H 206 3.43 -27.52 28.52
N ALA H 207 4.32 -28.07 27.71
CA ALA H 207 5.43 -27.32 27.17
C ALA H 207 5.19 -27.07 25.69
N GLU H 208 5.17 -25.80 25.30
CA GLU H 208 4.91 -25.43 23.92
C GLU H 208 5.53 -24.10 23.52
N VAL H 209 5.60 -23.86 22.22
CA VAL H 209 6.17 -22.62 21.69
C VAL H 209 5.27 -21.44 22.00
N TYR H 210 5.89 -20.29 22.26
CA TYR H 210 5.17 -19.05 22.43
C TYR H 210 5.67 -18.06 21.39
N ASP H 211 4.76 -17.31 20.79
CA ASP H 211 5.13 -16.37 19.73
C ASP H 211 6.23 -15.41 20.18
N GLN H 212 7.39 -15.54 19.54
CA GLN H 212 8.58 -14.74 19.84
C GLN H 212 8.34 -13.24 19.78
N GLU H 213 7.60 -12.79 18.77
CA GLU H 213 7.34 -11.36 18.57
C GLU H 213 6.45 -10.78 19.66
N ARG H 214 5.45 -11.57 20.10
CA ARG H 214 4.61 -11.17 21.22
C ARG H 214 5.49 -10.99 22.47
N PHE H 215 6.33 -11.99 22.72
CA PHE H 215 7.26 -11.98 23.83
C PHE H 215 8.25 -10.81 23.75
N ASP H 216 8.85 -10.61 22.58
CA ASP H 216 9.78 -9.50 22.33
C ASP H 216 9.15 -8.13 22.61
N ASN H 217 7.84 -8.03 22.40
CA ASN H 217 7.08 -6.80 22.63
C ASN H 217 6.36 -6.78 23.98
N SER H 218 6.82 -7.62 24.91
CA SER H 218 6.27 -7.70 26.28
C SER H 218 4.80 -8.12 26.35
N ASP H 219 4.35 -8.92 25.39
CA ASP H 219 2.99 -9.44 25.38
C ASP H 219 3.01 -10.90 25.81
N LEU H 220 2.61 -11.14 27.07
CA LEU H 220 2.64 -12.48 27.65
C LEU H 220 1.22 -13.03 27.86
N SER H 221 0.26 -12.45 27.15
CA SER H 221 -1.16 -12.76 27.33
C SER H 221 -1.68 -13.96 26.55
N ALA H 222 -0.90 -14.42 25.57
CA ALA H 222 -1.38 -15.45 24.64
C ALA H 222 -1.27 -16.87 25.17
CL CL I . 20.35 -28.19 2.95
CL CL J . -21.18 -19.99 42.55
C1 EDO K . -14.81 -16.00 21.53
O1 EDO K . -15.40 -14.81 20.98
C2 EDO K . -14.96 -16.01 23.05
O2 EDO K . -16.24 -16.51 23.44
CL CL L . 39.45 3.94 33.51
CL CL M . -4.80 -10.98 20.38
#